data_1VMJ
# 
_entry.id   1VMJ 
# 
_audit_conform.dict_name       mmcif_pdbx.dic 
_audit_conform.dict_version    5.379 
_audit_conform.dict_location   http://mmcif.pdb.org/dictionaries/ascii/mmcif_pdbx.dic 
# 
loop_
_database_2.database_id 
_database_2.database_code 
_database_2.pdbx_database_accession 
_database_2.pdbx_DOI 
PDB   1VMJ         pdb_00001vmj 10.2210/pdb1vmj/pdb 
RCSB  RCSB002015   ?            ?                   
WWPDB D_1000002015 ?            ?                   
# 
_pdbx_database_related.db_name        TargetDB 
_pdbx_database_related.db_id          282593 
_pdbx_database_related.details        . 
_pdbx_database_related.content_type   unspecified 
# 
_pdbx_database_status.entry_id                        1VMJ 
_pdbx_database_status.status_code                     REL 
_pdbx_database_status.deposit_site                    RCSB 
_pdbx_database_status.process_site                    RCSB 
_pdbx_database_status.recvd_initial_deposition_date   2004-09-30 
_pdbx_database_status.SG_entry                        Y 
_pdbx_database_status.status_code_sf                  REL 
_pdbx_database_status.pdb_format_compatible           Y 
_pdbx_database_status.status_code_mr                  ? 
_pdbx_database_status.status_code_cs                  ? 
_pdbx_database_status.status_code_nmr_data            ? 
_pdbx_database_status.methods_development_category    ? 
# 
_audit_author.name           'Joint Center for Structural Genomics (JCSG)' 
_audit_author.pdbx_ordinal   1 
# 
_citation.id                        primary 
_citation.title                     
'Crystal structure of hypothetical protein (TM0723) from Thermotoga maritima at 1.52 A resolution' 
_citation.journal_abbrev            'To be published' 
_citation.journal_volume            ? 
_citation.page_first                ? 
_citation.page_last                 ? 
_citation.year                      ? 
_citation.journal_id_ASTM           ? 
_citation.country                   ? 
_citation.journal_id_ISSN           ? 
_citation.journal_id_CSD            0353 
_citation.book_publisher            ? 
_citation.pdbx_database_id_PubMed   ? 
_citation.pdbx_database_id_DOI      ? 
# 
_citation_author.citation_id        primary 
_citation_author.name               'Joint Center for Structural Genomics (JCSG)' 
_citation_author.ordinal            1 
_citation_author.identifier_ORCID   ? 
# 
_cell.length_a           110.194 
_cell.length_b           110.194 
_cell.length_c           110.194 
_cell.angle_alpha        90.00 
_cell.angle_beta         90.00 
_cell.angle_gamma        90.00 
_cell.entry_id           1VMJ 
_cell.pdbx_unique_axis   ? 
_cell.Z_PDB              24 
# 
_symmetry.space_group_name_H-M             'P 43 3 2' 
_symmetry.entry_id                         1VMJ 
_symmetry.pdbx_full_space_group_name_H-M   ? 
_symmetry.Int_Tables_number                212 
_symmetry.cell_setting                     ? 
_symmetry.space_group_name_Hall            ? 
# 
loop_
_entity.id 
_entity.type 
_entity.src_method 
_entity.pdbx_description 
_entity.formula_weight 
_entity.pdbx_number_of_molecules 
_entity.pdbx_ec 
_entity.pdbx_mutation 
_entity.pdbx_fragment 
_entity.details 
1 polymer     man 'hypothetical protein TM0723' 17817.424 1   ? ? ? ? 
2 non-polymer syn 'SODIUM ION'                  22.990    1   ? ? ? ? 
3 non-polymer syn 'SULFATE ION'                 96.063    3   ? ? ? ? 
4 water       nat water                         18.015    213 ? ? ? ? 
# 
_entity_poly.entity_id                      1 
_entity_poly.type                           'polypeptide(L)' 
_entity_poly.nstd_linkage                   no 
_entity_poly.nstd_monomer                   no 
_entity_poly.pdbx_seq_one_letter_code       
;MGSDKIHHHHHHMKSYRKELWFHTKRRREFINITPLLEECVRESGIKEGLLLCNAMHITASVFINDDEPGLHHDFEVWLE
KLAPEKPYSQYKHNDTGEDNADAHLKRTIMGREVVIAITDRKMDLGPWEQVFYGEFDGMRPKRVLVKIIGE
;
_entity_poly.pdbx_seq_one_letter_code_can   
;MGSDKIHHHHHHMKSYRKELWFHTKRRREFINITPLLEECVRESGIKEGLLLCNAMHITASVFINDDEPGLHHDFEVWLE
KLAPEKPYSQYKHNDTGEDNADAHLKRTIMGREVVIAITDRKMDLGPWEQVFYGEFDGMRPKRVLVKIIGE
;
_entity_poly.pdbx_strand_id                 A 
_entity_poly.pdbx_target_identifier         282593 
# 
loop_
_entity_poly_seq.entity_id 
_entity_poly_seq.num 
_entity_poly_seq.mon_id 
_entity_poly_seq.hetero 
1 1   MET n 
1 2   GLY n 
1 3   SER n 
1 4   ASP n 
1 5   LYS n 
1 6   ILE n 
1 7   HIS n 
1 8   HIS n 
1 9   HIS n 
1 10  HIS n 
1 11  HIS n 
1 12  HIS n 
1 13  MET n 
1 14  LYS n 
1 15  SER n 
1 16  TYR n 
1 17  ARG n 
1 18  LYS n 
1 19  GLU n 
1 20  LEU n 
1 21  TRP n 
1 22  PHE n 
1 23  HIS n 
1 24  THR n 
1 25  LYS n 
1 26  ARG n 
1 27  ARG n 
1 28  ARG n 
1 29  GLU n 
1 30  PHE n 
1 31  ILE n 
1 32  ASN n 
1 33  ILE n 
1 34  THR n 
1 35  PRO n 
1 36  LEU n 
1 37  LEU n 
1 38  GLU n 
1 39  GLU n 
1 40  CYS n 
1 41  VAL n 
1 42  ARG n 
1 43  GLU n 
1 44  SER n 
1 45  GLY n 
1 46  ILE n 
1 47  LYS n 
1 48  GLU n 
1 49  GLY n 
1 50  LEU n 
1 51  LEU n 
1 52  LEU n 
1 53  CYS n 
1 54  ASN n 
1 55  ALA n 
1 56  MET n 
1 57  HIS n 
1 58  ILE n 
1 59  THR n 
1 60  ALA n 
1 61  SER n 
1 62  VAL n 
1 63  PHE n 
1 64  ILE n 
1 65  ASN n 
1 66  ASP n 
1 67  ASP n 
1 68  GLU n 
1 69  PRO n 
1 70  GLY n 
1 71  LEU n 
1 72  HIS n 
1 73  HIS n 
1 74  ASP n 
1 75  PHE n 
1 76  GLU n 
1 77  VAL n 
1 78  TRP n 
1 79  LEU n 
1 80  GLU n 
1 81  LYS n 
1 82  LEU n 
1 83  ALA n 
1 84  PRO n 
1 85  GLU n 
1 86  LYS n 
1 87  PRO n 
1 88  TYR n 
1 89  SER n 
1 90  GLN n 
1 91  TYR n 
1 92  LYS n 
1 93  HIS n 
1 94  ASN n 
1 95  ASP n 
1 96  THR n 
1 97  GLY n 
1 98  GLU n 
1 99  ASP n 
1 100 ASN n 
1 101 ALA n 
1 102 ASP n 
1 103 ALA n 
1 104 HIS n 
1 105 LEU n 
1 106 LYS n 
1 107 ARG n 
1 108 THR n 
1 109 ILE n 
1 110 MET n 
1 111 GLY n 
1 112 ARG n 
1 113 GLU n 
1 114 VAL n 
1 115 VAL n 
1 116 ILE n 
1 117 ALA n 
1 118 ILE n 
1 119 THR n 
1 120 ASP n 
1 121 ARG n 
1 122 LYS n 
1 123 MET n 
1 124 ASP n 
1 125 LEU n 
1 126 GLY n 
1 127 PRO n 
1 128 TRP n 
1 129 GLU n 
1 130 GLN n 
1 131 VAL n 
1 132 PHE n 
1 133 TYR n 
1 134 GLY n 
1 135 GLU n 
1 136 PHE n 
1 137 ASP n 
1 138 GLY n 
1 139 MET n 
1 140 ARG n 
1 141 PRO n 
1 142 LYS n 
1 143 ARG n 
1 144 VAL n 
1 145 LEU n 
1 146 VAL n 
1 147 LYS n 
1 148 ILE n 
1 149 ILE n 
1 150 GLY n 
1 151 GLU n 
# 
_entity_src_gen.entity_id                          1 
_entity_src_gen.pdbx_src_id                        1 
_entity_src_gen.pdbx_alt_source_flag               sample 
_entity_src_gen.pdbx_seq_type                      ? 
_entity_src_gen.pdbx_beg_seq_num                   ? 
_entity_src_gen.pdbx_end_seq_num                   ? 
_entity_src_gen.gene_src_common_name               ? 
_entity_src_gen.gene_src_genus                     Thermotoga 
_entity_src_gen.pdbx_gene_src_gene                 TM0723 
_entity_src_gen.gene_src_species                   'Thermotoga maritima' 
_entity_src_gen.gene_src_strain                    MSB8 
_entity_src_gen.gene_src_tissue                    ? 
_entity_src_gen.gene_src_tissue_fraction           ? 
_entity_src_gen.gene_src_details                   ? 
_entity_src_gen.pdbx_gene_src_fragment             ? 
_entity_src_gen.pdbx_gene_src_scientific_name      'Thermotoga maritima' 
_entity_src_gen.pdbx_gene_src_ncbi_taxonomy_id     243274 
_entity_src_gen.pdbx_gene_src_variant              ? 
_entity_src_gen.pdbx_gene_src_cell_line            ? 
_entity_src_gen.pdbx_gene_src_atcc                 ? 
_entity_src_gen.pdbx_gene_src_organ                ? 
_entity_src_gen.pdbx_gene_src_organelle            ? 
_entity_src_gen.pdbx_gene_src_cell                 ? 
_entity_src_gen.pdbx_gene_src_cellular_location    ? 
_entity_src_gen.host_org_common_name               ? 
_entity_src_gen.pdbx_host_org_scientific_name      'Escherichia coli' 
_entity_src_gen.pdbx_host_org_ncbi_taxonomy_id     562 
_entity_src_gen.host_org_genus                     Escherichia 
_entity_src_gen.pdbx_host_org_gene                 ? 
_entity_src_gen.pdbx_host_org_organ                ? 
_entity_src_gen.host_org_species                   ? 
_entity_src_gen.pdbx_host_org_tissue               ? 
_entity_src_gen.pdbx_host_org_tissue_fraction      ? 
_entity_src_gen.pdbx_host_org_strain               ? 
_entity_src_gen.pdbx_host_org_variant              ? 
_entity_src_gen.pdbx_host_org_cell_line            ? 
_entity_src_gen.pdbx_host_org_atcc                 ? 
_entity_src_gen.pdbx_host_org_culture_collection   ? 
_entity_src_gen.pdbx_host_org_cell                 ? 
_entity_src_gen.pdbx_host_org_organelle            ? 
_entity_src_gen.pdbx_host_org_cellular_location    ? 
_entity_src_gen.pdbx_host_org_vector_type          Plasmid 
_entity_src_gen.pdbx_host_org_vector               ? 
_entity_src_gen.host_org_details                   ? 
_entity_src_gen.expression_system_id               ? 
_entity_src_gen.plasmid_name                       ? 
_entity_src_gen.plasmid_details                    ? 
_entity_src_gen.pdbx_description                   ? 
# 
_struct_ref.id                         1 
_struct_ref.db_name                    UNP 
_struct_ref.db_code                    Q9WZI2_THEMA 
_struct_ref.pdbx_db_accession          Q9WZI2 
_struct_ref.entity_id                  1 
_struct_ref.pdbx_seq_one_letter_code   
;MKSYRKELWFHTKRRREFINITPLLEECVRESGIKEGLLLCNAMHITASVFINDDEPGLHHDFEVWLEKLAPEKPYSQYK
HNDTGEDNADAHLKRTIMGREVVIAITDRKMDLGPWEQVFYGEFDGMRPKRVLVKIIGE
;
_struct_ref.pdbx_align_begin           1 
_struct_ref.pdbx_db_isoform            ? 
# 
_struct_ref_seq.align_id                      1 
_struct_ref_seq.ref_id                        1 
_struct_ref_seq.pdbx_PDB_id_code              1VMJ 
_struct_ref_seq.pdbx_strand_id                A 
_struct_ref_seq.seq_align_beg                 13 
_struct_ref_seq.pdbx_seq_align_beg_ins_code   ? 
_struct_ref_seq.seq_align_end                 151 
_struct_ref_seq.pdbx_seq_align_end_ins_code   ? 
_struct_ref_seq.pdbx_db_accession             Q9WZI2 
_struct_ref_seq.db_align_beg                  1 
_struct_ref_seq.pdbx_db_align_beg_ins_code    ? 
_struct_ref_seq.db_align_end                  139 
_struct_ref_seq.pdbx_db_align_end_ins_code    ? 
_struct_ref_seq.pdbx_auth_seq_align_beg       1 
_struct_ref_seq.pdbx_auth_seq_align_end       139 
# 
loop_
_struct_ref_seq_dif.align_id 
_struct_ref_seq_dif.pdbx_pdb_id_code 
_struct_ref_seq_dif.mon_id 
_struct_ref_seq_dif.pdbx_pdb_strand_id 
_struct_ref_seq_dif.seq_num 
_struct_ref_seq_dif.pdbx_pdb_ins_code 
_struct_ref_seq_dif.pdbx_seq_db_name 
_struct_ref_seq_dif.pdbx_seq_db_accession_code 
_struct_ref_seq_dif.db_mon_id 
_struct_ref_seq_dif.pdbx_seq_db_seq_num 
_struct_ref_seq_dif.details 
_struct_ref_seq_dif.pdbx_auth_seq_num 
_struct_ref_seq_dif.pdbx_ordinal 
1 1VMJ MET A 1  ? UNP Q9WZI2 ? ? 'expression tag' -11 1  
1 1VMJ GLY A 2  ? UNP Q9WZI2 ? ? 'expression tag' -10 2  
1 1VMJ SER A 3  ? UNP Q9WZI2 ? ? 'expression tag' -9  3  
1 1VMJ ASP A 4  ? UNP Q9WZI2 ? ? 'expression tag' -8  4  
1 1VMJ LYS A 5  ? UNP Q9WZI2 ? ? 'expression tag' -7  5  
1 1VMJ ILE A 6  ? UNP Q9WZI2 ? ? 'expression tag' -6  6  
1 1VMJ HIS A 7  ? UNP Q9WZI2 ? ? 'expression tag' -5  7  
1 1VMJ HIS A 8  ? UNP Q9WZI2 ? ? 'expression tag' -4  8  
1 1VMJ HIS A 9  ? UNP Q9WZI2 ? ? 'expression tag' -3  9  
1 1VMJ HIS A 10 ? UNP Q9WZI2 ? ? 'expression tag' -2  10 
1 1VMJ HIS A 11 ? UNP Q9WZI2 ? ? 'expression tag' -1  11 
1 1VMJ HIS A 12 ? UNP Q9WZI2 ? ? 'expression tag' 0   12 
# 
loop_
_chem_comp.id 
_chem_comp.type 
_chem_comp.mon_nstd_flag 
_chem_comp.name 
_chem_comp.pdbx_synonyms 
_chem_comp.formula 
_chem_comp.formula_weight 
ALA 'L-peptide linking' y ALANINE         ? 'C3 H7 N O2'     89.093  
ARG 'L-peptide linking' y ARGININE        ? 'C6 H15 N4 O2 1' 175.209 
ASN 'L-peptide linking' y ASPARAGINE      ? 'C4 H8 N2 O3'    132.118 
ASP 'L-peptide linking' y 'ASPARTIC ACID' ? 'C4 H7 N O4'     133.103 
CYS 'L-peptide linking' y CYSTEINE        ? 'C3 H7 N O2 S'   121.158 
GLN 'L-peptide linking' y GLUTAMINE       ? 'C5 H10 N2 O3'   146.144 
GLU 'L-peptide linking' y 'GLUTAMIC ACID' ? 'C5 H9 N O4'     147.129 
GLY 'peptide linking'   y GLYCINE         ? 'C2 H5 N O2'     75.067  
HIS 'L-peptide linking' y HISTIDINE       ? 'C6 H10 N3 O2 1' 156.162 
HOH non-polymer         . WATER           ? 'H2 O'           18.015  
ILE 'L-peptide linking' y ISOLEUCINE      ? 'C6 H13 N O2'    131.173 
LEU 'L-peptide linking' y LEUCINE         ? 'C6 H13 N O2'    131.173 
LYS 'L-peptide linking' y LYSINE          ? 'C6 H15 N2 O2 1' 147.195 
MET 'L-peptide linking' y METHIONINE      ? 'C5 H11 N O2 S'  149.211 
NA  non-polymer         . 'SODIUM ION'    ? 'Na 1'           22.990  
PHE 'L-peptide linking' y PHENYLALANINE   ? 'C9 H11 N O2'    165.189 
PRO 'L-peptide linking' y PROLINE         ? 'C5 H9 N O2'     115.130 
SER 'L-peptide linking' y SERINE          ? 'C3 H7 N O3'     105.093 
SO4 non-polymer         . 'SULFATE ION'   ? 'O4 S -2'        96.063  
THR 'L-peptide linking' y THREONINE       ? 'C4 H9 N O3'     119.119 
TRP 'L-peptide linking' y TRYPTOPHAN      ? 'C11 H12 N2 O2'  204.225 
TYR 'L-peptide linking' y TYROSINE        ? 'C9 H11 N O3'    181.189 
VAL 'L-peptide linking' y VALINE          ? 'C5 H11 N O2'    117.146 
# 
_exptl.crystals_number   1 
_exptl.method            'X-RAY DIFFRACTION' 
_exptl.entry_id          1VMJ 
# 
_exptl_crystal.id                    1 
_exptl_crystal.density_percent_sol   56.48 
_exptl_crystal.density_Matthews      2.85 
_exptl_crystal.description           ? 
_exptl_crystal.density_meas          ? 
_exptl_crystal.F_000                 ? 
_exptl_crystal.preparation           ? 
# 
_exptl_crystal_grow.crystal_id      1 
_exptl_crystal_grow.method          'VAPOR DIFFUSION,SITTING DROP,NANODROP' 
_exptl_crystal_grow.pH              6.0 
_exptl_crystal_grow.temp            293 
_exptl_crystal_grow.pdbx_details    '3.2M (NH4)2SO4, 0.1M MES pH 6.0, VAPOR DIFFUSION,SITTING DROP,NANODROP, temperature 293K' 
_exptl_crystal_grow.temp_details    ? 
_exptl_crystal_grow.pdbx_pH_range   . 
# 
_diffrn.id                     1 
_diffrn.ambient_temp           100 
_diffrn.ambient_temp_details   ? 
_diffrn.crystal_id             1 
# 
_diffrn_detector.diffrn_id              1 
_diffrn_detector.detector               CCD 
_diffrn_detector.type                   'ADSC QUANTUM 315' 
_diffrn_detector.details                'flat mirror' 
_diffrn_detector.pdbx_collection_date   2001-12-09 
# 
_diffrn_radiation.diffrn_id                        1 
_diffrn_radiation.pdbx_monochromatic_or_laue_m_l   M 
_diffrn_radiation.monochromator                    'single crystal Si(311) bent monochromator' 
_diffrn_radiation.pdbx_diffrn_protocol             'SINGLE WAVELENGTH' 
_diffrn_radiation.wavelength_id                    1 
_diffrn_radiation.pdbx_scattering_type             x-ray 
# 
_diffrn_radiation_wavelength.id           1 
_diffrn_radiation_wavelength.wavelength   1.024627 
_diffrn_radiation_wavelength.wt           1.0 
# 
_diffrn_source.diffrn_id                   1 
_diffrn_source.source                      SYNCHROTRON 
_diffrn_source.pdbx_synchrotron_beamline   BL11-1 
_diffrn_source.type                        'SSRL BEAMLINE BL11-1' 
_diffrn_source.pdbx_wavelength             1.024627 
_diffrn_source.pdbx_synchrotron_site       SSRL 
_diffrn_source.pdbx_wavelength_list        ? 
# 
_reflns.observed_criterion_sigma_F   ? 
_reflns.observed_criterion_sigma_I   ? 
_reflns.d_resolution_high            1.520 
_reflns.d_resolution_low             27.55 
_reflns.number_obs                   35764 
_reflns.percent_possible_obs         100.0 
_reflns.pdbx_Rmerge_I_obs            ? 
_reflns.pdbx_netI_over_sigmaI        19.2 
_reflns.B_iso_Wilson_estimate        24.03 
_reflns.pdbx_redundancy              20.5 
_reflns.pdbx_Rsym_value              0.115 
_reflns.entry_id                     1VMJ 
_reflns.number_all                   ? 
_reflns.R_free_details               ? 
_reflns.limit_h_max                  ? 
_reflns.limit_h_min                  ? 
_reflns.limit_k_max                  ? 
_reflns.limit_k_min                  ? 
_reflns.limit_l_max                  ? 
_reflns.limit_l_min                  ? 
_reflns.observed_criterion_F_max     ? 
_reflns.observed_criterion_F_min     ? 
_reflns.pdbx_chi_squared             ? 
_reflns.pdbx_scaling_rejects         ? 
_reflns.pdbx_ordinal                 1 
_reflns.pdbx_diffrn_id               1 
# 
_reflns_shell.d_res_high             1.52 
_reflns_shell.d_res_low              1.60 
_reflns_shell.percent_possible_all   100.0 
_reflns_shell.pdbx_Rsym_value        0.01166 
_reflns_shell.pdbx_redundancy        8.8 
_reflns_shell.number_unique_all      5117 
_reflns_shell.meanI_over_sigI_obs    2.0 
_reflns_shell.Rmerge_I_obs           ? 
_reflns_shell.percent_possible_obs   ? 
_reflns_shell.number_measured_all    ? 
_reflns_shell.number_measured_obs    ? 
_reflns_shell.number_unique_obs      ? 
_reflns_shell.pdbx_chi_squared       ? 
_reflns_shell.pdbx_ordinal           1 
_reflns_shell.pdbx_diffrn_id         1 
# 
_refine.ls_d_res_high                            1.52 
_refine.ls_d_res_low                             27.55 
_refine.pdbx_ls_sigma_F                          ? 
_refine.pdbx_ls_sigma_I                          ? 
_refine.ls_number_reflns_obs                     33973 
_refine.ls_number_reflns_R_free                  1790 
_refine.ls_percent_reflns_R_free                 5.0 
_refine.ls_percent_reflns_obs                    99.94 
_refine.ls_R_factor_obs                          0.14495 
_refine.ls_R_factor_R_work                       0.144 
_refine.ls_R_factor_R_free                       0.16302 
_refine.pdbx_R_Free_selection_details            RANDOM 
_refine.pdbx_stereochemistry_target_values       'MAXIMUM LIKELIHOOD' 
_refine.pdbx_method_to_determine_struct          'MOLECULAR REPLACEMENT' 
_refine.pdbx_starting_model                      1VMF 
_refine.pdbx_ls_cross_valid_method               THROUGHOUT 
_refine.B_iso_mean                               15.684 
_refine.aniso_B[1][1]                            ? 
_refine.aniso_B[2][2]                            ? 
_refine.aniso_B[3][3]                            ? 
_refine.aniso_B[1][2]                            ? 
_refine.aniso_B[1][3]                            ? 
_refine.aniso_B[2][3]                            ? 
_refine.details                                  
;1. HYDROGENS HAVE BEEN ADDED IN THE RIDING POSITIONS.  2. THE DENSITY FOR SO4 4 IS LOCATED ON CRYSTALLOGRAPHIC 2-FOLD AXIS. THERE ARE SOME EXTRA DIFFERENCE DENSITY AFTER THE MODELLING OF 1/2 OCCUPIED SULFATE.
;
_refine.pdbx_overall_ESU_R                       0.049 
_refine.pdbx_overall_ESU_R_Free                  0.051 
_refine.overall_SU_ML                            0.036 
_refine.overall_SU_B                             1.965 
_refine.correlation_coeff_Fo_to_Fc               0.976 
_refine.correlation_coeff_Fo_to_Fc_free          0.972 
_refine.solvent_model_details                    'BABINET MODEL WITH MASK' 
_refine.pdbx_solvent_vdw_probe_radii             1.20 
_refine.pdbx_solvent_ion_probe_radii             0.80 
_refine.pdbx_solvent_shrinkage_radii             0.80 
_refine.entry_id                                 1VMJ 
_refine.ls_R_factor_all                          ? 
_refine.ls_number_reflns_all                     ? 
_refine.ls_redundancy_reflns_obs                 ? 
_refine.pdbx_data_cutoff_high_absF               ? 
_refine.pdbx_data_cutoff_low_absF                ? 
_refine.ls_number_parameters                     ? 
_refine.ls_number_restraints                     ? 
_refine.ls_R_factor_R_free_error                 ? 
_refine.ls_R_factor_R_free_error_details         ? 
_refine.pdbx_isotropic_thermal_model             ? 
_refine.pdbx_stereochem_target_val_spec_case     ? 
_refine.solvent_model_param_bsol                 ? 
_refine.solvent_model_param_ksol                 ? 
_refine.occupancy_max                            ? 
_refine.occupancy_min                            ? 
_refine.pdbx_data_cutoff_high_rms_absF           ? 
_refine.B_iso_min                                ? 
_refine.B_iso_max                                ? 
_refine.overall_SU_R_Cruickshank_DPI             ? 
_refine.overall_SU_R_free                        ? 
_refine.ls_wR_factor_R_free                      ? 
_refine.ls_wR_factor_R_work                      ? 
_refine.overall_FOM_free_R_set                   ? 
_refine.overall_FOM_work_R_set                   ? 
_refine.pdbx_refine_id                           'X-RAY DIFFRACTION' 
_refine.pdbx_TLS_residual_ADP_flag               'LIKELY RESIDUAL' 
_refine.pdbx_diffrn_id                           1 
_refine.pdbx_overall_phase_error                 ? 
_refine.pdbx_overall_SU_R_free_Cruickshank_DPI   ? 
_refine.pdbx_overall_SU_R_Blow_DPI               ? 
_refine.pdbx_overall_SU_R_free_Blow_DPI          ? 
# 
_refine_hist.pdbx_refine_id                   'X-RAY DIFFRACTION' 
_refine_hist.cycle_id                         LAST 
_refine_hist.pdbx_number_atoms_protein        1138 
_refine_hist.pdbx_number_atoms_nucleic_acid   0 
_refine_hist.pdbx_number_atoms_ligand         16 
_refine_hist.number_atoms_solvent             213 
_refine_hist.number_atoms_total               1367 
_refine_hist.d_res_high                       1.52 
_refine_hist.d_res_low                        27.55 
# 
loop_
_refine_ls_restr.type 
_refine_ls_restr.number 
_refine_ls_restr.dev_ideal 
_refine_ls_restr.dev_ideal_target 
_refine_ls_restr.weight 
_refine_ls_restr.pdbx_refine_id 
_refine_ls_restr.pdbx_restraint_function 
r_bond_refined_d         1209 0.011  0.022  ? 'X-RAY DIFFRACTION' ? 
r_bond_other_d           1104 0.002  0.020  ? 'X-RAY DIFFRACTION' ? 
r_angle_refined_deg      1630 1.358  1.963  ? 'X-RAY DIFFRACTION' ? 
r_angle_other_deg        2566 0.795  3.000  ? 'X-RAY DIFFRACTION' ? 
r_dihedral_angle_1_deg   138  6.717  5.000  ? 'X-RAY DIFFRACTION' ? 
r_dihedral_angle_2_deg   62   38.858 23.226 ? 'X-RAY DIFFRACTION' ? 
r_dihedral_angle_3_deg   228  11.836 15.000 ? 'X-RAY DIFFRACTION' ? 
r_dihedral_angle_4_deg   11   13.907 15.000 ? 'X-RAY DIFFRACTION' ? 
r_chiral_restr           170  0.084  0.200  ? 'X-RAY DIFFRACTION' ? 
r_gen_planes_refined     1302 0.006  0.020  ? 'X-RAY DIFFRACTION' ? 
r_gen_planes_other       254  0.001  0.020  ? 'X-RAY DIFFRACTION' ? 
r_nbd_refined            226  0.240  0.200  ? 'X-RAY DIFFRACTION' ? 
r_nbd_other              1121 0.196  0.200  ? 'X-RAY DIFFRACTION' ? 
r_nbtor_other            729  0.084  0.200  ? 'X-RAY DIFFRACTION' ? 
r_xyhbond_nbd_refined    161  0.166  0.200  ? 'X-RAY DIFFRACTION' ? 
r_symmetry_vdw_refined   9    0.128  0.200  ? 'X-RAY DIFFRACTION' ? 
r_symmetry_vdw_other     65   0.284  0.200  ? 'X-RAY DIFFRACTION' ? 
r_symmetry_hbond_refined 23   0.144  0.200  ? 'X-RAY DIFFRACTION' ? 
r_mcbond_it              696  1.402  3.000  ? 'X-RAY DIFFRACTION' ? 
r_mcbond_other           283  0.411  3.000  ? 'X-RAY DIFFRACTION' ? 
r_mcangle_it             1134 2.277  5.000  ? 'X-RAY DIFFRACTION' ? 
r_scbond_it              531  3.674  8.000  ? 'X-RAY DIFFRACTION' ? 
r_scangle_it             496  5.350  11.000 ? 'X-RAY DIFFRACTION' ? 
r_nbtor_refined          575  0.179  0.200  ? 'X-RAY DIFFRACTION' ? 
r_metal_ion_refined      5    0.266  0.200  ? 'X-RAY DIFFRACTION' ? 
# 
_refine_ls_shell.pdbx_total_number_of_bins_used   20 
_refine_ls_shell.d_res_high                       1.520 
_refine_ls_shell.d_res_low                        1.560 
_refine_ls_shell.percent_reflns_obs               99.77 
_refine_ls_shell.number_reflns_R_work             2460 
_refine_ls_shell.R_factor_R_work                  0.284 
_refine_ls_shell.percent_reflns_R_free            5.24 
_refine_ls_shell.number_reflns_R_free             136 
_refine_ls_shell.R_factor_R_free                  0.314 
_refine_ls_shell.R_factor_R_free_error            ? 
_refine_ls_shell.redundancy_reflns_obs            ? 
_refine_ls_shell.number_reflns_all                ? 
_refine_ls_shell.number_reflns_obs                ? 
_refine_ls_shell.pdbx_refine_id                   'X-RAY DIFFRACTION' 
_refine_ls_shell.R_factor_all                     ? 
# 
_struct.entry_id                  1VMJ 
_struct.title                     
'CRYSTAL STRUCTURE OF A PUTATIVE THIAMIN PHOSPHATE SYNTHASE (TM0723) FROM THERMOTOGA MARITIMA MSB8 AT 1.52 A RESOLUTION' 
_struct.pdbx_model_details        ? 
_struct.pdbx_CASP_flag            ? 
_struct.pdbx_model_type_details   ? 
# 
_struct_keywords.text            
;PUTATIVE THIAMIN PHOSPHATE SYNTHASE, STRUCTURAL GENOMICS, JOINT CENTER FOR STRUCTURAL GENOMICS, JCSG, PROTEIN STRUCTURE INITIATIVE, PSI, TRANSFERASE
;
_struct_keywords.pdbx_keywords   TRANSFERASE 
_struct_keywords.entry_id        1VMJ 
# 
loop_
_struct_asym.id 
_struct_asym.pdbx_blank_PDB_chainid_flag 
_struct_asym.pdbx_modified 
_struct_asym.entity_id 
_struct_asym.details 
A N N 1 ? 
B N N 2 ? 
C N N 3 ? 
D N N 3 ? 
E N N 3 ? 
F N N 4 ? 
# 
_struct_biol.id   1 
# 
loop_
_struct_conf.conf_type_id 
_struct_conf.id 
_struct_conf.pdbx_PDB_helix_id 
_struct_conf.beg_label_comp_id 
_struct_conf.beg_label_asym_id 
_struct_conf.beg_label_seq_id 
_struct_conf.pdbx_beg_PDB_ins_code 
_struct_conf.end_label_comp_id 
_struct_conf.end_label_asym_id 
_struct_conf.end_label_seq_id 
_struct_conf.pdbx_end_PDB_ins_code 
_struct_conf.beg_auth_comp_id 
_struct_conf.beg_auth_asym_id 
_struct_conf.beg_auth_seq_id 
_struct_conf.end_auth_comp_id 
_struct_conf.end_auth_asym_id 
_struct_conf.end_auth_seq_id 
_struct_conf.pdbx_PDB_helix_class 
_struct_conf.details 
_struct_conf.pdbx_PDB_helix_length 
HELX_P HELX_P1 1 ILE A 33  ? GLY A 45  ? ILE A 21 GLY A 33 1 ? 13 
HELX_P HELX_P2 2 GLU A 68  ? ALA A 83  ? GLU A 56 ALA A 71 1 ? 16 
HELX_P HELX_P3 3 PRO A 87  ? ASP A 95  ? PRO A 75 ASP A 83 5 ? 9  
HELX_P HELX_P4 4 ASN A 100 ? GLY A 111 ? ASN A 88 GLY A 99 1 ? 12 
# 
_struct_conf_type.id          HELX_P 
_struct_conf_type.criteria    ? 
_struct_conf_type.reference   ? 
# 
loop_
_struct_conn.id 
_struct_conn.conn_type_id 
_struct_conn.pdbx_leaving_atom_flag 
_struct_conn.pdbx_PDB_id 
_struct_conn.ptnr1_label_asym_id 
_struct_conn.ptnr1_label_comp_id 
_struct_conn.ptnr1_label_seq_id 
_struct_conn.ptnr1_label_atom_id 
_struct_conn.pdbx_ptnr1_label_alt_id 
_struct_conn.pdbx_ptnr1_PDB_ins_code 
_struct_conn.pdbx_ptnr1_standard_comp_id 
_struct_conn.ptnr1_symmetry 
_struct_conn.ptnr2_label_asym_id 
_struct_conn.ptnr2_label_comp_id 
_struct_conn.ptnr2_label_seq_id 
_struct_conn.ptnr2_label_atom_id 
_struct_conn.pdbx_ptnr2_label_alt_id 
_struct_conn.pdbx_ptnr2_PDB_ins_code 
_struct_conn.ptnr1_auth_asym_id 
_struct_conn.ptnr1_auth_comp_id 
_struct_conn.ptnr1_auth_seq_id 
_struct_conn.ptnr2_auth_asym_id 
_struct_conn.ptnr2_auth_comp_id 
_struct_conn.ptnr2_auth_seq_id 
_struct_conn.ptnr2_symmetry 
_struct_conn.pdbx_ptnr3_label_atom_id 
_struct_conn.pdbx_ptnr3_label_seq_id 
_struct_conn.pdbx_ptnr3_label_comp_id 
_struct_conn.pdbx_ptnr3_label_asym_id 
_struct_conn.pdbx_ptnr3_label_alt_id 
_struct_conn.pdbx_ptnr3_PDB_ins_code 
_struct_conn.details 
_struct_conn.pdbx_dist_value 
_struct_conn.pdbx_value_order 
_struct_conn.pdbx_role 
metalc1 metalc ? ? A HIS 93  NE2 ? ? ? 1_555 B NA  . NA ? ? A HIS 81  A NA  140 1_555 ? ? ? ? ? ? ? 2.253 ? ? 
metalc2 metalc ? ? A ASN 100 OD1 ? ? ? 1_555 B NA  . NA ? ? A ASN 88  A NA  140 1_555 ? ? ? ? ? ? ? 2.485 ? ? 
metalc3 metalc ? ? A HIS 104 NE2 ? ? ? 1_555 B NA  . NA ? ? A HIS 92  A NA  140 1_555 ? ? ? ? ? ? ? 2.111 ? ? 
metalc4 metalc ? ? B NA  .   NA  ? ? ? 1_555 F HOH . O  ? ? A NA  140 A HOH 199 1_555 ? ? ? ? ? ? ? 2.058 ? ? 
metalc5 metalc ? ? B NA  .   NA  ? ? ? 1_555 F HOH . O  ? ? A NA  140 A HOH 208 1_555 ? ? ? ? ? ? ? 2.244 ? ? 
metalc6 metalc ? ? B NA  .   NA  ? ? ? 1_555 F HOH . O  ? ? A NA  140 A HOH 256 1_555 ? ? ? ? ? ? ? 2.191 ? ? 
# 
_struct_conn_type.id          metalc 
_struct_conn_type.criteria    ? 
_struct_conn_type.reference   ? 
# 
_struct_mon_prot_cis.pdbx_id                1 
_struct_mon_prot_cis.label_comp_id          LYS 
_struct_mon_prot_cis.label_seq_id           86 
_struct_mon_prot_cis.label_asym_id          A 
_struct_mon_prot_cis.label_alt_id           . 
_struct_mon_prot_cis.pdbx_PDB_ins_code      ? 
_struct_mon_prot_cis.auth_comp_id           LYS 
_struct_mon_prot_cis.auth_seq_id            74 
_struct_mon_prot_cis.auth_asym_id           A 
_struct_mon_prot_cis.pdbx_label_comp_id_2   PRO 
_struct_mon_prot_cis.pdbx_label_seq_id_2    87 
_struct_mon_prot_cis.pdbx_label_asym_id_2   A 
_struct_mon_prot_cis.pdbx_PDB_ins_code_2    ? 
_struct_mon_prot_cis.pdbx_auth_comp_id_2    PRO 
_struct_mon_prot_cis.pdbx_auth_seq_id_2     75 
_struct_mon_prot_cis.pdbx_auth_asym_id_2    A 
_struct_mon_prot_cis.pdbx_PDB_model_num     1 
_struct_mon_prot_cis.pdbx_omega_angle       -2.28 
# 
loop_
_struct_sheet.id 
_struct_sheet.type 
_struct_sheet.number_strands 
_struct_sheet.details 
A ? 5 ? 
B ? 3 ? 
# 
loop_
_struct_sheet_order.sheet_id 
_struct_sheet_order.range_id_1 
_struct_sheet_order.range_id_2 
_struct_sheet_order.offset 
_struct_sheet_order.sense 
A 1 2 ? anti-parallel 
A 2 3 ? anti-parallel 
A 3 4 ? anti-parallel 
A 4 5 ? anti-parallel 
B 1 2 ? anti-parallel 
B 2 3 ? anti-parallel 
# 
loop_
_struct_sheet_range.sheet_id 
_struct_sheet_range.id 
_struct_sheet_range.beg_label_comp_id 
_struct_sheet_range.beg_label_asym_id 
_struct_sheet_range.beg_label_seq_id 
_struct_sheet_range.pdbx_beg_PDB_ins_code 
_struct_sheet_range.end_label_comp_id 
_struct_sheet_range.end_label_asym_id 
_struct_sheet_range.end_label_seq_id 
_struct_sheet_range.pdbx_end_PDB_ins_code 
_struct_sheet_range.beg_auth_comp_id 
_struct_sheet_range.beg_auth_asym_id 
_struct_sheet_range.beg_auth_seq_id 
_struct_sheet_range.end_auth_comp_id 
_struct_sheet_range.end_auth_asym_id 
_struct_sheet_range.end_auth_seq_id 
A 1 LYS A 14  ? PHE A 22  ? LYS A 2   PHE A 10  
A 2 LYS A 142 ? GLU A 151 ? LYS A 130 GLU A 139 
A 3 GLU A 48  ? ALA A 55  ? GLU A 36  ALA A 43  
A 4 GLU A 113 ? THR A 119 ? GLU A 101 THR A 107 
A 5 LYS A 122 ? MET A 123 ? LYS A 110 MET A 111 
B 1 GLU A 29  ? ASN A 32  ? GLU A 17  ASN A 20  
B 2 GLN A 130 ? GLU A 135 ? GLN A 118 GLU A 123 
B 3 ALA A 60  ? ASN A 65  ? ALA A 48  ASN A 53  
# 
loop_
_pdbx_struct_sheet_hbond.sheet_id 
_pdbx_struct_sheet_hbond.range_id_1 
_pdbx_struct_sheet_hbond.range_id_2 
_pdbx_struct_sheet_hbond.range_1_label_atom_id 
_pdbx_struct_sheet_hbond.range_1_label_comp_id 
_pdbx_struct_sheet_hbond.range_1_label_asym_id 
_pdbx_struct_sheet_hbond.range_1_label_seq_id 
_pdbx_struct_sheet_hbond.range_1_PDB_ins_code 
_pdbx_struct_sheet_hbond.range_1_auth_atom_id 
_pdbx_struct_sheet_hbond.range_1_auth_comp_id 
_pdbx_struct_sheet_hbond.range_1_auth_asym_id 
_pdbx_struct_sheet_hbond.range_1_auth_seq_id 
_pdbx_struct_sheet_hbond.range_2_label_atom_id 
_pdbx_struct_sheet_hbond.range_2_label_comp_id 
_pdbx_struct_sheet_hbond.range_2_label_asym_id 
_pdbx_struct_sheet_hbond.range_2_label_seq_id 
_pdbx_struct_sheet_hbond.range_2_PDB_ins_code 
_pdbx_struct_sheet_hbond.range_2_auth_atom_id 
_pdbx_struct_sheet_hbond.range_2_auth_comp_id 
_pdbx_struct_sheet_hbond.range_2_auth_asym_id 
_pdbx_struct_sheet_hbond.range_2_auth_seq_id 
A 1 2 N LYS A 14  ? N LYS A 2   O GLY A 150 ? O GLY A 138 
A 2 3 O LYS A 147 ? O LYS A 135 N LEU A 52  ? N LEU A 40  
A 3 4 N LEU A 51  ? N LEU A 39  O ILE A 116 ? O ILE A 104 
A 4 5 N THR A 119 ? N THR A 107 O LYS A 122 ? O LYS A 110 
B 1 2 N GLU A 29  ? N GLU A 17  O GLU A 135 ? O GLU A 123 
B 2 3 O PHE A 132 ? O PHE A 120 N PHE A 63  ? N PHE A 51  
# 
loop_
_struct_site.id 
_struct_site.pdbx_evidence_code 
_struct_site.pdbx_auth_asym_id 
_struct_site.pdbx_auth_comp_id 
_struct_site.pdbx_auth_seq_id 
_struct_site.pdbx_auth_ins_code 
_struct_site.pdbx_num_residues 
_struct_site.details 
AC1 Software A NA  140 ? 6  'BINDING SITE FOR RESIDUE NA A 140'  
AC2 Software A SO4 141 ? 10 'BINDING SITE FOR RESIDUE SO4 A 141' 
AC3 Software A SO4 142 ? 11 'BINDING SITE FOR RESIDUE SO4 A 142' 
AC4 Software A SO4 143 ? 9  'BINDING SITE FOR RESIDUE SO4 A 143' 
# 
loop_
_struct_site_gen.id 
_struct_site_gen.site_id 
_struct_site_gen.pdbx_num_res 
_struct_site_gen.label_comp_id 
_struct_site_gen.label_asym_id 
_struct_site_gen.label_seq_id 
_struct_site_gen.pdbx_auth_ins_code 
_struct_site_gen.auth_comp_id 
_struct_site_gen.auth_asym_id 
_struct_site_gen.auth_seq_id 
_struct_site_gen.label_atom_id 
_struct_site_gen.label_alt_id 
_struct_site_gen.symmetry 
_struct_site_gen.details 
1  AC1 6  HIS A 93  ? HIS A 81  . ? 1_555  ? 
2  AC1 6  ASN A 100 ? ASN A 88  . ? 1_555  ? 
3  AC1 6  HIS A 104 ? HIS A 92  . ? 1_555  ? 
4  AC1 6  HOH F .   ? HOH A 199 . ? 1_555  ? 
5  AC1 6  HOH F .   ? HOH A 208 . ? 1_555  ? 
6  AC1 6  HOH F .   ? HOH A 256 . ? 1_555  ? 
7  AC2 10 HIS A 57  ? HIS A 45  . ? 1_555  ? 
8  AC2 10 ILE A 58  ? ILE A 46  . ? 1_555  ? 
9  AC2 10 THR A 59  ? THR A 47  . ? 1_555  ? 
10 AC2 10 TRP A 128 ? TRP A 116 . ? 9_555  ? 
11 AC2 10 ARG A 140 ? ARG A 128 . ? 1_555  ? 
12 AC2 10 HOH F .   ? HOH A 157 . ? 1_555  ? 
13 AC2 10 HOH F .   ? HOH A 238 . ? 9_555  ? 
14 AC2 10 HOH F .   ? HOH A 256 . ? 1_555  ? 
15 AC2 10 HOH F .   ? HOH A 279 . ? 1_555  ? 
16 AC2 10 HOH F .   ? HOH A 303 . ? 1_555  ? 
17 AC3 11 LYS A 86  ? LYS A 74  . ? 19_666 ? 
18 AC3 11 PRO A 87  ? PRO A 75  . ? 1_555  ? 
19 AC3 11 TYR A 88  ? TYR A 76  . ? 1_555  ? 
20 AC3 11 SER A 89  ? SER A 77  . ? 1_555  ? 
21 AC3 11 HOH F .   ? HOH A 167 . ? 19_666 ? 
22 AC3 11 HOH F .   ? HOH A 167 . ? 1_555  ? 
23 AC3 11 HOH F .   ? HOH A 198 . ? 1_555  ? 
24 AC3 11 HOH F .   ? HOH A 237 . ? 1_555  ? 
25 AC3 11 HOH F .   ? HOH A 255 . ? 1_555  ? 
26 AC3 11 HOH F .   ? HOH A 255 . ? 19_666 ? 
27 AC3 11 HOH F .   ? HOH A 289 . ? 1_555  ? 
28 AC4 9  LYS A 18  ? LYS A 6   . ? 1_555  ? 
29 AC4 9  LYS A 18  ? LYS A 6   . ? 18_554 ? 
30 AC4 9  GLU A 19  ? GLU A 7   . ? 1_555  ? 
31 AC4 9  GLU A 19  ? GLU A 7   . ? 18_554 ? 
32 AC4 9  HOH F .   ? HOH A 187 . ? 18_554 ? 
33 AC4 9  HOH F .   ? HOH A 187 . ? 1_555  ? 
34 AC4 9  HOH F .   ? HOH A 211 . ? 1_555  ? 
35 AC4 9  HOH F .   ? HOH A 211 . ? 18_554 ? 
36 AC4 9  HOH F .   ? HOH A 280 . ? 18_554 ? 
# 
_atom_sites.entry_id                    1VMJ 
_atom_sites.fract_transf_matrix[1][1]   -0.00810286 
_atom_sites.fract_transf_matrix[1][2]   -0.00238018 
_atom_sites.fract_transf_matrix[1][3]   0.00332175 
_atom_sites.fract_transf_matrix[2][1]   0.00401624 
_atom_sites.fract_transf_matrix[2][2]   -0.00600026 
_atom_sites.fract_transf_matrix[2][3]   0.00549749 
_atom_sites.fract_transf_matrix[3][1]   0.00075442 
_atom_sites.fract_transf_matrix[3][2]   0.00637866 
_atom_sites.fract_transf_matrix[3][3]   0.00641087 
_atom_sites.fract_transf_vector[1]      0.446630 
_atom_sites.fract_transf_vector[2]      0.580799 
_atom_sites.fract_transf_vector[3]      0.459645 
# 
loop_
_atom_type.symbol 
C  
N  
NA 
O  
S  
# 
loop_
_atom_site.group_PDB 
_atom_site.id 
_atom_site.type_symbol 
_atom_site.label_atom_id 
_atom_site.label_alt_id 
_atom_site.label_comp_id 
_atom_site.label_asym_id 
_atom_site.label_entity_id 
_atom_site.label_seq_id 
_atom_site.pdbx_PDB_ins_code 
_atom_site.Cartn_x 
_atom_site.Cartn_y 
_atom_site.Cartn_z 
_atom_site.occupancy 
_atom_site.B_iso_or_equiv 
_atom_site.pdbx_formal_charge 
_atom_site.auth_seq_id 
_atom_site.auth_comp_id 
_atom_site.auth_asym_id 
_atom_site.auth_atom_id 
_atom_site.pdbx_PDB_model_num 
ATOM   1    N  N   . MET A 1 13  ? -0.571  7.710   -26.926 1.00 35.89 ? 1   MET A N   1 
ATOM   2    C  CA  . MET A 1 13  ? -0.518  7.688   -25.422 1.00 32.92 ? 1   MET A CA  1 
ATOM   3    C  C   . MET A 1 13  ? 0.293   6.516   -24.942 1.00 30.09 ? 1   MET A C   1 
ATOM   4    O  O   . MET A 1 13  ? 0.130   5.395   -25.424 1.00 32.12 ? 1   MET A O   1 
ATOM   5    C  CB  . MET A 1 13  ? -1.907  7.553   -24.811 1.00 33.20 ? 1   MET A CB  1 
ATOM   6    C  CG  . MET A 1 13  ? -1.905  7.779   -23.298 1.00 31.66 ? 1   MET A CG  1 
ATOM   7    S  SD  . MET A 1 13  ? -3.390  7.176   -22.476 1.00 36.56 ? 1   MET A SD  1 
ATOM   8    C  CE  . MET A 1 13  ? -3.082  5.378   -22.381 1.00 30.62 ? 1   MET A CE  1 
ATOM   9    N  N   . LYS A 1 14  ? 1.117   6.747   -23.934 1.00 22.81 ? 2   LYS A N   1 
ATOM   10   C  CA  . LYS A 1 14  ? 1.903   5.678   -23.389 1.00 20.73 ? 2   LYS A CA  1 
ATOM   11   C  C   . LYS A 1 14  ? 1.188   5.135   -22.163 1.00 17.63 ? 2   LYS A C   1 
ATOM   12   O  O   . LYS A 1 14  ? 0.476   5.859   -21.456 1.00 16.99 ? 2   LYS A O   1 
ATOM   13   C  CB  . LYS A 1 14  ? 3.278   6.170   -22.963 1.00 22.94 ? 2   LYS A CB  1 
ATOM   14   C  CG  . LYS A 1 14  ? 4.125   6.731   -24.073 1.00 26.85 ? 2   LYS A CG  1 
ATOM   15   C  CD  . LYS A 1 14  ? 5.412   7.308   -23.523 1.00 31.66 ? 2   LYS A CD  1 
ATOM   16   C  CE  . LYS A 1 14  ? 6.207   8.039   -24.606 1.00 37.94 ? 2   LYS A CE  1 
ATOM   17   N  N   . SER A 1 15  ? 1.403   3.851   -21.916 1.00 16.82 ? 3   SER A N   1 
ATOM   18   C  CA  . SER A 1 15  ? 0.972   3.245   -20.673 1.00 17.33 ? 3   SER A CA  1 
ATOM   19   C  C   . SER A 1 15  ? 2.005   2.254   -20.219 1.00 17.42 ? 3   SER A C   1 
ATOM   20   O  O   . SER A 1 15  ? 2.810   1.737   -21.013 1.00 19.29 ? 3   SER A O   1 
ATOM   21   C  CB  . SER A 1 15  ? -0.386  2.562   -20.778 1.00 20.71 ? 3   SER A CB  1 
ATOM   22   O  OG  . SER A 1 15  ? -0.320  1.330   -21.430 1.00 26.96 ? 3   SER A OG  1 
ATOM   23   N  N   . TYR A 1 16  ? 2.009   2.021   -18.916 1.00 13.89 ? 4   TYR A N   1 
ATOM   24   C  CA  . TYR A 1 16  ? 2.971   1.172   -18.273 1.00 14.32 ? 4   TYR A CA  1 
ATOM   25   C  C   . TYR A 1 16  ? 2.282   0.457   -17.144 1.00 15.16 ? 4   TYR A C   1 
ATOM   26   O  O   . TYR A 1 16  ? 1.475   1.064   -16.431 1.00 13.72 ? 4   TYR A O   1 
ATOM   27   C  CB  . TYR A 1 16  ? 4.127   2.030   -17.741 1.00 13.23 ? 4   TYR A CB  1 
ATOM   28   C  CG  . TYR A 1 16  ? 5.122   1.254   -16.918 1.00 14.54 ? 4   TYR A CG  1 
ATOM   29   C  CD1 . TYR A 1 16  ? 4.932   1.058   -15.555 1.00 15.80 ? 4   TYR A CD1 1 
ATOM   30   C  CD2 . TYR A 1 16  ? 6.227   0.690   -17.508 1.00 12.75 ? 4   TYR A CD2 1 
ATOM   31   C  CE1 . TYR A 1 16  ? 5.834   0.328   -14.820 1.00 17.53 ? 4   TYR A CE1 1 
ATOM   32   C  CE2 . TYR A 1 16  ? 7.170   -0.036  -16.771 1.00 16.44 ? 4   TYR A CE2 1 
ATOM   33   C  CZ  . TYR A 1 16  ? 6.954   -0.201  -15.414 1.00 16.62 ? 4   TYR A CZ  1 
ATOM   34   O  OH  . TYR A 1 16  ? 7.828   -0.905  -14.637 1.00 21.46 ? 4   TYR A OH  1 
ATOM   35   N  N   . ARG A 1 17  ? 2.627   -0.815  -16.970 1.00 13.83 ? 5   ARG A N   1 
ATOM   36   C  CA  . ARG A 1 17  ? 2.060   -1.648  -15.915 1.00 14.74 ? 5   ARG A CA  1 
ATOM   37   C  C   . ARG A 1 17  ? 3.133   -2.521  -15.276 1.00 14.20 ? 5   ARG A C   1 
ATOM   38   O  O   . ARG A 1 17  ? 3.991   -3.086  -15.962 1.00 14.99 ? 5   ARG A O   1 
ATOM   39   C  CB  . ARG A 1 17  ? 0.997   -2.532  -16.536 1.00 17.65 ? 5   ARG A CB  1 
ATOM   40   C  CG  . ARG A 1 17  ? 0.336   -3.418  -15.573 1.00 17.94 ? 5   ARG A CG  1 
ATOM   41   C  CD  . ARG A 1 17  ? -0.320  -4.567  -16.272 1.00 14.57 ? 5   ARG A CD  1 
ATOM   42   N  NE  . ARG A 1 17  ? -1.163  -5.276  -15.340 1.00 14.08 ? 5   ARG A NE  1 
ATOM   43   C  CZ  . ARG A 1 17  ? -0.794  -6.337  -14.638 1.00 15.00 ? 5   ARG A CZ  1 
ATOM   44   N  NH1 . ARG A 1 17  ? 0.418   -6.873  -14.751 1.00 17.15 ? 5   ARG A NH1 1 
ATOM   45   N  NH2 . ARG A 1 17  ? -1.654  -6.875  -13.803 1.00 15.77 ? 5   ARG A NH2 1 
ATOM   46   N  N   . LYS A 1 18  ? 3.088   -2.656  -13.963 1.00 12.05 ? 6   LYS A N   1 
ATOM   47   C  CA  . LYS A 1 18  ? 3.965   -3.559  -13.257 1.00 13.39 ? 6   LYS A CA  1 
ATOM   48   C  C   . LYS A 1 18  ? 3.260   -4.019  -11.988 1.00 14.86 ? 6   LYS A C   1 
ATOM   49   O  O   . LYS A 1 18  ? 2.717   -3.204  -11.237 1.00 14.26 ? 6   LYS A O   1 
ATOM   50   C  CB  . LYS A 1 18  ? 5.262   -2.824  -12.880 1.00 13.96 ? 6   LYS A CB  1 
ATOM   51   C  CG  A LYS A 1 18  ? 6.358   -3.705  -12.244 0.65 15.42 ? 6   LYS A CG  1 
ATOM   52   C  CG  B LYS A 1 18  ? 6.325   -3.636  -12.140 0.35 13.74 ? 6   LYS A CG  1 
ATOM   53   C  CD  A LYS A 1 18  ? 7.069   -4.534  -13.307 0.65 17.92 ? 6   LYS A CD  1 
ATOM   54   C  CD  B LYS A 1 18  ? 6.831   -4.820  -12.937 0.35 11.36 ? 6   LYS A CD  1 
ATOM   55   C  CE  A LYS A 1 18  ? 7.849   -5.696  -12.730 0.65 17.44 ? 6   LYS A CE  1 
ATOM   56   C  CE  B LYS A 1 18  ? 7.439   -4.419  -14.272 0.35 14.63 ? 6   LYS A CE  1 
ATOM   57   N  NZ  A LYS A 1 18  ? 6.945   -6.666  -12.047 0.65 16.18 ? 6   LYS A NZ  1 
ATOM   58   N  NZ  B LYS A 1 18  ? 6.471   -4.484  -15.384 0.35 18.09 ? 6   LYS A NZ  1 
ATOM   59   N  N   . GLU A 1 19  ? 3.314   -5.319  -11.716 1.00 13.09 ? 7   GLU A N   1 
ATOM   60   C  CA  . GLU A 1 19  ? 2.930   -5.837  -10.403 1.00 13.49 ? 7   GLU A CA  1 
ATOM   61   C  C   . GLU A 1 19  ? 4.162   -5.998  -9.525  1.00 13.61 ? 7   GLU A C   1 
ATOM   62   O  O   . GLU A 1 19  ? 5.189   -6.521  -9.951  1.00 16.44 ? 7   GLU A O   1 
ATOM   63   C  CB  . GLU A 1 19  ? 2.233   -7.182  -10.475 1.00 15.24 ? 7   GLU A CB  1 
ATOM   64   C  CG  . GLU A 1 19  ? 0.904   -7.136  -11.163 1.00 17.81 ? 7   GLU A CG  1 
ATOM   65   C  CD  . GLU A 1 19  ? 0.250   -8.504  -11.209 1.00 22.31 ? 7   GLU A CD  1 
ATOM   66   O  OE1 . GLU A 1 19  ? 0.750   -9.452  -10.538 1.00 21.12 ? 7   GLU A OE1 1 
ATOM   67   O  OE2 . GLU A 1 19  ? -0.744  -8.657  -11.950 1.00 24.00 ? 7   GLU A OE2 1 
ATOM   68   N  N   . LEU A 1 20  ? 4.049   -5.524  -8.307  1.00 12.14 ? 8   LEU A N   1 
ATOM   69   C  CA  . LEU A 1 20  ? 5.085   -5.669  -7.298  1.00 12.14 ? 8   LEU A CA  1 
ATOM   70   C  C   . LEU A 1 20  ? 4.567   -6.671  -6.287  1.00 13.58 ? 8   LEU A C   1 
ATOM   71   O  O   . LEU A 1 20  ? 3.471   -6.525  -5.781  1.00 14.31 ? 8   LEU A O   1 
ATOM   72   C  CB  . LEU A 1 20  ? 5.365   -4.309  -6.638  1.00 13.22 ? 8   LEU A CB  1 
ATOM   73   C  CG  . LEU A 1 20  ? 5.864   -3.220  -7.573  1.00 13.35 ? 8   LEU A CG  1 
ATOM   74   C  CD1 . LEU A 1 20  ? 5.921   -1.899  -6.801  1.00 18.89 ? 8   LEU A CD1 1 
ATOM   75   C  CD2 . LEU A 1 20  ? 7.222   -3.539  -8.178  1.00 14.82 ? 8   LEU A CD2 1 
ATOM   76   N  N   . TRP A 1 21  ? 5.351   -7.694  -5.969  1.00 12.59 ? 9   TRP A N   1 
ATOM   77   C  CA  . TRP A 1 21  ? 4.900   -8.763  -5.080  1.00 13.85 ? 9   TRP A CA  1 
ATOM   78   C  C   . TRP A 1 21  ? 5.584   -8.694  -3.737  1.00 16.03 ? 9   TRP A C   1 
ATOM   79   O  O   . TRP A 1 21  ? 6.738   -8.279  -3.657  1.00 15.32 ? 9   TRP A O   1 
ATOM   80   C  CB  . TRP A 1 21  ? 5.139   -10.114 -5.719  1.00 13.66 ? 9   TRP A CB  1 
ATOM   81   C  CG  . TRP A 1 21  ? 4.255   -10.454 -6.921  1.00 13.44 ? 9   TRP A CG  1 
ATOM   82   C  CD1 . TRP A 1 21  ? 3.456   -9.610  -7.640  1.00 16.41 ? 9   TRP A CD1 1 
ATOM   83   C  CD2 . TRP A 1 21  ? 4.102   -11.753 -7.508  1.00 12.08 ? 9   TRP A CD2 1 
ATOM   84   N  NE1 . TRP A 1 21  ? 2.823   -10.312 -8.641  1.00 17.74 ? 9   TRP A NE1 1 
ATOM   85   C  CE2 . TRP A 1 21  ? 3.187   -11.624 -8.567  1.00 14.74 ? 9   TRP A CE2 1 
ATOM   86   C  CE3 . TRP A 1 21  ? 4.616   -13.023 -7.212  1.00 15.65 ? 9   TRP A CE3 1 
ATOM   87   C  CZ2 . TRP A 1 21  ? 2.821   -12.687 -9.366  1.00 14.64 ? 9   TRP A CZ2 1 
ATOM   88   C  CZ3 . TRP A 1 21  ? 4.245   -14.077 -8.013  1.00 13.91 ? 9   TRP A CZ3 1 
ATOM   89   C  CH2 . TRP A 1 21  ? 3.337   -13.907 -9.064  1.00 15.65 ? 9   TRP A CH2 1 
ATOM   90   N  N   . PHE A 1 22  ? 4.847   -9.085  -2.706  1.00 16.59 ? 10  PHE A N   1 
ATOM   91   C  CA  . PHE A 1 22  ? 5.333   -9.076  -1.321  1.00 16.41 ? 10  PHE A CA  1 
ATOM   92   C  C   . PHE A 1 22  ? 4.930   -10.374 -0.651  1.00 18.64 ? 10  PHE A C   1 
ATOM   93   O  O   . PHE A 1 22  ? 3.929   -10.988 -0.984  1.00 17.43 ? 10  PHE A O   1 
ATOM   94   C  CB  . PHE A 1 22  ? 4.777   -7.862  -0.561  1.00 17.85 ? 10  PHE A CB  1 
ATOM   95   C  CG  . PHE A 1 22  ? 5.092   -6.587  -1.230  1.00 16.74 ? 10  PHE A CG  1 
ATOM   96   C  CD1 . PHE A 1 22  ? 6.306   -5.961  -1.009  1.00 20.78 ? 10  PHE A CD1 1 
ATOM   97   C  CD2 . PHE A 1 22  ? 4.236   -6.070  -2.199  1.00 18.08 ? 10  PHE A CD2 1 
ATOM   98   C  CE1 . PHE A 1 22  ? 6.641   -4.812  -1.683  1.00 22.59 ? 10  PHE A CE1 1 
ATOM   99   C  CE2 . PHE A 1 22  ? 4.560   -4.926  -2.869  1.00 16.63 ? 10  PHE A CE2 1 
ATOM   100  C  CZ  . PHE A 1 22  ? 5.749   -4.291  -2.619  1.00 19.68 ? 10  PHE A CZ  1 
ATOM   101  N  N   . HIS A 1 23  ? 5.771   -10.819 0.273   1.00 19.39 ? 11  HIS A N   1 
ATOM   102  C  CA  . HIS A 1 23  ? 5.458   -11.953 1.125   1.00 21.02 ? 11  HIS A CA  1 
ATOM   103  C  C   . HIS A 1 23  ? 6.070   -11.619 2.471   1.00 21.44 ? 11  HIS A C   1 
ATOM   104  O  O   . HIS A 1 23  ? 7.260   -11.858 2.699   1.00 21.70 ? 11  HIS A O   1 
ATOM   105  C  CB  . HIS A 1 23  ? 6.049   -13.249 0.565   1.00 22.36 ? 11  HIS A CB  1 
ATOM   106  C  CG  . HIS A 1 23  ? 5.593   -14.495 1.272   1.00 22.14 ? 11  HIS A CG  1 
ATOM   107  N  ND1 . HIS A 1 23  ? 6.033   -14.849 2.529   1.00 29.60 ? 11  HIS A ND1 1 
ATOM   108  C  CD2 . HIS A 1 23  ? 4.708   -15.451 0.904   1.00 22.70 ? 11  HIS A CD2 1 
ATOM   109  C  CE1 . HIS A 1 23  ? 5.456   -15.981 2.893   1.00 24.44 ? 11  HIS A CE1 1 
ATOM   110  N  NE2 . HIS A 1 23  ? 4.651   -16.372 1.923   1.00 27.09 ? 11  HIS A NE2 1 
ATOM   111  N  N   . THR A 1 24  ? 5.298   -11.004 3.360   1.00 16.84 ? 12  THR A N   1 
ATOM   112  C  CA  . THR A 1 24  ? 5.868   -10.489 4.579   1.00 17.10 ? 12  THR A CA  1 
ATOM   113  C  C   . THR A 1 24  ? 6.112   -11.605 5.595   1.00 15.13 ? 12  THR A C   1 
ATOM   114  O  O   . THR A 1 24  ? 5.393   -12.598 5.638   1.00 15.86 ? 12  THR A O   1 
ATOM   115  C  CB  . THR A 1 24  ? 4.965   -9.425  5.188   1.00 16.81 ? 12  THR A CB  1 
ATOM   116  O  OG1 . THR A 1 24  ? 3.704   -10.012 5.532   1.00 17.06 ? 12  THR A OG1 1 
ATOM   117  C  CG2 . THR A 1 24  ? 4.749   -8.301  4.185   1.00 19.95 ? 12  THR A CG2 1 
ATOM   118  N  N   . LYS A 1 25  ? 7.117   -11.395 6.438   1.00 15.60 ? 13  LYS A N   1 
ATOM   119  C  CA  . LYS A 1 25  ? 7.468   -12.356 7.474   1.00 19.18 ? 13  LYS A CA  1 
ATOM   120  C  C   . LYS A 1 25  ? 6.371   -12.448 8.539   1.00 18.97 ? 13  LYS A C   1 
ATOM   121  O  O   . LYS A 1 25  ? 6.109   -13.525 9.095   1.00 19.79 ? 13  LYS A O   1 
ATOM   122  C  CB  . LYS A 1 25  ? 8.791   -11.947 8.123   1.00 20.33 ? 13  LYS A CB  1 
ATOM   123  C  CG  . LYS A 1 25  ? 9.213   -12.839 9.287   1.00 29.12 ? 13  LYS A CG  1 
ATOM   124  C  CD  . LYS A 1 25  ? 10.618  -12.508 9.775   1.00 38.61 ? 13  LYS A CD  1 
ATOM   125  C  CE  . LYS A 1 25  ? 10.927  -13.247 11.072  1.00 42.97 ? 13  LYS A CE  1 
ATOM   126  N  NZ  . LYS A 1 25  ? 12.395  -13.391 11.297  1.00 50.90 ? 13  LYS A NZ  1 
ATOM   127  N  N   . ARG A 1 26  ? 5.737   -11.316 8.821   1.00 18.98 ? 14  ARG A N   1 
ATOM   128  C  CA  . ARG A 1 26  ? 4.725   -11.252 9.866   1.00 19.64 ? 14  ARG A CA  1 
ATOM   129  C  C   . ARG A 1 26  ? 3.378   -10.816 9.302   1.00 17.23 ? 14  ARG A C   1 
ATOM   130  O  O   . ARG A 1 26  ? 3.247   -10.424 8.151   1.00 16.51 ? 14  ARG A O   1 
ATOM   131  C  CB  . ARG A 1 26  ? 5.176   -10.277 10.946  1.00 20.05 ? 14  ARG A CB  1 
ATOM   132  C  CG  A ARG A 1 26  ? 6.602   -10.556 11.464  0.65 28.46 ? 14  ARG A CG  1 
ATOM   133  C  CG  B ARG A 1 26  ? 6.564   -10.540 11.506  0.35 22.18 ? 14  ARG A CG  1 
ATOM   134  C  CD  A ARG A 1 26  ? 6.997   -9.686  12.655  0.65 35.08 ? 14  ARG A CD  1 
ATOM   135  C  CD  B ARG A 1 26  ? 6.679   -11.941 12.096  0.35 21.42 ? 14  ARG A CD  1 
ATOM   136  N  NE  A ARG A 1 26  ? 8.258   -10.124 13.273  0.65 44.65 ? 14  ARG A NE  1 
ATOM   137  N  NE  B ARG A 1 26  ? 7.851   -12.056 12.960  0.35 24.37 ? 14  ARG A NE  1 
ATOM   138  C  CZ  A ARG A 1 26  ? 9.488   -9.799  12.856  0.65 48.76 ? 14  ARG A CZ  1 
ATOM   139  C  CZ  B ARG A 1 26  ? 8.382   -13.199 13.391  0.35 23.59 ? 14  ARG A CZ  1 
ATOM   140  N  NH1 A ARG A 1 26  ? 9.670   -9.020  11.794  0.65 53.19 ? 14  ARG A NH1 1 
ATOM   141  N  NH1 B ARG A 1 26  ? 7.866   -14.373 13.037  0.35 25.45 ? 14  ARG A NH1 1 
ATOM   142  N  NH2 A ARG A 1 26  ? 10.552  -10.261 13.507  0.65 49.91 ? 14  ARG A NH2 1 
ATOM   143  N  NH2 B ARG A 1 26  ? 9.453   -13.162 14.173  0.35 28.54 ? 14  ARG A NH2 1 
ATOM   144  N  N   . ARG A 1 27  ? 2.367   -10.862 10.145  1.00 16.48 ? 15  ARG A N   1 
ATOM   145  C  CA  . ARG A 1 27  ? 1.006   -10.532 9.741   1.00 14.63 ? 15  ARG A CA  1 
ATOM   146  C  C   . ARG A 1 27  ? 0.866   -9.094  9.226   1.00 11.40 ? 15  ARG A C   1 
ATOM   147  O  O   . ARG A 1 27  ? 0.158   -8.846  8.234   1.00 14.29 ? 15  ARG A O   1 
ATOM   148  C  CB  . ARG A 1 27  ? 0.054   -10.729 10.932  1.00 16.19 ? 15  ARG A CB  1 
ATOM   149  C  CG  . ARG A 1 27  ? -1.410  -10.586 10.599  1.00 17.63 ? 15  ARG A CG  1 
ATOM   150  C  CD  . ARG A 1 27  ? -2.231  -10.704 11.847  1.00 15.88 ? 15  ARG A CD  1 
ATOM   151  N  NE  . ARG A 1 27  ? -3.642  -10.412 11.625  1.00 18.58 ? 15  ARG A NE  1 
ATOM   152  C  CZ  . ARG A 1 27  ? -4.574  -11.334 11.449  1.00 17.59 ? 15  ARG A CZ  1 
ATOM   153  N  NH1 . ARG A 1 27  ? -4.260  -12.621 11.461  1.00 19.54 ? 15  ARG A NH1 1 
ATOM   154  N  NH2 . ARG A 1 27  ? -5.842  -10.967 11.275  1.00 18.64 ? 15  ARG A NH2 1 
ATOM   155  N  N   . ARG A 1 28  ? 1.478   -8.172  9.971   1.00 13.46 ? 16  ARG A N   1 
ATOM   156  C  CA  . ARG A 1 28  ? 1.412   -6.760  9.635   1.00 14.12 ? 16  ARG A CA  1 
ATOM   157  C  C   . ARG A 1 28  ? 2.821   -6.196  9.454   1.00 15.59 ? 16  ARG A C   1 
ATOM   158  O  O   . ARG A 1 28  ? 3.731   -6.521  10.227  1.00 20.13 ? 16  ARG A O   1 
ATOM   159  C  CB  . ARG A 1 28  ? 0.674   -5.962  10.709  1.00 16.19 ? 16  ARG A CB  1 
ATOM   160  C  CG  . ARG A 1 28  ? -0.759  -6.423  10.950  1.00 14.77 ? 16  ARG A CG  1 
ATOM   161  C  CD  . ARG A 1 28  ? -1.618  -5.386  11.654  1.00 16.89 ? 16  ARG A CD  1 
ATOM   162  N  NE  . ARG A 1 28  ? -1.334  -5.335  13.080  1.00 16.94 ? 16  ARG A NE  1 
ATOM   163  C  CZ  . ARG A 1 28  ? -1.834  -6.189  13.979  1.00 16.68 ? 16  ARG A CZ  1 
ATOM   164  N  NH1 . ARG A 1 28  ? -2.641  -7.166  13.607  1.00 16.52 ? 16  ARG A NH1 1 
ATOM   165  N  NH2 . ARG A 1 28  ? -1.509  -6.074  15.258  1.00 20.33 ? 16  ARG A NH2 1 
ATOM   166  N  N   . GLU A 1 29  ? 2.968   -5.317  8.470   1.00 15.04 ? 17  GLU A N   1 
ATOM   167  C  CA  . GLU A 1 29  ? 4.246   -4.698  8.132   1.00 16.22 ? 17  GLU A CA  1 
ATOM   168  C  C   . GLU A 1 29  ? 4.029   -3.501  7.229   1.00 14.24 ? 17  GLU A C   1 
ATOM   169  O  O   . GLU A 1 29  ? 3.124   -3.530  6.418   1.00 16.05 ? 17  GLU A O   1 
ATOM   170  C  CB  . GLU A 1 29  ? 5.172   -5.705  7.430   1.00 19.14 ? 17  GLU A CB  1 
ATOM   171  C  CG  . GLU A 1 29  ? 6.583   -5.142  7.218   1.00 19.07 ? 17  GLU A CG  1 
ATOM   172  C  CD  . GLU A 1 29  ? 7.584   -6.125  6.616   1.00 19.40 ? 17  GLU A CD  1 
ATOM   173  O  OE1 . GLU A 1 29  ? 7.246   -7.317  6.441   1.00 26.77 ? 17  GLU A OE1 1 
ATOM   174  O  OE2 . GLU A 1 29  ? 8.731   -5.670  6.337   1.00 24.85 ? 17  GLU A OE2 1 
ATOM   175  N  N   . PHE A 1 30  ? 4.838   -2.450  7.397   1.00 13.88 ? 18  PHE A N   1 
ATOM   176  C  CA  . PHE A 1 30  ? 4.894   -1.354  6.438   1.00 14.53 ? 18  PHE A CA  1 
ATOM   177  C  C   . PHE A 1 30  ? 6.196   -1.479  5.662   1.00 13.40 ? 18  PHE A C   1 
ATOM   178  O  O   . PHE A 1 30  ? 7.268   -1.642  6.269   1.00 15.36 ? 18  PHE A O   1 
ATOM   179  C  CB  A PHE A 1 30  ? 4.830   -0.004  7.138   0.65 14.96 ? 18  PHE A CB  1 
ATOM   180  C  CB  B PHE A 1 30  ? 4.932   0.019   7.125   0.35 13.81 ? 18  PHE A CB  1 
ATOM   181  C  CG  A PHE A 1 30  ? 3.588   0.188   7.961   0.65 14.39 ? 18  PHE A CG  1 
ATOM   182  C  CG  B PHE A 1 30  ? 3.601   0.521   7.637   0.35 12.60 ? 18  PHE A CG  1 
ATOM   183  C  CD1 A PHE A 1 30  ? 2.349   0.304   7.363   0.65 16.89 ? 18  PHE A CD1 1 
ATOM   184  C  CD1 B PHE A 1 30  ? 2.412   -0.177  7.451   0.35 12.98 ? 18  PHE A CD1 1 
ATOM   185  C  CD2 A PHE A 1 30  ? 3.661   0.270   9.350   0.65 17.24 ? 18  PHE A CD2 1 
ATOM   186  C  CD2 B PHE A 1 30  ? 3.561   1.738   8.312   0.35 11.96 ? 18  PHE A CD2 1 
ATOM   187  C  CE1 A PHE A 1 30  ? 1.208   0.488   8.128   0.65 18.53 ? 18  PHE A CE1 1 
ATOM   188  C  CE1 B PHE A 1 30  ? 1.204   0.331   7.940   0.35 14.40 ? 18  PHE A CE1 1 
ATOM   189  C  CE2 A PHE A 1 30  ? 2.517   0.446   10.118  0.65 22.25 ? 18  PHE A CE2 1 
ATOM   190  C  CE2 B PHE A 1 30  ? 2.366   2.255   8.812   0.35 13.20 ? 18  PHE A CE2 1 
ATOM   191  C  CZ  A PHE A 1 30  ? 1.299   0.559   9.511   0.65 18.42 ? 18  PHE A CZ  1 
ATOM   192  C  CZ  B PHE A 1 30  ? 1.173   1.553   8.617   0.35 13.74 ? 18  PHE A CZ  1 
ATOM   193  N  N   . ILE A 1 31  ? 6.108   -1.402  4.350   1.00 13.07 ? 19  ILE A N   1 
ATOM   194  C  CA  . ILE A 1 31  ? 7.278   -1.503  3.488   1.00 14.00 ? 19  ILE A CA  1 
ATOM   195  C  C   . ILE A 1 31  ? 7.376   -0.274  2.600   1.00 14.41 ? 19  ILE A C   1 
ATOM   196  O  O   . ILE A 1 31  ? 6.441   0.035   1.892   1.00 12.85 ? 19  ILE A O   1 
ATOM   197  C  CB  . ILE A 1 31  ? 7.215   -2.772  2.626   1.00 14.50 ? 19  ILE A CB  1 
ATOM   198  C  CG1 . ILE A 1 31  ? 7.192   -4.008  3.530   1.00 17.59 ? 19  ILE A CG1 1 
ATOM   199  C  CG2 . ILE A 1 31  ? 8.410   -2.831  1.654   1.00 18.58 ? 19  ILE A CG2 1 
ATOM   200  C  CD1 . ILE A 1 31  ? 7.053   -5.293  2.801   1.00 20.94 ? 19  ILE A CD1 1 
ATOM   201  N  N   . ASN A 1 32  ? 8.504   0.439   2.666   1.00 14.16 ? 20  ASN A N   1 
ATOM   202  C  CA  . ASN A 1 32  ? 8.718   1.605   1.806   1.00 12.51 ? 20  ASN A CA  1 
ATOM   203  C  C   . ASN A 1 32  ? 8.972   1.116   0.375   1.00 14.09 ? 20  ASN A C   1 
ATOM   204  O  O   . ASN A 1 32  ? 9.952   0.441   0.091   1.00 15.50 ? 20  ASN A O   1 
ATOM   205  C  CB  . ASN A 1 32  ? 9.879   2.467   2.324   1.00 12.88 ? 20  ASN A CB  1 
ATOM   206  C  CG  . ASN A 1 32  ? 9.998   3.770   1.618   1.00 15.12 ? 20  ASN A CG  1 
ATOM   207  O  OD1 . ASN A 1 32  ? 9.600   3.896   0.457   1.00 15.57 ? 20  ASN A OD1 1 
ATOM   208  N  ND2 . ASN A 1 32  ? 10.565  4.765   2.307   1.00 15.14 ? 20  ASN A ND2 1 
ATOM   209  N  N   . ILE A 1 33  ? 8.058   1.456   -0.534  1.00 12.70 ? 21  ILE A N   1 
ATOM   210  C  CA  . ILE A 1 33  ? 8.151   1.038   -1.943  1.00 12.25 ? 21  ILE A CA  1 
ATOM   211  C  C   . ILE A 1 33  ? 8.511   2.193   -2.895  1.00 12.85 ? 21  ILE A C   1 
ATOM   212  O  O   . ILE A 1 33  ? 8.525   2.039   -4.118  1.00 12.44 ? 21  ILE A O   1 
ATOM   213  C  CB  . ILE A 1 33  ? 6.853   0.332   -2.440  1.00 13.57 ? 21  ILE A CB  1 
ATOM   214  C  CG1 . ILE A 1 33  ? 5.628   1.240   -2.416  1.00 13.58 ? 21  ILE A CG1 1 
ATOM   215  C  CG2 . ILE A 1 33  ? 6.682   -0.933  -1.621  1.00 13.57 ? 21  ILE A CG2 1 
ATOM   216  C  CD1 . ILE A 1 33  ? 4.393   0.545   -3.033  1.00 14.58 ? 21  ILE A CD1 1 
ATOM   217  N  N   . THR A 1 34  ? 8.828   3.365   -2.332  1.00 12.17 ? 22  THR A N   1 
ATOM   218  C  CA  . THR A 1 34  ? 9.152   4.500   -3.148  1.00 13.01 ? 22  THR A CA  1 
ATOM   219  C  C   . THR A 1 34  ? 10.212  4.223   -4.210  1.00 12.41 ? 22  THR A C   1 
ATOM   220  O  O   . THR A 1 34  ? 10.007  4.588   -5.374  1.00 12.95 ? 22  THR A O   1 
ATOM   221  C  CB  . THR A 1 34  ? 9.549   5.733   -2.307  1.00 12.21 ? 22  THR A CB  1 
ATOM   222  O  OG1 . THR A 1 34  ? 8.691   5.871   -1.168  1.00 13.62 ? 22  THR A OG1 1 
ATOM   223  C  CG2 . THR A 1 34  ? 9.487   6.980   -3.156  1.00 12.77 ? 22  THR A CG2 1 
ATOM   224  N  N   . PRO A 1 35  ? 11.332  3.583   -3.830  1.00 12.19 ? 23  PRO A N   1 
ATOM   225  C  CA  . PRO A 1 35  ? 12.341  3.330   -4.863  1.00 12.94 ? 23  PRO A CA  1 
ATOM   226  C  C   . PRO A 1 35  ? 11.887  2.423   -6.008  1.00 13.32 ? 23  PRO A C   1 
ATOM   227  O  O   . PRO A 1 35  ? 12.378  2.546   -7.134  1.00 14.31 ? 23  PRO A O   1 
ATOM   228  C  CB  . PRO A 1 35  ? 13.491  2.705   -4.089  1.00 15.33 ? 23  PRO A CB  1 
ATOM   229  C  CG  . PRO A 1 35  ? 13.263  3.108   -2.664  1.00 16.75 ? 23  PRO A CG  1 
ATOM   230  C  CD  . PRO A 1 35  ? 11.788  3.154   -2.506  1.00 14.05 ? 23  PRO A CD  1 
ATOM   231  N  N   . LEU A 1 36  ? 10.967  1.512   -5.729  1.00 13.66 ? 24  LEU A N   1 
ATOM   232  C  CA  . LEU A 1 36  ? 10.431  0.634   -6.763  1.00 13.03 ? 24  LEU A CA  1 
ATOM   233  C  C   . LEU A 1 36  ? 9.599   1.451   -7.749  1.00 13.16 ? 24  LEU A C   1 
ATOM   234  O  O   . LEU A 1 36  ? 9.757   1.322   -8.967  1.00 14.70 ? 24  LEU A O   1 
ATOM   235  C  CB  . LEU A 1 36  ? 9.604   -0.487  -6.126  1.00 13.86 ? 24  LEU A CB  1 
ATOM   236  C  CG  . LEU A 1 36  ? 10.350  -1.377  -5.120  1.00 17.30 ? 24  LEU A CG  1 
ATOM   237  C  CD1 . LEU A 1 36  ? 9.372   -2.374  -4.541  1.00 16.95 ? 24  LEU A CD1 1 
ATOM   238  C  CD2 . LEU A 1 36  ? 11.521  -2.062  -5.712  1.00 16.93 ? 24  LEU A CD2 1 
ATOM   239  N  N   . LEU A 1 37  ? 8.725   2.308   -7.225  1.00 13.19 ? 25  LEU A N   1 
ATOM   240  C  CA  . LEU A 1 37  ? 7.935   3.216   -8.051  1.00 12.68 ? 25  LEU A CA  1 
ATOM   241  C  C   . LEU A 1 37  ? 8.805   4.158   -8.901  1.00 12.47 ? 25  LEU A C   1 
ATOM   242  O  O   . LEU A 1 37  ? 8.528   4.399   -10.074 1.00 12.62 ? 25  LEU A O   1 
ATOM   243  C  CB  . LEU A 1 37  ? 6.921   3.986   -7.196  1.00 14.26 ? 25  LEU A CB  1 
ATOM   244  C  CG  . LEU A 1 37  ? 5.578   3.285   -7.009  1.00 16.96 ? 25  LEU A CG  1 
ATOM   245  C  CD1 . LEU A 1 37  ? 5.685   1.970   -6.344  1.00 20.00 ? 25  LEU A CD1 1 
ATOM   246  C  CD2 . LEU A 1 37  ? 4.681   4.215   -6.201  1.00 19.24 ? 25  LEU A CD2 1 
ATOM   247  N  N   . GLU A 1 38  ? 9.892   4.646   -8.323  1.00 12.87 ? 26  GLU A N   1 
ATOM   248  C  CA  . GLU A 1 38  ? 10.833  5.476   -9.068  1.00 12.57 ? 26  GLU A CA  1 
ATOM   249  C  C   . GLU A 1 38  ? 11.367  4.721   -10.296 1.00 12.83 ? 26  GLU A C   1 
ATOM   250  O  O   . GLU A 1 38  ? 11.476  5.296   -11.391 1.00 13.34 ? 26  GLU A O   1 
ATOM   251  C  CB  . GLU A 1 38  ? 11.982  5.897   -8.151  1.00 13.21 ? 26  GLU A CB  1 
ATOM   252  C  CG  . GLU A 1 38  ? 11.539  6.921   -7.117  1.00 19.49 ? 26  GLU A CG  1 
ATOM   253  C  CD  . GLU A 1 38  ? 12.625  7.299   -6.118  1.00 28.53 ? 26  GLU A CD  1 
ATOM   254  O  OE1 . GLU A 1 38  ? 13.483  6.457   -5.784  1.00 31.65 ? 26  GLU A OE1 1 
ATOM   255  O  OE2 . GLU A 1 38  ? 12.588  8.450   -5.644  1.00 33.77 ? 26  GLU A OE2 1 
ATOM   256  N  N   . GLU A 1 39  ? 11.677  3.437   -10.110 1.00 14.00 ? 27  GLU A N   1 
ATOM   257  C  CA  . GLU A 1 39  ? 12.188  2.629   -11.222 1.00 13.62 ? 27  GLU A CA  1 
ATOM   258  C  C   . GLU A 1 39  ? 11.086  2.347   -12.271 1.00 13.33 ? 27  GLU A C   1 
ATOM   259  O  O   . GLU A 1 39  ? 11.348  2.362   -13.457 1.00 13.19 ? 27  GLU A O   1 
ATOM   260  C  CB  . GLU A 1 39  ? 12.805  1.328   -10.704 1.00 13.11 ? 27  GLU A CB  1 
ATOM   261  C  CG  . GLU A 1 39  ? 13.333  0.406   -11.767 1.00 14.17 ? 27  GLU A CG  1 
ATOM   262  C  CD  . GLU A 1 39  ? 14.507  0.960   -12.527 1.00 18.07 ? 27  GLU A CD  1 
ATOM   263  O  OE1 . GLU A 1 39  ? 15.025  2.054   -12.198 1.00 19.07 ? 27  GLU A OE1 1 
ATOM   264  O  OE2 . GLU A 1 39  ? 14.911  0.273   -13.478 1.00 20.80 ? 27  GLU A OE2 1 
ATOM   265  N  N   . CYS A 1 40  ? 9.849   2.131   -11.831 1.00 13.29 ? 28  CYS A N   1 
ATOM   266  C  CA  . CYS A 1 40  ? 8.706   2.043   -12.764 1.00 13.32 ? 28  CYS A CA  1 
ATOM   267  C  C   . CYS A 1 40  ? 8.590   3.285   -13.613 1.00 13.91 ? 28  CYS A C   1 
ATOM   268  O  O   . CYS A 1 40  ? 8.450   3.222   -14.844 1.00 14.82 ? 28  CYS A O   1 
ATOM   269  C  CB  . CYS A 1 40  ? 7.387   1.851   -12.023 1.00 13.33 ? 28  CYS A CB  1 
ATOM   270  S  SG  . CYS A 1 40  ? 7.193   0.268   -11.154 1.00 16.09 ? 28  CYS A SG  1 
ATOM   271  N  N   . VAL A 1 41  ? 8.653   4.435   -12.955 1.00 13.52 ? 29  VAL A N   1 
ATOM   272  C  CA  . VAL A 1 41  ? 8.487   5.703   -13.662 1.00 12.16 ? 29  VAL A CA  1 
ATOM   273  C  C   . VAL A 1 41  ? 9.625   5.840   -14.661 1.00 13.85 ? 29  VAL A C   1 
ATOM   274  O  O   . VAL A 1 41  ? 9.417   6.208   -15.817 1.00 12.68 ? 29  VAL A O   1 
ATOM   275  C  CB  . VAL A 1 41  ? 8.407   6.903   -12.694 1.00 12.61 ? 29  VAL A CB  1 
ATOM   276  C  CG1 . VAL A 1 41  ? 8.442   8.194   -13.479 1.00 14.30 ? 29  VAL A CG1 1 
ATOM   277  C  CG2 . VAL A 1 41  ? 7.137   6.816   -11.892 1.00 13.44 ? 29  VAL A CG2 1 
ATOM   278  N  N   . ARG A 1 42  ? 10.834  5.504   -14.222 1.00 13.30 ? 30  ARG A N   1 
ATOM   279  C  CA  . ARG A 1 42  ? 11.993  5.687   -15.079 1.00 13.38 ? 30  ARG A CA  1 
ATOM   280  C  C   . ARG A 1 42  ? 11.853  4.814   -16.319 1.00 14.24 ? 30  ARG A C   1 
ATOM   281  O  O   . ARG A 1 42  ? 12.007  5.297   -17.442 1.00 15.48 ? 30  ARG A O   1 
ATOM   282  C  CB  . ARG A 1 42  ? 13.282  5.335   -14.333 1.00 14.73 ? 30  ARG A CB  1 
ATOM   283  C  CG  . ARG A 1 42  ? 14.519  5.656   -15.128 1.00 15.01 ? 30  ARG A CG  1 
ATOM   284  C  CD  . ARG A 1 42  ? 15.719  4.908   -14.670 1.00 15.42 ? 30  ARG A CD  1 
ATOM   285  N  NE  . ARG A 1 42  ? 15.575  3.470   -14.859 1.00 17.85 ? 30  ARG A NE  1 
ATOM   286  C  CZ  . ARG A 1 42  ? 15.599  2.839   -16.029 1.00 26.95 ? 30  ARG A CZ  1 
ATOM   287  N  NH1 . ARG A 1 42  ? 15.834  3.489   -17.162 1.00 25.46 ? 30  ARG A NH1 1 
ATOM   288  N  NH2 . ARG A 1 42  ? 15.403  1.525   -16.056 1.00 26.85 ? 30  ARG A NH2 1 
ATOM   289  N  N   . GLU A 1 43  ? 11.564  3.538   -16.115 1.00 14.60 ? 31  GLU A N   1 
ATOM   290  C  CA  . GLU A 1 43  ? 11.528  2.633   -17.250 1.00 15.26 ? 31  GLU A CA  1 
ATOM   291  C  C   . GLU A 1 43  ? 10.328  2.889   -18.179 1.00 17.07 ? 31  GLU A C   1 
ATOM   292  O  O   . GLU A 1 43  ? 10.399  2.615   -19.369 1.00 18.21 ? 31  GLU A O   1 
ATOM   293  C  CB  . GLU A 1 43  ? 11.642  1.166   -16.824 1.00 16.94 ? 31  GLU A CB  1 
ATOM   294  C  CG  . GLU A 1 43  ? 10.478  0.509   -16.250 1.00 21.06 ? 31  GLU A CG  1 
ATOM   295  C  CD  . GLU A 1 43  ? 10.581  -1.042  -16.335 1.00 23.06 ? 31  GLU A CD  1 
ATOM   296  O  OE1 . GLU A 1 43  ? 11.428  -1.539  -17.083 1.00 32.44 ? 31  GLU A OE1 1 
ATOM   297  O  OE2 . GLU A 1 43  ? 9.778   -1.723  -15.688 1.00 28.12 ? 31  GLU A OE2 1 
ATOM   298  N  N   . SER A 1 44  ? 9.263   3.469   -17.662 1.00 15.91 ? 32  SER A N   1 
ATOM   299  C  CA  . SER A 1 44  ? 8.106   3.770   -18.488 1.00 16.49 ? 32  SER A CA  1 
ATOM   300  C  C   . SER A 1 44  ? 8.399   4.731   -19.611 1.00 16.44 ? 32  SER A C   1 
ATOM   301  O  O   . SER A 1 44  ? 7.685   4.735   -20.625 1.00 18.62 ? 32  SER A O   1 
ATOM   302  C  CB  . SER A 1 44  ? 6.978   4.345   -17.640 1.00 17.34 ? 32  SER A CB  1 
ATOM   303  O  OG  . SER A 1 44  ? 7.237   5.690   -17.247 1.00 14.29 ? 32  SER A OG  1 
ATOM   304  N  N   . GLY A 1 45  ? 9.375   5.603   -19.388 1.00 14.61 ? 33  GLY A N   1 
ATOM   305  C  CA  . GLY A 1 45  ? 9.667   6.682   -20.336 1.00 15.96 ? 33  GLY A CA  1 
ATOM   306  C  C   . GLY A 1 45  ? 8.624   7.785   -20.389 1.00 16.61 ? 33  GLY A C   1 
ATOM   307  O  O   . GLY A 1 45  ? 8.711   8.686   -21.227 1.00 18.26 ? 33  GLY A O   1 
ATOM   308  N  N   . ILE A 1 46  ? 7.630   7.728   -19.525 1.00 14.75 ? 34  ILE A N   1 
ATOM   309  C  CA  . ILE A 1 46  ? 6.582   8.731   -19.504 1.00 14.50 ? 34  ILE A CA  1 
ATOM   310  C  C   . ILE A 1 46  ? 7.101   10.020  -18.875 1.00 14.58 ? 34  ILE A C   1 
ATOM   311  O  O   . ILE A 1 46  ? 7.683   9.996   -17.797 1.00 14.63 ? 34  ILE A O   1 
ATOM   312  C  CB  . ILE A 1 46  ? 5.336   8.193   -18.779 1.00 12.96 ? 34  ILE A CB  1 
ATOM   313  C  CG1 . ILE A 1 46  ? 4.716   7.088   -19.642 1.00 17.27 ? 34  ILE A CG1 1 
ATOM   314  C  CG2 . ILE A 1 46  ? 4.320   9.322   -18.459 1.00 15.94 ? 34  ILE A CG2 1 
ATOM   315  C  CD1 . ILE A 1 46  ? 3.700   6.215   -18.951 1.00 15.64 ? 34  ILE A CD1 1 
ATOM   316  N  N   . LYS A 1 47  ? 6.891   11.148  -19.556 1.00 14.01 ? 35  LYS A N   1 
ATOM   317  C  CA  . LYS A 1 47  ? 7.366   12.431  -19.070 1.00 13.55 ? 35  LYS A CA  1 
ATOM   318  C  C   . LYS A 1 47  ? 6.318   13.124  -18.204 1.00 14.84 ? 35  LYS A C   1 
ATOM   319  O  O   . LYS A 1 47  ? 6.657   13.686  -17.171 1.00 14.13 ? 35  LYS A O   1 
ATOM   320  C  CB  A LYS A 1 47  ? 7.769   13.357  -20.215 0.65 14.64 ? 35  LYS A CB  1 
ATOM   321  C  CB  B LYS A 1 47  ? 7.694   13.355  -20.247 0.35 13.20 ? 35  LYS A CB  1 
ATOM   322  C  CG  A LYS A 1 47  ? 8.300   14.676  -19.676 0.65 21.69 ? 35  LYS A CG  1 
ATOM   323  C  CG  B LYS A 1 47  ? 8.787   12.860  -21.171 0.35 12.43 ? 35  LYS A CG  1 
ATOM   324  C  CD  A LYS A 1 47  ? 8.945   15.534  -20.722 0.65 29.18 ? 35  LYS A CD  1 
ATOM   325  C  CD  B LYS A 1 47  ? 8.848   13.711  -22.427 0.35 12.66 ? 35  LYS A CD  1 
ATOM   326  C  CE  A LYS A 1 47  ? 9.057   16.949  -20.221 0.65 28.23 ? 35  LYS A CE  1 
ATOM   327  C  CE  B LYS A 1 47  ? 7.807   13.305  -23.465 0.35 17.34 ? 35  LYS A CE  1 
ATOM   328  N  NZ  A LYS A 1 47  ? 7.705   17.506  -20.103 0.65 19.67 ? 35  LYS A NZ  1 
ATOM   329  N  NZ  B LYS A 1 47  ? 7.877   14.188  -24.662 0.35 25.94 ? 35  LYS A NZ  1 
ATOM   330  N  N   . GLU A 1 48  ? 5.060   13.103  -18.656 1.00 13.79 ? 36  GLU A N   1 
ATOM   331  C  CA  . GLU A 1 48  ? 3.944   13.771  -17.966 1.00 12.03 ? 36  GLU A CA  1 
ATOM   332  C  C   . GLU A 1 48  ? 2.777   12.806  -17.908 1.00 12.60 ? 36  GLU A C   1 
ATOM   333  O  O   . GLU A 1 48  ? 2.402   12.214  -18.920 1.00 15.12 ? 36  GLU A O   1 
ATOM   334  C  CB  . GLU A 1 48  ? 3.519   14.996  -18.757 1.00 13.58 ? 36  GLU A CB  1 
ATOM   335  C  CG  . GLU A 1 48  ? 4.661   15.966  -19.061 1.00 17.30 ? 36  GLU A CG  1 
ATOM   336  C  CD  . GLU A 1 48  ? 5.220   16.640  -17.821 1.00 18.38 ? 36  GLU A CD  1 
ATOM   337  O  OE1 . GLU A 1 48  ? 4.479   16.756  -16.828 1.00 20.89 ? 36  GLU A OE1 1 
ATOM   338  O  OE2 . GLU A 1 48  ? 6.419   17.068  -17.834 1.00 18.77 ? 36  GLU A OE2 1 
ATOM   339  N  N   . GLY A 1 49  ? 2.202   12.630  -16.729 1.00 13.28 ? 37  GLY A N   1 
ATOM   340  C  CA  . GLY A 1 49  ? 1.129   11.671  -16.614 1.00 15.58 ? 37  GLY A CA  1 
ATOM   341  C  C   . GLY A 1 49  ? 0.630   11.505  -15.200 1.00 14.49 ? 37  GLY A C   1 
ATOM   342  O  O   . GLY A 1 49  ? 0.868   12.354  -14.351 1.00 12.71 ? 37  GLY A O   1 
ATOM   343  N  N   . LEU A 1 50  ? -0.087  10.409  -14.971 1.00 13.59 ? 38  LEU A N   1 
ATOM   344  C  CA  . LEU A 1 50  ? -0.580  10.024  -13.659 1.00 13.11 ? 38  LEU A CA  1 
ATOM   345  C  C   . LEU A 1 50  ? -0.188  8.587   -13.422 1.00 13.23 ? 38  LEU A C   1 
ATOM   346  O  O   . LEU A 1 50  ? -0.318  7.753   -14.322 1.00 12.97 ? 38  LEU A O   1 
ATOM   347  C  CB  . LEU A 1 50  ? -2.093  10.142  -13.554 1.00 13.19 ? 38  LEU A CB  1 
ATOM   348  C  CG  . LEU A 1 50  ? -2.717  11.531  -13.639 1.00 15.24 ? 38  LEU A CG  1 
ATOM   349  C  CD1 . LEU A 1 50  ? -4.233  11.433  -13.592 1.00 16.68 ? 38  LEU A CD1 1 
ATOM   350  C  CD2 . LEU A 1 50  ? -2.237  12.387  -12.506 1.00 15.98 ? 38  LEU A CD2 1 
ATOM   351  N  N   . LEU A 1 51  ? 0.249   8.313   -12.200 1.00 12.86 ? 39  LEU A N   1 
ATOM   352  C  CA  . LEU A 1 51  ? 0.588   6.987   -11.728 1.00 10.86 ? 39  LEU A CA  1 
ATOM   353  C  C   . LEU A 1 51  ? -0.425  6.578   -10.662 1.00 12.13 ? 39  LEU A C   1 
ATOM   354  O  O   . LEU A 1 51  ? -0.683  7.303   -9.715  1.00 13.61 ? 39  LEU A O   1 
ATOM   355  C  CB  . LEU A 1 51  ? 1.995   6.966   -11.141 1.00 12.67 ? 39  LEU A CB  1 
ATOM   356  C  CG  . LEU A 1 51  ? 2.483   5.677   -10.478 1.00 13.81 ? 39  LEU A CG  1 
ATOM   357  C  CD1 . LEU A 1 51  ? 4.001   5.615   -10.562 1.00 16.43 ? 39  LEU A CD1 1 
ATOM   358  C  CD2 . LEU A 1 51  ? 2.045   5.528   -9.039  1.00 14.15 ? 39  LEU A CD2 1 
ATOM   359  N  N   . LEU A 1 52  ? -0.994  5.397   -10.827 1.00 12.37 ? 40  LEU A N   1 
ATOM   360  C  CA  . LEU A 1 52  ? -1.797  4.735   -9.822  1.00 11.94 ? 40  LEU A CA  1 
ATOM   361  C  C   . LEU A 1 52  ? -0.970  3.613   -9.233  1.00 11.34 ? 40  LEU A C   1 
ATOM   362  O  O   . LEU A 1 52  ? -0.369  2.840   -9.944  1.00 12.07 ? 40  LEU A O   1 
ATOM   363  C  CB  . LEU A 1 52  ? -3.021  4.140   -10.501 1.00 13.94 ? 40  LEU A CB  1 
ATOM   364  C  CG  . LEU A 1 52  ? -3.874  3.154   -9.704  1.00 12.11 ? 40  LEU A CG  1 
ATOM   365  C  CD1 . LEU A 1 52  ? -4.577  3.834   -8.570  1.00 13.17 ? 40  LEU A CD1 1 
ATOM   366  C  CD2 . LEU A 1 52  ? -4.871  2.422   -10.548 1.00 15.03 ? 40  LEU A CD2 1 
ATOM   367  N  N   . CYS A 1 53  ? -1.002  3.522   -7.914  1.00 12.01 ? 41  CYS A N   1 
ATOM   368  C  CA  . CYS A 1 53  ? -0.441  2.397   -7.238  1.00 12.01 ? 41  CYS A CA  1 
ATOM   369  C  C   . CYS A 1 53  ? -1.430  1.925   -6.186  1.00 12.33 ? 41  CYS A C   1 
ATOM   370  O  O   . CYS A 1 53  ? -1.762  2.678   -5.252  1.00 13.29 ? 41  CYS A O   1 
ATOM   371  C  CB  . CYS A 1 53  ? 0.880   2.790   -6.591  1.00 14.23 ? 41  CYS A CB  1 
ATOM   372  S  SG  . CYS A 1 53  ? 1.693   1.409   -5.765  1.00 14.98 ? 41  CYS A SG  1 
ATOM   373  N  N   . ASN A 1 54  ? -1.870  0.674   -6.318  1.00 12.25 ? 42  ASN A N   1 
ATOM   374  C  CA  . ASN A 1 54  ? -2.893  0.143   -5.439  1.00 12.13 ? 42  ASN A CA  1 
ATOM   375  C  C   . ASN A 1 54  ? -2.603  -1.262  -4.971  1.00 14.03 ? 42  ASN A C   1 
ATOM   376  O  O   . ASN A 1 54  ? -1.978  -2.039  -5.662  1.00 13.09 ? 42  ASN A O   1 
ATOM   377  C  CB  . ASN A 1 54  ? -4.281  0.238   -6.073  1.00 12.96 ? 42  ASN A CB  1 
ATOM   378  C  CG  . ASN A 1 54  ? -4.483  -0.728  -7.238  1.00 14.00 ? 42  ASN A CG  1 
ATOM   379  O  OD1 . ASN A 1 54  ? -4.286  -0.353  -8.398  1.00 16.92 ? 42  ASN A OD1 1 
ATOM   380  N  ND2 . ASN A 1 54  ? -4.912  -1.975  -6.949  1.00 15.37 ? 42  ASN A ND2 1 
ATOM   381  N  N   . ALA A 1 55  ? -3.097  -1.564  -3.762  1.00 13.93 ? 43  ALA A N   1 
ATOM   382  C  CA  . ALA A 1 55  ? -3.110  -2.927  -3.265  1.00 14.26 ? 43  ALA A CA  1 
ATOM   383  C  C   . ALA A 1 55  ? -4.131  -3.708  -4.090  1.00 13.31 ? 43  ALA A C   1 
ATOM   384  O  O   . ALA A 1 55  ? -5.266  -3.271  -4.231  1.00 15.24 ? 43  ALA A O   1 
ATOM   385  C  CB  . ALA A 1 55  ? -3.475  -2.930  -1.823  1.00 15.61 ? 43  ALA A CB  1 
ATOM   386  N  N   . MET A 1 56  ? -3.725  -4.869  -4.600  1.00 12.83 ? 44  MET A N   1 
ATOM   387  C  CA  . MET A 1 56  ? -4.621  -5.733  -5.365  1.00 12.62 ? 44  MET A CA  1 
ATOM   388  C  C   . MET A 1 56  ? -5.389  -6.673  -4.457  1.00 14.44 ? 44  MET A C   1 
ATOM   389  O  O   . MET A 1 56  ? -6.275  -7.384  -4.907  1.00 15.65 ? 44  MET A O   1 
ATOM   390  C  CB  . MET A 1 56  ? -3.841  -6.531  -6.386  1.00 13.77 ? 44  MET A CB  1 
ATOM   391  C  CG  . MET A 1 56  ? -3.098  -5.656  -7.349  1.00 13.58 ? 44  MET A CG  1 
ATOM   392  S  SD  . MET A 1 56  ? -2.353  -6.556  -8.733  1.00 16.23 ? 44  MET A SD  1 
ATOM   393  C  CE  . MET A 1 56  ? -3.725  -6.741  -9.854  1.00 17.28 ? 44  MET A CE  1 
ATOM   394  N  N   . HIS A 1 57  ? -5.036  -6.671  -3.184  1.00 14.67 ? 45  HIS A N   1 
ATOM   395  C  CA  . HIS A 1 57  ? -5.705  -7.479  -2.158  1.00 14.92 ? 45  HIS A CA  1 
ATOM   396  C  C   . HIS A 1 57  ? -6.467  -6.561  -1.242  1.00 15.47 ? 45  HIS A C   1 
ATOM   397  O  O   . HIS A 1 57  ? -6.094  -5.411  -1.027  1.00 16.89 ? 45  HIS A O   1 
ATOM   398  C  CB  . HIS A 1 57  ? -4.663  -8.322  -1.428  1.00 15.25 ? 45  HIS A CB  1 
ATOM   399  C  CG  . HIS A 1 57  ? -4.038  -9.335  -2.321  1.00 15.68 ? 45  HIS A CG  1 
ATOM   400  N  ND1 . HIS A 1 57  ? -4.431  -10.654 -2.364  1.00 18.20 ? 45  HIS A ND1 1 
ATOM   401  C  CD2 . HIS A 1 57  ? -3.089  -9.187  -3.269  1.00 19.23 ? 45  HIS A CD2 1 
ATOM   402  C  CE1 . HIS A 1 57  ? -3.740  -11.272 -3.315  1.00 17.83 ? 45  HIS A CE1 1 
ATOM   403  N  NE2 . HIS A 1 57  ? -2.922  -10.402 -3.875  1.00 20.92 ? 45  HIS A NE2 1 
ATOM   404  N  N   . ILE A 1 58  ? -7.558  -7.079  -0.700  1.00 13.04 ? 46  ILE A N   1 
ATOM   405  C  CA  . ILE A 1 58  ? -8.534  -6.267  0.019   1.00 13.83 ? 46  ILE A CA  1 
ATOM   406  C  C   . ILE A 1 58  ? -8.269  -6.216  1.522   1.00 14.52 ? 46  ILE A C   1 
ATOM   407  O  O   . ILE A 1 58  ? -9.105  -5.716  2.290   1.00 14.05 ? 46  ILE A O   1 
ATOM   408  C  CB  . ILE A 1 58  ? -9.984  -6.726  -0.333  1.00 15.24 ? 46  ILE A CB  1 
ATOM   409  C  CG1 . ILE A 1 58  ? -10.176 -8.203  0.014   1.00 15.09 ? 46  ILE A CG1 1 
ATOM   410  C  CG2 . ILE A 1 58  ? -10.280 -6.476  -1.815  1.00 18.09 ? 46  ILE A CG2 1 
ATOM   411  C  CD1 . ILE A 1 58  ? -11.585 -8.710  -0.175  1.00 20.21 ? 46  ILE A CD1 1 
ATOM   412  N  N   . THR A 1 59  ? -7.089  -6.707  1.908   1.00 13.93 ? 47  THR A N   1 
ATOM   413  C  CA  . THR A 1 59  ? -6.589  -6.704  3.269   1.00 13.69 ? 47  THR A CA  1 
ATOM   414  C  C   . THR A 1 59  ? -5.234  -6.003  3.385   1.00 13.59 ? 47  THR A C   1 
ATOM   415  O  O   . THR A 1 59  ? -4.480  -6.232  4.340   1.00 14.73 ? 47  THR A O   1 
ATOM   416  C  CB  . THR A 1 59  ? -6.432  -8.132  3.774   1.00 13.36 ? 47  THR A CB  1 
ATOM   417  O  OG1 . THR A 1 59  ? -5.669  -8.880  2.830   1.00 15.16 ? 47  THR A OG1 1 
ATOM   418  C  CG2 . THR A 1 59  ? -7.788  -8.762  3.950   1.00 12.95 ? 47  THR A CG2 1 
ATOM   419  N  N   . ALA A 1 60  ? -4.942  -5.139  2.418   1.00 13.17 ? 48  ALA A N   1 
ATOM   420  C  CA  . ALA A 1 60  ? -3.709  -4.390  2.408   1.00 12.49 ? 48  ALA A CA  1 
ATOM   421  C  C   . ALA A 1 60  ? -3.921  -3.037  1.761   1.00 13.75 ? 48  ALA A C   1 
ATOM   422  O  O   . ALA A 1 60  ? -4.947  -2.756  1.138   1.00 14.67 ? 48  ALA A O   1 
ATOM   423  C  CB  . ALA A 1 60  ? -2.649  -5.169  1.690   1.00 13.63 ? 48  ALA A CB  1 
ATOM   424  N  N   . SER A 1 61  ? -2.944  -2.160  1.965   1.00 13.53 ? 49  SER A N   1 
ATOM   425  C  CA  . SER A 1 61  ? -3.027  -0.756  1.550   1.00 12.91 ? 49  SER A CA  1 
ATOM   426  C  C   . SER A 1 61  ? -1.819  -0.310  0.785   1.00 13.01 ? 49  SER A C   1 
ATOM   427  O  O   . SER A 1 61  ? -0.742  -0.853  0.961   1.00 14.42 ? 49  SER A O   1 
ATOM   428  C  CB  . SER A 1 61  ? -3.117  0.155   2.784   1.00 14.61 ? 49  SER A CB  1 
ATOM   429  O  OG  . SER A 1 61  ? -4.329  -0.058  3.474   1.00 16.61 ? 49  SER A OG  1 
ATOM   430  N  N   . VAL A 1 62  ? -2.004  0.728   -0.026  1.00 12.45 ? 50  VAL A N   1 
ATOM   431  C  CA  . VAL A 1 62  ? -0.905  1.574   -0.487  1.00 12.75 ? 50  VAL A CA  1 
ATOM   432  C  C   . VAL A 1 62  ? -1.227  3.010   -0.066  1.00 14.62 ? 50  VAL A C   1 
ATOM   433  O  O   . VAL A 1 62  ? -2.329  3.494   -0.269  1.00 12.91 ? 50  VAL A O   1 
ATOM   434  C  CB  . VAL A 1 62  ? -0.687  1.488   -1.977  1.00 14.22 ? 50  VAL A CB  1 
ATOM   435  C  CG1 . VAL A 1 62  ? 0.364   2.475   -2.421  1.00 13.98 ? 50  VAL A CG1 1 
ATOM   436  C  CG2 . VAL A 1 62  ? -0.268  0.082   -2.372  1.00 16.50 ? 50  VAL A CG2 1 
ATOM   437  N  N   . PHE A 1 63  ? -0.287  3.661   0.606   1.00 13.08 ? 51  PHE A N   1 
ATOM   438  C  CA  . PHE A 1 63  ? -0.505  4.993   1.168   1.00 12.35 ? 51  PHE A CA  1 
ATOM   439  C  C   . PHE A 1 63  ? 0.811   5.730   1.174   1.00 12.80 ? 51  PHE A C   1 
ATOM   440  O  O   . PHE A 1 63  ? 1.883   5.140   0.963   1.00 13.87 ? 51  PHE A O   1 
ATOM   441  C  CB  . PHE A 1 63  ? -1.109  4.926   2.577   1.00 13.37 ? 51  PHE A CB  1 
ATOM   442  C  CG  . PHE A 1 63  ? -0.174  4.319   3.618   1.00 12.91 ? 51  PHE A CG  1 
ATOM   443  C  CD1 . PHE A 1 63  ? -0.084  2.948   3.808   1.00 14.09 ? 51  PHE A CD1 1 
ATOM   444  C  CD2 . PHE A 1 63  ? 0.631   5.130   4.388   1.00 14.50 ? 51  PHE A CD2 1 
ATOM   445  C  CE1 . PHE A 1 63  ? 0.815   2.398   4.730   1.00 13.51 ? 51  PHE A CE1 1 
ATOM   446  C  CE2 . PHE A 1 63  ? 1.478   4.598   5.336   1.00 15.18 ? 51  PHE A CE2 1 
ATOM   447  C  CZ  . PHE A 1 63  ? 1.581   3.227   5.494   1.00 14.69 ? 51  PHE A CZ  1 
ATOM   448  N  N   . ILE A 1 64  ? 0.696   7.039   1.370   1.00 13.33 ? 52  ILE A N   1 
ATOM   449  C  CA  . ILE A 1 64  ? 1.844   7.923   1.472   1.00 11.97 ? 52  ILE A CA  1 
ATOM   450  C  C   . ILE A 1 64  ? 1.910   8.538   2.860   1.00 12.50 ? 52  ILE A C   1 
ATOM   451  O  O   . ILE A 1 64  ? 0.935   9.131   3.339   1.00 14.34 ? 52  ILE A O   1 
ATOM   452  C  CB  . ILE A 1 64  ? 1.824   9.028   0.404   1.00 13.95 ? 52  ILE A CB  1 
ATOM   453  C  CG1 . ILE A 1 64  ? 2.237   8.419   -0.948  1.00 13.41 ? 52  ILE A CG1 1 
ATOM   454  C  CG2 . ILE A 1 64  ? 2.778   10.152  0.750   1.00 13.80 ? 52  ILE A CG2 1 
ATOM   455  C  CD1 . ILE A 1 64  ? 1.899   9.214   -2.156  1.00 14.18 ? 52  ILE A CD1 1 
ATOM   456  N  N   . ASN A 1 65  ? 3.071   8.420   3.507   1.00 12.30 ? 53  ASN A N   1 
ATOM   457  C  CA  . ASN A 1 65  ? 3.289   9.132   4.753   1.00 12.83 ? 53  ASN A CA  1 
ATOM   458  C  C   . ASN A 1 65  ? 4.772   9.136   5.086   1.00 15.42 ? 53  ASN A C   1 
ATOM   459  O  O   . ASN A 1 65  ? 5.570   8.968   4.208   1.00 15.50 ? 53  ASN A O   1 
ATOM   460  C  CB  . ASN A 1 65  ? 2.385   8.585   5.877   1.00 14.47 ? 53  ASN A CB  1 
ATOM   461  C  CG  . ASN A 1 65  ? 1.903   9.710   6.791   1.00 15.82 ? 53  ASN A CG  1 
ATOM   462  O  OD1 . ASN A 1 65  ? 2.703   10.250  7.562   1.00 17.14 ? 53  ASN A OD1 1 
ATOM   463  N  ND2 . ASN A 1 65  ? 0.656   10.163  6.604   1.00 16.07 ? 53  ASN A ND2 1 
ATOM   464  N  N   . ASP A 1 66  ? 5.134   9.339   6.344   1.00 16.43 ? 54  ASP A N   1 
ATOM   465  C  CA  . ASP A 1 66  ? 6.544   9.478   6.723   1.00 16.94 ? 54  ASP A CA  1 
ATOM   466  C  C   . ASP A 1 66  ? 7.219   8.129   6.879   1.00 17.27 ? 54  ASP A C   1 
ATOM   467  O  O   . ASP A 1 66  ? 6.615   7.188   7.384   1.00 21.03 ? 54  ASP A O   1 
ATOM   468  C  CB  . ASP A 1 66  ? 6.613   10.186  8.086   1.00 18.75 ? 54  ASP A CB  1 
ATOM   469  C  CG  . ASP A 1 66  ? 7.929   10.933  8.326   1.00 23.23 ? 54  ASP A CG  1 
ATOM   470  O  OD1 . ASP A 1 66  ? 8.862   10.942  7.491   1.00 23.84 ? 54  ASP A OD1 1 
ATOM   471  O  OD2 . ASP A 1 66  ? 7.999   11.554  9.408   1.00 23.41 ? 54  ASP A OD2 1 
ATOM   472  N  N   . ASP A 1 67  ? 8.486   8.050   6.493   1.00 17.88 ? 55  ASP A N   1 
ATOM   473  C  CA  . ASP A 1 67  ? 9.309   6.901   6.836   1.00 17.62 ? 55  ASP A CA  1 
ATOM   474  C  C   . ASP A 1 67  ? 10.072  7.217   8.121   1.00 18.24 ? 55  ASP A C   1 
ATOM   475  O  O   . ASP A 1 67  ? 11.209  7.669   8.105   1.00 18.79 ? 55  ASP A O   1 
ATOM   476  C  CB  . ASP A 1 67  ? 10.282  6.552   5.701   1.00 19.38 ? 55  ASP A CB  1 
ATOM   477  C  CG  . ASP A 1 67  ? 10.859  5.144   5.825   1.00 21.94 ? 55  ASP A CG  1 
ATOM   478  O  OD1 . ASP A 1 67  ? 10.552  4.425   6.811   1.00 27.42 ? 55  ASP A OD1 1 
ATOM   479  O  OD2 . ASP A 1 67  ? 11.642  4.751   4.934   1.00 25.96 ? 55  ASP A OD2 1 
ATOM   480  N  N   . GLU A 1 68  ? 9.400   7.014   9.237   1.00 18.55 ? 56  GLU A N   1 
ATOM   481  C  CA  . GLU A 1 68  ? 9.950   7.309   10.556  1.00 19.27 ? 56  GLU A CA  1 
ATOM   482  C  C   . GLU A 1 68  ? 9.427   6.208   11.474  1.00 18.48 ? 56  GLU A C   1 
ATOM   483  O  O   . GLU A 1 68  ? 8.230   5.977   11.522  1.00 18.17 ? 56  GLU A O   1 
ATOM   484  C  CB  . GLU A 1 68  ? 9.498   8.692   11.015  1.00 19.04 ? 56  GLU A CB  1 
ATOM   485  C  CG  . GLU A 1 68  ? 10.262  9.248   12.184  1.00 21.46 ? 56  GLU A CG  1 
ATOM   486  C  CD  . GLU A 1 68  ? 9.761   8.721   13.515  1.00 23.66 ? 56  GLU A CD  1 
ATOM   487  O  OE1 . GLU A 1 68  ? 8.550   8.847   13.786  1.00 19.09 ? 56  GLU A OE1 1 
ATOM   488  O  OE2 . GLU A 1 68  ? 10.574  8.180   14.290  1.00 23.24 ? 56  GLU A OE2 1 
ATOM   489  N  N   . PRO A 1 69  ? 10.317  5.508   12.193  1.00 18.67 ? 57  PRO A N   1 
ATOM   490  C  CA  . PRO A 1 69  ? 9.891   4.335   12.949  1.00 18.79 ? 57  PRO A CA  1 
ATOM   491  C  C   . PRO A 1 69  ? 8.891   4.625   14.060  1.00 16.19 ? 57  PRO A C   1 
ATOM   492  O  O   . PRO A 1 69  ? 8.018   3.800   14.310  1.00 17.47 ? 57  PRO A O   1 
ATOM   493  C  CB  . PRO A 1 69  ? 11.196  3.775   13.520  1.00 21.58 ? 57  PRO A CB  1 
ATOM   494  C  CG  . PRO A 1 69  ? 12.186  4.845   13.414  1.00 22.97 ? 57  PRO A CG  1 
ATOM   495  C  CD  . PRO A 1 69  ? 11.768  5.745   12.309  1.00 20.14 ? 57  PRO A CD  1 
ATOM   496  N  N   . GLY A 1 70  ? 9.031   5.768   14.724  1.00 16.79 ? 58  GLY A N   1 
ATOM   497  C  CA  . GLY A 1 70  ? 8.089   6.160   15.767  1.00 15.06 ? 58  GLY A CA  1 
ATOM   498  C  C   . GLY A 1 70  ? 6.689   6.247   15.199  1.00 13.16 ? 58  GLY A C   1 
ATOM   499  O  O   . GLY A 1 70  ? 5.736   5.726   15.777  1.00 15.39 ? 58  GLY A O   1 
ATOM   500  N  N   . LEU A 1 71  ? 6.555   6.880   14.039  1.00 14.07 ? 59  LEU A N   1 
ATOM   501  C  CA  . LEU A 1 71  ? 5.241   7.021   13.415  1.00 15.08 ? 59  LEU A CA  1 
ATOM   502  C  C   . LEU A 1 71  ? 4.662   5.688   12.976  1.00 14.92 ? 59  LEU A C   1 
ATOM   503  O  O   . LEU A 1 71  ? 3.465   5.461   13.114  1.00 14.95 ? 59  LEU A O   1 
ATOM   504  C  CB  . LEU A 1 71  ? 5.292   8.013   12.262  1.00 16.00 ? 59  LEU A CB  1 
ATOM   505  C  CG  . LEU A 1 71  ? 3.929   8.389   11.696  1.00 19.13 ? 59  LEU A CG  1 
ATOM   506  C  CD1 . LEU A 1 71  ? 3.182   9.202   12.752  1.00 19.10 ? 59  LEU A CD1 1 
ATOM   507  C  CD2 . LEU A 1 71  ? 4.002   9.192   10.407  1.00 20.05 ? 59  LEU A CD2 1 
ATOM   508  N  N   . HIS A 1 72  ? 5.512   4.791   12.471  1.00 15.18 ? 60  HIS A N   1 
ATOM   509  C  CA  . HIS A 1 72  ? 5.052   3.450   12.119  1.00 15.30 ? 60  HIS A CA  1 
ATOM   510  C  C   . HIS A 1 72  ? 4.488   2.725   13.321  1.00 14.17 ? 60  HIS A C   1 
ATOM   511  O  O   . HIS A 1 72  ? 3.430   2.107   13.230  1.00 16.05 ? 60  HIS A O   1 
ATOM   512  C  CB  . HIS A 1 72  ? 6.167   2.655   11.483  1.00 16.94 ? 60  HIS A CB  1 
ATOM   513  C  CG  . HIS A 1 72  ? 6.574   3.193   10.155  1.00 18.15 ? 60  HIS A CG  1 
ATOM   514  N  ND1 . HIS A 1 72  ? 7.660   2.708   9.463   1.00 25.91 ? 60  HIS A ND1 1 
ATOM   515  C  CD2 . HIS A 1 72  ? 6.056   4.189   9.394   1.00 22.74 ? 60  HIS A CD2 1 
ATOM   516  C  CE1 . HIS A 1 72  ? 7.787   3.367   8.325   1.00 28.76 ? 60  HIS A CE1 1 
ATOM   517  N  NE2 . HIS A 1 72  ? 6.828   4.271   8.256   1.00 25.41 ? 60  HIS A NE2 1 
ATOM   518  N  N   . HIS A 1 73  ? 5.183   2.842   14.446  1.00 13.36 ? 61  HIS A N   1 
ATOM   519  C  CA  . HIS A 1 73  ? 4.668   2.322   15.692  1.00 13.49 ? 61  HIS A CA  1 
ATOM   520  C  C   . HIS A 1 73  ? 3.319   2.960   16.047  1.00 15.23 ? 61  HIS A C   1 
ATOM   521  O  O   . HIS A 1 73  ? 2.363   2.268   16.398  1.00 15.37 ? 61  HIS A O   1 
ATOM   522  C  CB  . HIS A 1 73  ? 5.673   2.524   16.829  1.00 15.01 ? 61  HIS A CB  1 
ATOM   523  C  CG  . HIS A 1 73  ? 5.129   2.148   18.163  1.00 22.16 ? 61  HIS A CG  1 
ATOM   524  N  ND1 . HIS A 1 73  ? 5.155   0.856   18.639  1.00 30.70 ? 61  HIS A ND1 1 
ATOM   525  C  CD2 . HIS A 1 73  ? 4.500   2.887   19.108  1.00 27.17 ? 61  HIS A CD2 1 
ATOM   526  C  CE1 . HIS A 1 73  ? 4.589   0.821   19.834  1.00 26.85 ? 61  HIS A CE1 1 
ATOM   527  N  NE2 . HIS A 1 73  ? 4.195   2.044   20.147  1.00 25.24 ? 61  HIS A NE2 1 
ATOM   528  N  N   . ASP A 1 74  ? 3.222   4.275   15.906  1.00 13.62 ? 62  ASP A N   1 
ATOM   529  C  CA  . ASP A 1 74  ? 1.972   4.963   16.204  1.00 13.58 ? 62  ASP A CA  1 
ATOM   530  C  C   . ASP A 1 74  ? 0.820   4.494   15.313  1.00 14.10 ? 62  ASP A C   1 
ATOM   531  O  O   . ASP A 1 74  ? -0.283  4.294   15.800  1.00 14.56 ? 62  ASP A O   1 
ATOM   532  C  CB  . ASP A 1 74  ? 2.146   6.479   16.054  1.00 12.58 ? 62  ASP A CB  1 
ATOM   533  C  CG  . ASP A 1 74  ? 3.167   7.063   17.035  1.00 15.22 ? 62  ASP A CG  1 
ATOM   534  O  OD1 . ASP A 1 74  ? 3.366   6.469   18.125  1.00 15.20 ? 62  ASP A OD1 1 
ATOM   535  O  OD2 . ASP A 1 74  ? 3.765   8.106   16.728  1.00 15.29 ? 62  ASP A OD2 1 
ATOM   536  N  N   . PHE A 1 75  ? 1.069   4.270   14.026  1.00 14.48 ? 63  PHE A N   1 
ATOM   537  C  CA  . PHE A 1 75  ? 0.019   3.747   13.141  1.00 15.22 ? 63  PHE A CA  1 
ATOM   538  C  C   . PHE A 1 75  ? -0.435  2.355   13.610  1.00 14.46 ? 63  PHE A C   1 
ATOM   539  O  O   . PHE A 1 75  ? -1.617  2.047   13.599  1.00 13.85 ? 63  PHE A O   1 
ATOM   540  C  CB  . PHE A 1 75  ? 0.475   3.685   11.663  1.00 14.22 ? 63  PHE A CB  1 
ATOM   541  C  CG  . PHE A 1 75  ? 0.287   4.963   10.910  1.00 15.88 ? 63  PHE A CG  1 
ATOM   542  C  CD1 . PHE A 1 75  ? -0.972  5.460   10.657  1.00 16.76 ? 63  PHE A CD1 1 
ATOM   543  C  CD2 . PHE A 1 75  ? 1.375   5.630   10.390  1.00 20.99 ? 63  PHE A CD2 1 
ATOM   544  C  CE1 . PHE A 1 75  ? -1.128  6.629   9.912   1.00 17.58 ? 63  PHE A CE1 1 
ATOM   545  C  CE2 . PHE A 1 75  ? 1.214   6.794   9.665   1.00 21.78 ? 63  PHE A CE2 1 
ATOM   546  C  CZ  . PHE A 1 75  ? -0.026  7.286   9.428   1.00 19.21 ? 63  PHE A CZ  1 
ATOM   547  N  N   . GLU A 1 76  ? 0.510   1.504   13.981  1.00 13.77 ? 64  GLU A N   1 
ATOM   548  C  CA  . GLU A 1 76  ? 0.171   0.163   14.476  1.00 16.53 ? 64  GLU A CA  1 
ATOM   549  C  C   . GLU A 1 76  ? -0.764  0.242   15.673  1.00 15.20 ? 64  GLU A C   1 
ATOM   550  O  O   . GLU A 1 76  ? -1.819  -0.428  15.727  1.00 16.13 ? 64  GLU A O   1 
ATOM   551  C  CB  . GLU A 1 76  ? 1.451   -0.617  14.808  1.00 17.28 ? 64  GLU A CB  1 
ATOM   552  C  CG  . GLU A 1 76  ? 1.269   -1.799  15.749  1.00 21.82 ? 64  GLU A CG  1 
ATOM   553  C  CD  . GLU A 1 76  ? 0.510   -2.980  15.170  1.00 28.84 ? 64  GLU A CD  1 
ATOM   554  O  OE1 . GLU A 1 76  ? 0.372   -3.099  13.941  1.00 23.60 ? 64  GLU A OE1 1 
ATOM   555  O  OE2 . GLU A 1 76  ? 0.063   -3.828  15.978  1.00 25.77 ? 64  GLU A OE2 1 
ATOM   556  N  N   . VAL A 1 77  ? -0.384  1.057   16.641  1.00 14.71 ? 65  VAL A N   1 
ATOM   557  C  CA  . VAL A 1 77  ? -1.186  1.225   17.858  1.00 15.53 ? 65  VAL A CA  1 
ATOM   558  C  C   . VAL A 1 77  ? -2.578  1.800   17.524  1.00 14.26 ? 65  VAL A C   1 
ATOM   559  O  O   . VAL A 1 77  ? -3.594  1.348   18.028  1.00 14.48 ? 65  VAL A O   1 
ATOM   560  C  CB  . VAL A 1 77  ? -0.459  2.143   18.874  1.00 15.54 ? 65  VAL A CB  1 
ATOM   561  C  CG1 . VAL A 1 77  ? -1.383  2.526   20.015  1.00 19.03 ? 65  VAL A CG1 1 
ATOM   562  C  CG2 . VAL A 1 77  ? 0.811   1.456   19.376  1.00 17.36 ? 65  VAL A CG2 1 
ATOM   563  N  N   . TRP A 1 78  ? -2.604  2.798   16.652  1.00 13.49 ? 66  TRP A N   1 
ATOM   564  C  CA  . TRP A 1 78  ? -3.855  3.476   16.281  1.00 13.22 ? 66  TRP A CA  1 
ATOM   565  C  C   . TRP A 1 78  ? -4.807  2.588   15.513  1.00 13.10 ? 66  TRP A C   1 
ATOM   566  O  O   . TRP A 1 78  ? -5.992  2.555   15.796  1.00 13.21 ? 66  TRP A O   1 
ATOM   567  C  CB  . TRP A 1 78  ? -3.477  4.677   15.448  1.00 13.52 ? 66  TRP A CB  1 
ATOM   568  C  CG  . TRP A 1 78  ? -4.555  5.554   15.008  1.00 13.52 ? 66  TRP A CG  1 
ATOM   569  C  CD1 . TRP A 1 78  ? -5.389  6.276   15.801  1.00 12.32 ? 66  TRP A CD1 1 
ATOM   570  C  CD2 . TRP A 1 78  ? -4.870  5.909   13.663  1.00 13.58 ? 66  TRP A CD2 1 
ATOM   571  N  NE1 . TRP A 1 78  ? -6.223  7.059   15.024  1.00 15.00 ? 66  TRP A NE1 1 
ATOM   572  C  CE2 . TRP A 1 78  ? -5.914  6.848   13.713  1.00 13.27 ? 66  TRP A CE2 1 
ATOM   573  C  CE3 . TRP A 1 78  ? -4.367  5.525   12.408  1.00 15.27 ? 66  TRP A CE3 1 
ATOM   574  C  CZ2 . TRP A 1 78  ? -6.467  7.405   12.564  1.00 14.73 ? 66  TRP A CZ2 1 
ATOM   575  C  CZ3 . TRP A 1 78  ? -4.928  6.092   11.257  1.00 14.96 ? 66  TRP A CZ3 1 
ATOM   576  C  CH2 . TRP A 1 78  ? -5.962  7.011   11.348  1.00 15.39 ? 66  TRP A CH2 1 
ATOM   577  N  N   . LEU A 1 79  ? -4.279  1.825   14.577  1.00 13.93 ? 67  LEU A N   1 
ATOM   578  C  CA  . LEU A 1 79  ? -5.097  0.934   13.800  1.00 14.02 ? 67  LEU A CA  1 
ATOM   579  C  C   . LEU A 1 79  ? -5.636  -0.190  14.647  1.00 12.74 ? 67  LEU A C   1 
ATOM   580  O  O   . LEU A 1 79  ? -6.740  -0.678  14.396  1.00 15.58 ? 67  LEU A O   1 
ATOM   581  C  CB  . LEU A 1 79  ? -4.309  0.361   12.618  1.00 13.62 ? 67  LEU A CB  1 
ATOM   582  C  CG  . LEU A 1 79  ? -3.952  1.355   11.512  1.00 13.58 ? 67  LEU A CG  1 
ATOM   583  C  CD1 . LEU A 1 79  ? -2.874  0.817   10.560  1.00 17.06 ? 67  LEU A CD1 1 
ATOM   584  C  CD2 . LEU A 1 79  ? -5.228  1.728   10.739  1.00 16.59 ? 67  LEU A CD2 1 
ATOM   585  N  N   . GLU A 1 80  ? -4.864  -0.635  15.634  1.00 14.59 ? 68  GLU A N   1 
ATOM   586  C  CA  . GLU A 1 80  ? -5.359  -1.640  16.563  1.00 15.34 ? 68  GLU A CA  1 
ATOM   587  C  C   . GLU A 1 80  ? -6.478  -1.095  17.448  1.00 14.11 ? 68  GLU A C   1 
ATOM   588  O  O   . GLU A 1 80  ? -7.378  -1.837  17.869  1.00 17.58 ? 68  GLU A O   1 
ATOM   589  C  CB  . GLU A 1 80  ? -4.240  -2.231  17.416  1.00 14.26 ? 68  GLU A CB  1 
ATOM   590  C  CG  . GLU A 1 80  ? -3.595  -3.461  16.807  1.00 18.32 ? 68  GLU A CG  1 
ATOM   591  C  CD  . GLU A 1 80  ? -4.482  -4.678  16.914  1.00 17.88 ? 68  GLU A CD  1 
ATOM   592  O  OE1 . GLU A 1 80  ? -4.461  -5.361  17.964  1.00 19.62 ? 68  GLU A OE1 1 
ATOM   593  O  OE2 . GLU A 1 80  ? -5.223  -4.965  15.947  1.00 15.39 ? 68  GLU A OE2 1 
ATOM   594  N  N   . LYS A 1 81  ? -6.424  0.186   17.771  1.00 13.80 ? 69  LYS A N   1 
ATOM   595  C  CA  . LYS A 1 81  ? -7.490  0.845   18.502  1.00 16.45 ? 69  LYS A CA  1 
ATOM   596  C  C   . LYS A 1 81  ? -8.741  0.979   17.656  1.00 15.99 ? 69  LYS A C   1 
ATOM   597  O  O   . LYS A 1 81  ? -9.832  0.706   18.121  1.00 16.68 ? 69  LYS A O   1 
ATOM   598  C  CB  A LYS A 1 81  ? -7.019  2.198   19.015  0.65 16.30 ? 69  LYS A CB  1 
ATOM   599  C  CB  B LYS A 1 81  ? -7.061  2.229   18.964  0.35 15.78 ? 69  LYS A CB  1 
ATOM   600  C  CG  A LYS A 1 81  ? -8.091  2.951   19.786  0.65 22.47 ? 69  LYS A CG  1 
ATOM   601  C  CG  B LYS A 1 81  ? -6.085  2.241   20.104  0.35 15.97 ? 69  LYS A CG  1 
ATOM   602  C  CD  A LYS A 1 81  ? -7.528  4.134   20.570  0.65 28.58 ? 69  LYS A CD  1 
ATOM   603  C  CD  B LYS A 1 81  ? -6.088  3.598   20.772  0.35 20.12 ? 69  LYS A CD  1 
ATOM   604  N  N   . LEU A 1 82  ? -8.599  1.398   16.413  1.00 15.84 ? 70  LEU A N   1 
ATOM   605  C  CA  . LEU A 1 82  ? -9.762  1.622   15.568  1.00 15.46 ? 70  LEU A CA  1 
ATOM   606  C  C   . LEU A 1 82  ? -10.384 0.354   15.030  1.00 14.55 ? 70  LEU A C   1 
ATOM   607  O  O   . LEU A 1 82  ? -11.602 0.316   14.805  1.00 16.39 ? 70  LEU A O   1 
ATOM   608  C  CB  . LEU A 1 82  ? -9.381  2.497   14.389  1.00 16.64 ? 70  LEU A CB  1 
ATOM   609  C  CG  . LEU A 1 82  ? -8.912  3.915   14.658  1.00 21.66 ? 70  LEU A CG  1 
ATOM   610  C  CD1 . LEU A 1 82  ? -8.658  4.609   13.351  1.00 25.30 ? 70  LEU A CD1 1 
ATOM   611  C  CD2 . LEU A 1 82  ? -9.923  4.644   15.486  1.00 23.64 ? 70  LEU A CD2 1 
ATOM   612  N  N   . ALA A 1 83  ? -9.555  -0.672  14.803  1.00 13.79 ? 71  ALA A N   1 
ATOM   613  C  CA  . ALA A 1 83  ? -9.994  -1.915  14.167  1.00 12.18 ? 71  ALA A CA  1 
ATOM   614  C  C   . ALA A 1 83  ? -9.223  -3.102  14.726  1.00 13.06 ? 71  ALA A C   1 
ATOM   615  O  O   . ALA A 1 83  ? -8.372  -3.671  14.060  1.00 14.41 ? 71  ALA A O   1 
ATOM   616  C  CB  . ALA A 1 83  ? -9.796  -1.793  12.665  1.00 13.88 ? 71  ALA A CB  1 
ATOM   617  N  N   . PRO A 1 84  ? -9.491  -3.456  15.987  1.00 13.66 ? 72  PRO A N   1 
ATOM   618  C  CA  . PRO A 1 84  ? -8.750  -4.495  16.674  1.00 14.38 ? 72  PRO A CA  1 
ATOM   619  C  C   . PRO A 1 84  ? -8.812  -5.848  15.992  1.00 14.61 ? 72  PRO A C   1 
ATOM   620  O  O   . PRO A 1 84  ? -9.854  -6.273  15.543  1.00 14.76 ? 72  PRO A O   1 
ATOM   621  C  CB  . PRO A 1 84  ? -9.394  -4.546  18.058  1.00 13.55 ? 72  PRO A CB  1 
ATOM   622  C  CG  . PRO A 1 84  ? -10.657 -3.864  17.908  1.00 14.89 ? 72  PRO A CG  1 
ATOM   623  C  CD  . PRO A 1 84  ? -10.483 -2.840  16.867  1.00 14.36 ? 72  PRO A CD  1 
ATOM   624  N  N   . GLU A 1 85  ? -7.658  -6.512  15.935  1.00 13.95 ? 73  GLU A N   1 
ATOM   625  C  CA  . GLU A 1 85  ? -7.575  -7.846  15.388  1.00 13.54 ? 73  GLU A CA  1 
ATOM   626  C  C   . GLU A 1 85  ? -8.465  -8.821  16.141  1.00 13.72 ? 73  GLU A C   1 
ATOM   627  O  O   . GLU A 1 85  ? -9.173  -9.629  15.530  1.00 15.47 ? 73  GLU A O   1 
ATOM   628  C  CB  . GLU A 1 85  ? -6.132  -8.327  15.465  1.00 13.67 ? 73  GLU A CB  1 
ATOM   629  C  CG  . GLU A 1 85  ? -5.926  -9.698  14.866  1.00 15.07 ? 73  GLU A CG  1 
ATOM   630  C  CD  . GLU A 1 85  ? -4.490  -10.182 14.977  1.00 17.97 ? 73  GLU A CD  1 
ATOM   631  O  OE1 . GLU A 1 85  ? -3.561  -9.364  15.218  1.00 17.73 ? 73  GLU A OE1 1 
ATOM   632  O  OE2 . GLU A 1 85  ? -4.290  -11.403 14.788  1.00 20.12 ? 73  GLU A OE2 1 
ATOM   633  N  N   . LYS A 1 86  ? -8.394  -8.753  17.472  1.00 14.31 ? 74  LYS A N   1 
ATOM   634  C  CA  . LYS A 1 86  ? -9.002  -9.727  18.388  1.00 14.80 ? 74  LYS A CA  1 
ATOM   635  C  C   . LYS A 1 86  ? -9.990  -9.069  19.351  1.00 15.49 ? 74  LYS A C   1 
ATOM   636  O  O   . LYS A 1 86  ? -9.869  -7.865  19.617  1.00 15.30 ? 74  LYS A O   1 
ATOM   637  C  CB  . LYS A 1 86  ? -7.913  -10.445 19.189  1.00 14.75 ? 74  LYS A CB  1 
ATOM   638  C  CG  . LYS A 1 86  ? -7.065  -11.365 18.311  1.00 17.90 ? 74  LYS A CG  1 
ATOM   639  C  CD  . LYS A 1 86  ? -5.998  -12.178 19.039  1.00 22.68 ? 74  LYS A CD  1 
ATOM   640  N  N   . PRO A 1 87  ? -10.961 -9.847  19.881  1.00 14.44 ? 75  PRO A N   1 
ATOM   641  C  CA  . PRO A 1 87  ? -11.171 -11.276 19.563  1.00 15.76 ? 75  PRO A CA  1 
ATOM   642  C  C   . PRO A 1 87  ? -11.706 -11.481 18.151  1.00 15.63 ? 75  PRO A C   1 
ATOM   643  O  O   . PRO A 1 87  ? -12.463 -10.655 17.633  1.00 15.82 ? 75  PRO A O   1 
ATOM   644  C  CB  . PRO A 1 87  ? -12.250 -11.716 20.573  1.00 13.92 ? 75  PRO A CB  1 
ATOM   645  C  CG  . PRO A 1 87  ? -12.972 -10.461 20.929  1.00 19.15 ? 75  PRO A CG  1 
ATOM   646  C  CD  . PRO A 1 87  ? -11.969 -9.341  20.844  1.00 15.32 ? 75  PRO A CD  1 
ATOM   647  N  N   . TYR A 1 88  ? -11.295 -12.573 17.526  1.00 14.11 ? 76  TYR A N   1 
ATOM   648  C  CA  . TYR A 1 88  ? -11.746 -12.895 16.180  1.00 14.77 ? 76  TYR A CA  1 
ATOM   649  C  C   . TYR A 1 88  ? -13.262 -13.015 16.095  1.00 14.47 ? 76  TYR A C   1 
ATOM   650  O  O   . TYR A 1 88  ? -13.876 -12.659 15.093  1.00 15.23 ? 76  TYR A O   1 
ATOM   651  C  CB  . TYR A 1 88  ? -11.076 -14.165 15.654  1.00 15.09 ? 76  TYR A CB  1 
ATOM   652  C  CG  . TYR A 1 88  ? -9.581  -14.044 15.533  1.00 16.22 ? 76  TYR A CG  1 
ATOM   653  C  CD1 . TYR A 1 88  ? -9.000  -13.001 14.812  1.00 16.82 ? 76  TYR A CD1 1 
ATOM   654  C  CD2 . TYR A 1 88  ? -8.740  -14.962 16.151  1.00 16.99 ? 76  TYR A CD2 1 
ATOM   655  C  CE1 . TYR A 1 88  ? -7.628  -12.867 14.720  1.00 16.82 ? 76  TYR A CE1 1 
ATOM   656  C  CE2 . TYR A 1 88  ? -7.353  -14.840 16.040  1.00 20.22 ? 76  TYR A CE2 1 
ATOM   657  C  CZ  . TYR A 1 88  ? -6.810  -13.794 15.315  1.00 19.38 ? 76  TYR A CZ  1 
ATOM   658  O  OH  . TYR A 1 88  ? -5.442  -13.668 15.210  1.00 20.46 ? 76  TYR A OH  1 
ATOM   659  N  N   . SER A 1 89  ? -13.847 -13.520 17.168  1.00 14.59 ? 77  SER A N   1 
ATOM   660  C  CA  . SER A 1 89  ? -15.285 -13.752 17.272  1.00 16.64 ? 77  SER A CA  1 
ATOM   661  C  C   . SER A 1 89  ? -16.144 -12.501 17.143  1.00 16.19 ? 77  SER A C   1 
ATOM   662  O  O   . SER A 1 89  ? -17.335 -12.618 16.893  1.00 17.22 ? 77  SER A O   1 
ATOM   663  C  CB  . SER A 1 89  ? -15.601 -14.442 18.602  1.00 17.33 ? 77  SER A CB  1 
ATOM   664  O  OG  . SER A 1 89  ? -15.272 -13.599 19.695  1.00 16.91 ? 77  SER A OG  1 
ATOM   665  N  N   . GLN A 1 90  ? -15.572 -11.308 17.301  1.00 15.98 ? 78  GLN A N   1 
ATOM   666  C  CA  . GLN A 1 90  ? -16.362 -10.093 17.189  1.00 15.69 ? 78  GLN A CA  1 
ATOM   667  C  C   . GLN A 1 90  ? -16.760 -9.782  15.779  1.00 15.85 ? 78  GLN A C   1 
ATOM   668  O  O   . GLN A 1 90  ? -17.604 -8.934  15.573  1.00 17.98 ? 78  GLN A O   1 
ATOM   669  C  CB  . GLN A 1 90  ? -15.612 -8.909  17.740  1.00 17.79 ? 78  GLN A CB  1 
ATOM   670  C  CG  . GLN A 1 90  ? -14.537 -8.375  16.868  1.00 17.49 ? 78  GLN A CG  1 
ATOM   671  C  CD  . GLN A 1 90  ? -13.654 -7.362  17.566  1.00 25.27 ? 78  GLN A CD  1 
ATOM   672  O  OE1 . GLN A 1 90  ? -14.115 -6.280  17.903  1.00 30.50 ? 78  GLN A OE1 1 
ATOM   673  N  NE2 . GLN A 1 90  ? -12.368 -7.688  17.738  1.00 19.09 ? 78  GLN A NE2 1 
ATOM   674  N  N   . TYR A 1 91  ? -16.129 -10.446 14.819  1.00 14.46 ? 79  TYR A N   1 
ATOM   675  C  CA  . TYR A 1 91  ? -16.404 -10.188 13.407  1.00 12.72 ? 79  TYR A CA  1 
ATOM   676  C  C   . TYR A 1 91  ? -17.065 -11.381 12.728  1.00 14.30 ? 79  TYR A C   1 
ATOM   677  O  O   . TYR A 1 91  ? -16.510 -12.493 12.713  1.00 14.92 ? 79  TYR A O   1 
ATOM   678  C  CB  . TYR A 1 91  ? -15.121 -9.855  12.656  1.00 14.28 ? 79  TYR A CB  1 
ATOM   679  C  CG  . TYR A 1 91  ? -14.347 -8.685  13.188  1.00 12.37 ? 79  TYR A CG  1 
ATOM   680  C  CD1 . TYR A 1 91  ? -14.882 -7.391  13.150  1.00 14.03 ? 79  TYR A CD1 1 
ATOM   681  C  CD2 . TYR A 1 91  ? -13.081 -8.858  13.754  1.00 14.30 ? 79  TYR A CD2 1 
ATOM   682  C  CE1 . TYR A 1 91  ? -14.189 -6.313  13.625  1.00 14.07 ? 79  TYR A CE1 1 
ATOM   683  C  CE2 . TYR A 1 91  ? -12.359 -7.762  14.255  1.00 14.78 ? 79  TYR A CE2 1 
ATOM   684  C  CZ  . TYR A 1 91  ? -12.921 -6.488  14.187  1.00 15.22 ? 79  TYR A CZ  1 
ATOM   685  O  OH  . TYR A 1 91  ? -12.235 -5.386  14.653  1.00 14.75 ? 79  TYR A OH  1 
ATOM   686  N  N   . LYS A 1 92  ? -18.216 -11.121 12.109  1.00 14.82 ? 80  LYS A N   1 
ATOM   687  C  CA  . LYS A 1 92  ? -18.945 -12.158 11.377  1.00 17.62 ? 80  LYS A CA  1 
ATOM   688  C  C   . LYS A 1 92  ? -18.187 -12.688 10.178  1.00 17.30 ? 80  LYS A C   1 
ATOM   689  O  O   . LYS A 1 92  ? -18.386 -13.825 9.799   1.00 16.77 ? 80  LYS A O   1 
ATOM   690  C  CB  . LYS A 1 92  ? -20.319 -11.669 10.915  1.00 18.29 ? 80  LYS A CB  1 
ATOM   691  C  CG  A LYS A 1 92  ? -21.247 -11.249 12.037  0.65 22.24 ? 80  LYS A CG  1 
ATOM   692  C  CG  B LYS A 1 92  ? -21.258 -11.357 12.068  0.35 19.87 ? 80  LYS A CG  1 
ATOM   693  C  CD  A LYS A 1 92  ? -21.468 -12.353 13.044  0.65 26.15 ? 80  LYS A CD  1 
ATOM   694  C  CD  B LYS A 1 92  ? -22.720 -11.434 11.649  0.35 20.83 ? 80  LYS A CD  1 
ATOM   695  N  N   . HIS A 1 93  ? -17.317 -11.870 9.578   1.00 14.51 ? 81  HIS A N   1 
ATOM   696  C  CA  . HIS A 1 93  ? -16.479 -12.340 8.488   1.00 15.89 ? 81  HIS A CA  1 
ATOM   697  C  C   . HIS A 1 93  ? -15.617 -13.523 8.916   1.00 15.77 ? 81  HIS A C   1 
ATOM   698  O  O   . HIS A 1 93  ? -15.253 -14.353 8.079   1.00 17.73 ? 81  HIS A O   1 
ATOM   699  C  CB  . HIS A 1 93  ? -15.613 -11.215 7.971   1.00 15.56 ? 81  HIS A CB  1 
ATOM   700  C  CG  . HIS A 1 93  ? -14.748 -11.598 6.821   1.00 19.80 ? 81  HIS A CG  1 
ATOM   701  N  ND1 . HIS A 1 93  ? -15.268 -11.946 5.592   1.00 18.35 ? 81  HIS A ND1 1 
ATOM   702  C  CD2 . HIS A 1 93  ? -13.401 -11.704 6.709   1.00 22.77 ? 81  HIS A CD2 1 
ATOM   703  C  CE1 . HIS A 1 93  ? -14.277 -12.219 4.762   1.00 24.07 ? 81  HIS A CE1 1 
ATOM   704  N  NE2 . HIS A 1 93  ? -13.131 -12.071 5.410   1.00 24.38 ? 81  HIS A NE2 1 
ATOM   705  N  N   . ASN A 1 94  ? -15.288 -13.604 10.208  1.00 16.32 ? 82  ASN A N   1 
ATOM   706  C  CA  . ASN A 1 94  ? -14.395 -14.657 10.707  1.00 12.73 ? 82  ASN A CA  1 
ATOM   707  C  C   . ASN A 1 94  ? -15.139 -15.921 11.135  1.00 16.86 ? 82  ASN A C   1 
ATOM   708  O  O   . ASN A 1 94  ? -14.535 -16.833 11.683  1.00 19.16 ? 82  ASN A O   1 
ATOM   709  C  CB  . ASN A 1 94  ? -13.619 -14.142 11.924  1.00 13.05 ? 82  ASN A CB  1 
ATOM   710  C  CG  . ASN A 1 94  ? -12.635 -13.022 11.600  1.00 13.41 ? 82  ASN A CG  1 
ATOM   711  O  OD1 . ASN A 1 94  ? -12.205 -12.852 10.450  1.00 15.65 ? 82  ASN A OD1 1 
ATOM   712  N  ND2 . ASN A 1 94  ? -12.214 -12.291 12.633  1.00 14.76 ? 82  ASN A ND2 1 
ATOM   713  N  N   . ASP A 1 95  ? -16.447 -15.951 10.922  1.00 18.95 ? 83  ASP A N   1 
ATOM   714  C  CA  . ASP A 1 95  ? -17.306 -17.005 11.492  1.00 21.69 ? 83  ASP A CA  1 
ATOM   715  C  C   . ASP A 1 95  ? -17.061 -18.404 10.955  1.00 27.40 ? 83  ASP A C   1 
ATOM   716  O  O   . ASP A 1 95  ? -17.390 -19.393 11.625  1.00 29.07 ? 83  ASP A O   1 
ATOM   717  C  CB  . ASP A 1 95  ? -18.785 -16.665 11.270  1.00 20.63 ? 83  ASP A CB  1 
ATOM   718  C  CG  . ASP A 1 95  ? -19.355 -15.792 12.360  1.00 24.91 ? 83  ASP A CG  1 
ATOM   719  O  OD1 . ASP A 1 95  ? -18.643 -15.492 13.335  1.00 25.40 ? 83  ASP A OD1 1 
ATOM   720  O  OD2 . ASP A 1 95  ? -20.530 -15.403 12.260  1.00 26.13 ? 83  ASP A OD2 1 
ATOM   721  N  N   . THR A 1 96  ? -16.502 -18.494 9.761   1.00 30.05 ? 84  THR A N   1 
ATOM   722  C  CA  . THR A 1 96  ? -16.228 -19.791 9.152   1.00 33.88 ? 84  THR A CA  1 
ATOM   723  C  C   . THR A 1 96  ? -14.729 -20.079 9.040   1.00 33.85 ? 84  THR A C   1 
ATOM   724  O  O   . THR A 1 96  ? -14.297 -20.800 8.132   1.00 36.31 ? 84  THR A O   1 
ATOM   725  C  CB  . THR A 1 96  ? -16.831 -19.832 7.764   1.00 35.16 ? 84  THR A CB  1 
ATOM   726  O  OG1 . THR A 1 96  ? -16.237 -18.792 6.977   1.00 36.93 ? 84  THR A OG1 1 
ATOM   727  C  CG2 . THR A 1 96  ? -18.338 -19.628 7.846   1.00 39.17 ? 84  THR A CG2 1 
ATOM   728  N  N   . GLY A 1 97  ? -13.941 -19.493 9.937   1.00 30.32 ? 85  GLY A N   1 
ATOM   729  C  CA  . GLY A 1 97  ? -12.562 -19.897 10.116  1.00 29.13 ? 85  GLY A CA  1 
ATOM   730  C  C   . GLY A 1 97  ? -11.501 -18.918 9.663   1.00 27.51 ? 85  GLY A C   1 
ATOM   731  O  O   . GLY A 1 97  ? -10.338 -19.079 10.023  1.00 27.29 ? 85  GLY A O   1 
ATOM   732  N  N   . GLU A 1 98  ? -11.877 -17.913 8.884   1.00 24.32 ? 86  GLU A N   1 
ATOM   733  C  CA  . GLU A 1 98  ? -10.945 -16.835 8.558   1.00 23.29 ? 86  GLU A CA  1 
ATOM   734  C  C   . GLU A 1 98  ? -10.685 -16.064 9.831   1.00 18.92 ? 86  GLU A C   1 
ATOM   735  O  O   . GLU A 1 98  ? -11.474 -16.145 10.756  1.00 19.27 ? 86  GLU A O   1 
ATOM   736  C  CB  . GLU A 1 98  ? -11.532 -15.892 7.498   1.00 24.38 ? 86  GLU A CB  1 
ATOM   737  C  CG  . GLU A 1 98  ? -11.708 -16.564 6.154   1.00 31.75 ? 86  GLU A CG  1 
ATOM   738  C  CD  . GLU A 1 98  ? -10.372 -16.954 5.551   1.00 43.78 ? 86  GLU A CD  1 
ATOM   739  O  OE1 . GLU A 1 98  ? -9.571  -16.038 5.239   1.00 49.27 ? 86  GLU A OE1 1 
ATOM   740  O  OE2 . GLU A 1 98  ? -10.125 -18.172 5.391   1.00 54.07 ? 86  GLU A OE2 1 
ATOM   741  N  N   . ASP A 1 99  ? -9.564  -15.336 9.886   1.00 15.30 ? 87  ASP A N   1 
ATOM   742  C  CA  . ASP A 1 99  ? -9.290  -14.494 11.041  1.00 16.26 ? 87  ASP A CA  1 
ATOM   743  C  C   . ASP A 1 99  ? -8.870  -13.102 10.637  1.00 16.56 ? 87  ASP A C   1 
ATOM   744  O  O   . ASP A 1 99  ? -8.382  -12.334 11.462  1.00 18.59 ? 87  ASP A O   1 
ATOM   745  C  CB  . ASP A 1 99  ? -8.248  -15.145 11.964  1.00 17.27 ? 87  ASP A CB  1 
ATOM   746  C  CG  . ASP A 1 99  ? -6.846  -15.187 11.371  1.00 19.80 ? 87  ASP A CG  1 
ATOM   747  O  OD1 . ASP A 1 99  ? -6.522  -14.428 10.441  1.00 21.62 ? 87  ASP A OD1 1 
ATOM   748  O  OD2 . ASP A 1 99  ? -6.019  -15.974 11.903  1.00 23.69 ? 87  ASP A OD2 1 
ATOM   749  N  N   . ASN A 1 100 ? -9.110  -12.749 9.378   1.00 14.60 ? 88  ASN A N   1 
ATOM   750  C  CA  . ASN A 1 100 ? -8.587  -11.490 8.860   1.00 15.93 ? 88  ASN A CA  1 
ATOM   751  C  C   . ASN A 1 100 ? -9.592  -10.354 8.723   1.00 13.22 ? 88  ASN A C   1 
ATOM   752  O  O   . ASN A 1 100 ? -9.266  -9.346  8.116   1.00 13.55 ? 88  ASN A O   1 
ATOM   753  C  CB  . ASN A 1 100 ? -7.859  -11.731 7.528   1.00 15.91 ? 88  ASN A CB  1 
ATOM   754  C  CG  . ASN A 1 100 ? -8.800  -12.126 6.388   1.00 20.92 ? 88  ASN A CG  1 
ATOM   755  O  OD1 . ASN A 1 100 ? -10.024 -12.122 6.524   1.00 21.06 ? 88  ASN A OD1 1 
ATOM   756  N  ND2 . ASN A 1 100 ? -8.215  -12.408 5.230   1.00 24.74 ? 88  ASN A ND2 1 
ATOM   757  N  N   . ALA A 1 101 ? -10.760 -10.439 9.364   1.00 14.36 ? 89  ALA A N   1 
ATOM   758  C  CA  . ALA A 1 101 ? -11.731 -9.341  9.281   1.00 13.61 ? 89  ALA A CA  1 
ATOM   759  C  C   . ALA A 1 101 ? -11.107 -7.975  9.582   1.00 14.02 ? 89  ALA A C   1 
ATOM   760  O  O   . ALA A 1 101 ? -11.315 -7.006  8.841   1.00 14.72 ? 89  ALA A O   1 
ATOM   761  C  CB  . ALA A 1 101 ? -12.922 -9.620  10.178  1.00 13.01 ? 89  ALA A CB  1 
ATOM   762  N  N   . ASP A 1 102 ? -10.285 -7.909  10.623  1.00 12.76 ? 90  ASP A N   1 
ATOM   763  C  CA  . ASP A 1 102 ? -9.662  -6.653  11.027  1.00 13.88 ? 90  ASP A CA  1 
ATOM   764  C  C   . ASP A 1 102 ? -8.811  -6.041  9.930   1.00 13.59 ? 90  ASP A C   1 
ATOM   765  O  O   . ASP A 1 102 ? -8.705  -4.814  9.839   1.00 14.86 ? 90  ASP A O   1 
ATOM   766  C  CB  . ASP A 1 102 ? -8.792  -6.815  12.261  1.00 14.10 ? 90  ASP A CB  1 
ATOM   767  C  CG  . ASP A 1 102 ? -7.470  -7.530  11.966  1.00 14.10 ? 90  ASP A CG  1 
ATOM   768  O  OD1 . ASP A 1 102 ? -7.472  -8.746  11.640  1.00 14.84 ? 90  ASP A OD1 1 
ATOM   769  O  OD2 . ASP A 1 102 ? -6.427  -6.832  11.995  1.00 15.78 ? 90  ASP A OD2 1 
ATOM   770  N  N   . ALA A 1 103 ? -8.196  -6.890  9.104   1.00 12.17 ? 91  ALA A N   1 
ATOM   771  C  CA  . ALA A 1 103 ? -7.305  -6.409  8.055   1.00 12.34 ? 91  ALA A CA  1 
ATOM   772  C  C   . ALA A 1 103 ? -8.086  -5.652  6.977   1.00 13.70 ? 91  ALA A C   1 
ATOM   773  O  O   . ALA A 1 103 ? -7.574  -4.696  6.391   1.00 14.39 ? 91  ALA A O   1 
ATOM   774  C  CB  . ALA A 1 103 ? -6.509  -7.550  7.442   1.00 14.14 ? 91  ALA A CB  1 
ATOM   775  N  N   . HIS A 1 104 ? -9.322  -6.069  6.727   1.00 14.27 ? 92  HIS A N   1 
ATOM   776  C  CA  . HIS A 1 104 ? -10.176 -5.380  5.753   1.00 13.84 ? 92  HIS A CA  1 
ATOM   777  C  C   . HIS A 1 104 ? -10.516 -3.990  6.270   1.00 13.88 ? 92  HIS A C   1 
ATOM   778  O  O   . HIS A 1 104 ? -10.592 -3.028  5.501   1.00 15.04 ? 92  HIS A O   1 
ATOM   779  C  CB  . HIS A 1 104 ? -11.471 -6.135  5.545   1.00 13.55 ? 92  HIS A CB  1 
ATOM   780  C  CG  . HIS A 1 104 ? -11.300 -7.501  4.971   1.00 12.63 ? 92  HIS A CG  1 
ATOM   781  N  ND1 . HIS A 1 104 ? -11.419 -7.765  3.624   1.00 17.92 ? 92  HIS A ND1 1 
ATOM   782  C  CD2 . HIS A 1 104 ? -11.065 -8.690  5.570   1.00 12.90 ? 92  HIS A CD2 1 
ATOM   783  C  CE1 . HIS A 1 104 ? -11.240 -9.056  3.417   1.00 17.30 ? 92  HIS A CE1 1 
ATOM   784  N  NE2 . HIS A 1 104 ? -11.026 -9.640  4.576   1.00 17.11 ? 92  HIS A NE2 1 
ATOM   785  N  N   . LEU A 1 105 ? -10.723 -3.890  7.579   1.00 12.81 ? 93  LEU A N   1 
ATOM   786  C  CA  . LEU A 1 105 ? -10.997 -2.603  8.240   1.00 13.63 ? 93  LEU A CA  1 
ATOM   787  C  C   . LEU A 1 105 ? -9.766  -1.688  8.306   1.00 13.71 ? 93  LEU A C   1 
ATOM   788  O  O   . LEU A 1 105 ? -9.852  -0.516  7.957   1.00 13.39 ? 93  LEU A O   1 
ATOM   789  C  CB  . LEU A 1 105 ? -11.604 -2.827  9.653   1.00 13.37 ? 93  LEU A CB  1 
ATOM   790  C  CG  . LEU A 1 105 ? -12.819 -3.743  9.698   1.00 17.40 ? 93  LEU A CG  1 
ATOM   791  C  CD1 . LEU A 1 105 ? -13.343 -3.819  11.118  1.00 17.22 ? 93  LEU A CD1 1 
ATOM   792  C  CD2 . LEU A 1 105 ? -13.899 -3.372  8.735   1.00 19.27 ? 93  LEU A CD2 1 
ATOM   793  N  N   . LYS A 1 106 ? -8.633  -2.229  8.734   1.00 13.70 ? 94  LYS A N   1 
ATOM   794  C  CA  . LYS A 1 106 ? -7.391  -1.472  8.804   1.00 12.79 ? 94  LYS A CA  1 
ATOM   795  C  C   . LYS A 1 106 ? -7.029  -0.892  7.435   1.00 12.34 ? 94  LYS A C   1 
ATOM   796  O  O   . LYS A 1 106 ? -6.634  0.264   7.314   1.00 14.80 ? 94  LYS A O   1 
ATOM   797  C  CB  . LYS A 1 106 ? -6.248  -2.339  9.353   1.00 13.36 ? 94  LYS A CB  1 
ATOM   798  C  CG  . LYS A 1 106 ? -6.305  -2.669  10.820  1.00 14.63 ? 94  LYS A CG  1 
ATOM   799  C  CD  . LYS A 1 106 ? -5.045  -3.424  11.225  1.00 15.16 ? 94  LYS A CD  1 
ATOM   800  C  CE  . LYS A 1 106 ? -4.889  -3.553  12.736  1.00 15.07 ? 94  LYS A CE  1 
ATOM   801  N  NZ  . LYS A 1 106 ? -5.918  -4.427  13.305  1.00 15.68 ? 94  LYS A NZ  1 
ATOM   802  N  N   . ARG A 1 107 ? -7.169  -1.701  6.381   1.00 12.93 ? 95  ARG A N   1 
ATOM   803  C  CA  . ARG A 1 107 ? -6.802  -1.214  5.043   1.00 13.45 ? 95  ARG A CA  1 
ATOM   804  C  C   . ARG A 1 107 ? -7.724  -0.085  4.644   1.00 14.58 ? 95  ARG A C   1 
ATOM   805  O  O   . ARG A 1 107 ? -7.292  0.830   3.934   1.00 15.71 ? 95  ARG A O   1 
ATOM   806  C  CB  . ARG A 1 107 ? -6.771  -2.350  4.008   1.00 15.27 ? 95  ARG A CB  1 
ATOM   807  C  CG  . ARG A 1 107 ? -7.968  -2.490  3.054   1.00 16.71 ? 95  ARG A CG  1 
ATOM   808  C  CD  . ARG A 1 107 ? -8.016  -1.448  1.974   1.00 17.93 ? 95  ARG A CD  1 
ATOM   809  N  NE  . ARG A 1 107 ? -8.916  -1.778  0.866   1.00 19.65 ? 95  ARG A NE  1 
ATOM   810  C  CZ  . ARG A 1 107 ? -8.557  -2.416  -0.230  1.00 18.51 ? 95  ARG A CZ  1 
ATOM   811  N  NH1 . ARG A 1 107 ? -7.314  -2.817  -0.422  1.00 14.16 ? 95  ARG A NH1 1 
ATOM   812  N  NH2 . ARG A 1 107 ? -9.447  -2.647  -1.179  1.00 17.65 ? 95  ARG A NH2 1 
ATOM   813  N  N   . THR A 1 108 ? -8.983  -0.150  5.074   1.00 12.61 ? 96  THR A N   1 
ATOM   814  C  CA  . THR A 1 108 ? -9.932  0.895   4.765   1.00 12.00 ? 96  THR A CA  1 
ATOM   815  C  C   . THR A 1 108 ? -9.469  2.232   5.342   1.00 14.96 ? 96  THR A C   1 
ATOM   816  O  O   . THR A 1 108 ? -9.538  3.254   4.660   1.00 15.37 ? 96  THR A O   1 
ATOM   817  C  CB  . THR A 1 108 ? -11.324 0.493   5.242   1.00 13.74 ? 96  THR A CB  1 
ATOM   818  O  OG1 . THR A 1 108 ? -11.714 -0.718  4.590   1.00 15.51 ? 96  THR A OG1 1 
ATOM   819  C  CG2 . THR A 1 108 ? -12.340 1.585   4.946   1.00 15.26 ? 96  THR A CG2 1 
ATOM   820  N  N   . ILE A 1 109 ? -8.978  2.230   6.573   1.00 14.79 ? 97  ILE A N   1 
ATOM   821  C  CA  . ILE A 1 109 ? -8.438  3.453   7.154   1.00 13.52 ? 97  ILE A CA  1 
ATOM   822  C  C   . ILE A 1 109 ? -7.262  4.000   6.353   1.00 15.47 ? 97  ILE A C   1 
ATOM   823  O  O   . ILE A 1 109 ? -7.222  5.190   6.047   1.00 16.08 ? 97  ILE A O   1 
ATOM   824  C  CB  . ILE A 1 109 ? -8.005  3.215   8.601   1.00 13.17 ? 97  ILE A CB  1 
ATOM   825  C  CG1 . ILE A 1 109 ? -9.222  2.847   9.459   1.00 15.63 ? 97  ILE A CG1 1 
ATOM   826  C  CG2 . ILE A 1 109 ? -7.283  4.420   9.183   1.00 14.77 ? 97  ILE A CG2 1 
ATOM   827  C  CD1 . ILE A 1 109 ? -10.261 3.927   9.569   1.00 19.25 ? 97  ILE A CD1 1 
ATOM   828  N  N   . MET A 1 110 ? -6.299  3.153   6.025   1.00 15.06 ? 98  MET A N   1 
ATOM   829  C  CA  . MET A 1 110 ? -5.072  3.639   5.389   1.00 14.61 ? 98  MET A CA  1 
ATOM   830  C  C   . MET A 1 110 ? -5.286  3.950   3.909   1.00 16.39 ? 98  MET A C   1 
ATOM   831  O  O   . MET A 1 110 ? -4.567  4.785   3.323   1.00 17.15 ? 98  MET A O   1 
ATOM   832  C  CB  . MET A 1 110 ? -3.935  2.639   5.558   1.00 15.02 ? 98  MET A CB  1 
ATOM   833  C  CG  . MET A 1 110 ? -3.494  2.361   6.967   1.00 14.89 ? 98  MET A CG  1 
ATOM   834  S  SD  . MET A 1 110 ? -3.078  3.791   7.932   1.00 16.72 ? 98  MET A SD  1 
ATOM   835  C  CE  . MET A 1 110 ? -1.739  4.422   6.985   1.00 15.86 ? 98  MET A CE  1 
ATOM   836  N  N   . GLY A 1 111 ? -6.254  3.266   3.310   1.00 14.60 ? 99  GLY A N   1 
ATOM   837  C  CA  . GLY A 1 111 ? -6.580  3.424   1.910   1.00 15.16 ? 99  GLY A CA  1 
ATOM   838  C  C   . GLY A 1 111 ? -6.063  2.321   1.012   1.00 14.54 ? 99  GLY A C   1 
ATOM   839  O  O   . GLY A 1 111 ? -5.054  1.679   1.263   1.00 15.93 ? 99  GLY A O   1 
ATOM   840  N  N   . ARG A 1 112 ? -6.740  2.156   -0.105  1.00 14.38 ? 100 ARG A N   1 
ATOM   841  C  CA  . ARG A 1 112 ? -6.353  1.190   -1.108  1.00 13.93 ? 100 ARG A CA  1 
ATOM   842  C  C   . ARG A 1 112 ? -5.215  1.617   -2.028  1.00 14.34 ? 100 ARG A C   1 
ATOM   843  O  O   . ARG A 1 112 ? -4.440  0.790   -2.472  1.00 13.99 ? 100 ARG A O   1 
ATOM   844  C  CB  . ARG A 1 112 ? -7.589  0.874   -1.967  1.00 16.97 ? 100 ARG A CB  1 
ATOM   845  C  CG  . ARG A 1 112 ? -7.286  0.070   -3.229  1.00 17.72 ? 100 ARG A CG  1 
ATOM   846  C  CD  . ARG A 1 112 ? -8.545  -0.181  -4.019  1.00 15.50 ? 100 ARG A CD  1 
ATOM   847  N  NE  . ARG A 1 112 ? -8.318  -0.922  -5.237  1.00 16.45 ? 100 ARG A NE  1 
ATOM   848  C  CZ  . ARG A 1 112 ? -8.081  -0.365  -6.413  1.00 16.01 ? 100 ARG A CZ  1 
ATOM   849  N  NH1 . ARG A 1 112 ? -8.015  0.946   -6.540  1.00 17.67 ? 100 ARG A NH1 1 
ATOM   850  N  NH2 . ARG A 1 112 ? -7.978  -1.136  -7.486  1.00 19.69 ? 100 ARG A NH2 1 
ATOM   851  N  N   . GLU A 1 113 ? -5.182  2.906   -2.366  1.00 15.71 ? 101 GLU A N   1 
ATOM   852  C  CA  . GLU A 1 113 ? -4.415  3.382   -3.504  1.00 13.36 ? 101 GLU A CA  1 
ATOM   853  C  C   . GLU A 1 113 ? -3.842  4.768   -3.239  1.00 13.24 ? 101 GLU A C   1 
ATOM   854  O  O   . GLU A 1 113 ? -4.301  5.493   -2.353  1.00 13.70 ? 101 GLU A O   1 
ATOM   855  C  CB  . GLU A 1 113 ? -5.270  3.383   -4.778  1.00 15.07 ? 101 GLU A CB  1 
ATOM   856  C  CG  . GLU A 1 113 ? -6.243  4.549   -4.819  1.00 18.88 ? 101 GLU A CG  1 
ATOM   857  C  CD  . GLU A 1 113 ? -7.736  4.280   -5.156  1.00 32.32 ? 101 GLU A CD  1 
ATOM   858  O  OE1 . GLU A 1 113 ? -8.320  3.190   -4.952  1.00 27.44 ? 101 GLU A OE1 1 
ATOM   859  O  OE2 . GLU A 1 113 ? -8.367  5.265   -5.607  1.00 40.78 ? 101 GLU A OE2 1 
ATOM   860  N  N   . VAL A 1 114 ? -2.808  5.088   -3.999  1.00 13.05 ? 102 VAL A N   1 
ATOM   861  C  CA  . VAL A 1 114 ? -2.374  6.463   -4.195  1.00 14.17 ? 102 VAL A CA  1 
ATOM   862  C  C   . VAL A 1 114 ? -2.386  6.745   -5.681  1.00 12.64 ? 102 VAL A C   1 
ATOM   863  O  O   . VAL A 1 114 ? -2.167  5.837   -6.512  1.00 13.67 ? 102 VAL A O   1 
ATOM   864  C  CB  . VAL A 1 114 ? -0.963  6.737   -3.612  1.00 15.40 ? 102 VAL A CB  1 
ATOM   865  C  CG1 . VAL A 1 114 ? -0.995  6.482   -2.102  1.00 17.49 ? 102 VAL A CG1 1 
ATOM   866  C  CG2 . VAL A 1 114 ? 0.104   5.880   -4.281  1.00 17.66 ? 102 VAL A CG2 1 
ATOM   867  N  N   . VAL A 1 115 ? -2.624  8.013   -6.008  1.00 13.32 ? 103 VAL A N   1 
ATOM   868  C  CA  . VAL A 1 115 ? -2.464  8.503   -7.355  1.00 13.74 ? 103 VAL A CA  1 
ATOM   869  C  C   . VAL A 1 115 ? -1.469  9.650   -7.275  1.00 12.69 ? 103 VAL A C   1 
ATOM   870  O  O   . VAL A 1 115 ? -1.617  10.552  -6.447  1.00 13.62 ? 103 VAL A O   1 
ATOM   871  C  CB  . VAL A 1 115 ? -3.795  8.977   -7.962  1.00 13.61 ? 103 VAL A CB  1 
ATOM   872  C  CG1 . VAL A 1 115 ? -3.570  9.513   -9.366  1.00 14.55 ? 103 VAL A CG1 1 
ATOM   873  C  CG2 . VAL A 1 115 ? -4.802  7.826   -7.967  1.00 15.09 ? 103 VAL A CG2 1 
ATOM   874  N  N   . ILE A 1 116 ? -0.434  9.575   -8.100  1.00 11.85 ? 104 ILE A N   1 
ATOM   875  C  CA  . ILE A 1 116 ? 0.698   10.460  -8.034  1.00 11.09 ? 104 ILE A CA  1 
ATOM   876  C  C   . ILE A 1 116 ? 0.961   11.081  -9.389  1.00 12.16 ? 104 ILE A C   1 
ATOM   877  O  O   . ILE A 1 116 ? 0.961   10.377  -10.416 1.00 13.49 ? 104 ILE A O   1 
ATOM   878  C  CB  . ILE A 1 116 ? 1.964   9.687   -7.564  1.00 11.05 ? 104 ILE A CB  1 
ATOM   879  C  CG1 . ILE A 1 116 ? 1.744   9.012   -6.215  1.00 14.27 ? 104 ILE A CG1 1 
ATOM   880  C  CG2 . ILE A 1 116 ? 3.163   10.615  -7.521  1.00 14.43 ? 104 ILE A CG2 1 
ATOM   881  C  CD1 . ILE A 1 116 ? 2.818   8.107   -5.844  1.00 13.98 ? 104 ILE A CD1 1 
ATOM   882  N  N   . ALA A 1 117 ? 1.162   12.386  -9.409  1.00 12.75 ? 105 ALA A N   1 
ATOM   883  C  CA  . ALA A 1 117 ? 1.483   13.069  -10.661 1.00 11.06 ? 105 ALA A CA  1 
ATOM   884  C  C   . ALA A 1 117 ? 2.894   12.702  -11.123 1.00 11.91 ? 105 ALA A C   1 
ATOM   885  O  O   . ALA A 1 117 ? 3.821   12.615  -10.295 1.00 13.37 ? 105 ALA A O   1 
ATOM   886  C  CB  . ALA A 1 117 ? 1.402   14.571  -10.457 1.00 13.48 ? 105 ALA A CB  1 
ATOM   887  N  N   . ILE A 1 118 ? 3.042   12.517  -12.437 1.00 11.85 ? 106 ILE A N   1 
ATOM   888  C  CA  . ILE A 1 118 ? 4.349   12.404  -13.072 1.00 13.13 ? 106 ILE A CA  1 
ATOM   889  C  C   . ILE A 1 118 ? 4.595   13.697  -13.814 1.00 13.86 ? 106 ILE A C   1 
ATOM   890  O  O   . ILE A 1 118 ? 3.810   14.084  -14.688 1.00 11.81 ? 106 ILE A O   1 
ATOM   891  C  CB  . ILE A 1 118 ? 4.418   11.194  -14.029 1.00 12.36 ? 106 ILE A CB  1 
ATOM   892  C  CG1 . ILE A 1 118 ? 4.024   9.903   -13.293 1.00 14.13 ? 106 ILE A CG1 1 
ATOM   893  C  CG2 . ILE A 1 118 ? 5.790   11.078  -14.657 1.00 13.43 ? 106 ILE A CG2 1 
ATOM   894  C  CD1 . ILE A 1 118 ? 4.764   9.641   -12.038 1.00 14.62 ? 106 ILE A CD1 1 
ATOM   895  N  N   . THR A 1 119 ? 5.707   14.343  -13.481 1.00 12.86 ? 107 THR A N   1 
ATOM   896  C  CA  . THR A 1 119 ? 6.079   15.619  -14.045 1.00 13.02 ? 107 THR A CA  1 
ATOM   897  C  C   . THR A 1 119 ? 7.555   15.564  -14.386 1.00 13.54 ? 107 THR A C   1 
ATOM   898  O  O   . THR A 1 119 ? 8.366   15.188  -13.558 1.00 13.53 ? 107 THR A O   1 
ATOM   899  C  CB  . THR A 1 119 ? 5.815   16.731  -13.041 1.00 15.51 ? 107 THR A CB  1 
ATOM   900  O  OG1 . THR A 1 119 ? 4.411   16.774  -12.756 1.00 14.74 ? 107 THR A OG1 1 
ATOM   901  C  CG2 . THR A 1 119 ? 6.218   18.058  -13.586 1.00 16.28 ? 107 THR A CG2 1 
ATOM   902  N  N   . ASP A 1 120 ? 7.900   15.919  -15.612 1.00 13.35 ? 108 ASP A N   1 
ATOM   903  C  CA  . ASP A 1 120 ? 9.289   15.870  -16.075 1.00 15.31 ? 108 ASP A CA  1 
ATOM   904  C  C   . ASP A 1 120 ? 9.990   14.535  -15.712 1.00 15.35 ? 108 ASP A C   1 
ATOM   905  O  O   . ASP A 1 120 ? 11.099  14.508  -15.161 1.00 16.09 ? 108 ASP A O   1 
ATOM   906  C  CB  A ASP A 1 120 ? 10.059  17.068  -15.523 0.65 17.03 ? 108 ASP A CB  1 
ATOM   907  C  CB  B ASP A 1 120 ? 10.082  17.053  -15.492 0.35 16.00 ? 108 ASP A CB  1 
ATOM   908  C  CG  A ASP A 1 120 ? 11.331  17.347  -16.303 0.65 21.26 ? 108 ASP A CG  1 
ATOM   909  C  CG  B ASP A 1 120 ? 9.627   18.398  -16.035 0.35 16.03 ? 108 ASP A CG  1 
ATOM   910  O  OD1 A ASP A 1 120 ? 11.468  16.857  -17.448 0.65 26.54 ? 108 ASP A OD1 1 
ATOM   911  O  OD1 B ASP A 1 120 ? 9.279   18.485  -17.229 0.35 28.25 ? 108 ASP A OD1 1 
ATOM   912  O  OD2 A ASP A 1 120 ? 12.203  18.048  -15.757 0.65 30.21 ? 108 ASP A OD2 1 
ATOM   913  O  OD2 B ASP A 1 120 ? 9.633   19.377  -15.255 0.35 20.94 ? 108 ASP A OD2 1 
ATOM   914  N  N   . ARG A 1 121 ? 9.313   13.433  -16.029 1.00 13.89 ? 109 ARG A N   1 
ATOM   915  C  CA  . ARG A 1 121 ? 9.811   12.072  -15.822 1.00 13.46 ? 109 ARG A CA  1 
ATOM   916  C  C   . ARG A 1 121 ? 9.957   11.610  -14.367 1.00 14.13 ? 109 ARG A C   1 
ATOM   917  O  O   . ARG A 1 121 ? 10.560  10.564  -14.111 1.00 17.01 ? 109 ARG A O   1 
ATOM   918  C  CB  . ARG A 1 121 ? 11.119  11.853  -16.586 1.00 15.46 ? 109 ARG A CB  1 
ATOM   919  C  CG  . ARG A 1 121 ? 10.977  11.905  -18.111 1.00 20.57 ? 109 ARG A CG  1 
ATOM   920  C  CD  . ARG A 1 121 ? 12.130  11.185  -18.771 1.00 28.92 ? 109 ARG A CD  1 
ATOM   921  N  NE  . ARG A 1 121 ? 12.121  9.739   -18.499 1.00 26.13 ? 109 ARG A NE  1 
ATOM   922  C  CZ  . ARG A 1 121 ? 13.209  8.960   -18.543 1.00 39.12 ? 109 ARG A CZ  1 
ATOM   923  N  NH1 . ARG A 1 121 ? 14.415  9.452   -18.874 1.00 41.21 ? 109 ARG A NH1 1 
ATOM   924  N  NH2 . ARG A 1 121 ? 13.095  7.666   -18.267 1.00 36.19 ? 109 ARG A NH2 1 
ATOM   925  N  N   . LYS A 1 122 ? 9.387   12.340  -13.411 1.00 13.82 ? 110 LYS A N   1 
ATOM   926  C  CA  . LYS A 1 122 ? 9.544   11.963  -12.019 1.00 13.87 ? 110 LYS A CA  1 
ATOM   927  C  C   . LYS A 1 122 ? 8.238   12.063  -11.295 1.00 13.74 ? 110 LYS A C   1 
ATOM   928  O  O   . LYS A 1 122 ? 7.390   12.884  -11.649 1.00 14.82 ? 110 LYS A O   1 
ATOM   929  C  CB  . LYS A 1 122 ? 10.524  12.904  -11.320 1.00 15.53 ? 110 LYS A CB  1 
ATOM   930  C  CG  . LYS A 1 122 ? 11.929  12.930  -11.899 1.00 17.51 ? 110 LYS A CG  1 
ATOM   931  C  CD  . LYS A 1 122 ? 12.628  11.598  -11.760 1.00 23.34 ? 110 LYS A CD  1 
ATOM   932  C  CE  . LYS A 1 122 ? 14.017  11.602  -12.373 1.00 33.18 ? 110 LYS A CE  1 
ATOM   933  N  NZ  . LYS A 1 122 ? 14.904  12.491  -11.591 1.00 39.73 ? 110 LYS A NZ  1 
ATOM   934  N  N   . MET A 1 123 ? 8.105   11.278  -10.233 1.00 14.28 ? 111 MET A N   1 
ATOM   935  C  CA  . MET A 1 123 ? 6.996   11.450  -9.310  1.00 14.91 ? 111 MET A CA  1 
ATOM   936  C  C   . MET A 1 123 ? 7.075   12.853  -8.717  1.00 15.44 ? 111 MET A C   1 
ATOM   937  O  O   . MET A 1 123 ? 8.152   13.293  -8.298  1.00 16.17 ? 111 MET A O   1 
ATOM   938  C  CB  . MET A 1 123 ? 7.042   10.419  -8.195  1.00 12.49 ? 111 MET A CB  1 
ATOM   939  C  CG  . MET A 1 123 ? 6.637   9.046   -8.700  1.00 15.94 ? 111 MET A CG  1 
ATOM   940  S  SD  . MET A 1 123 ? 6.419   7.849   -7.369  1.00 17.78 ? 111 MET A SD  1 
ATOM   941  C  CE  . MET A 1 123 ? 8.130   7.624   -6.923  1.00 17.77 ? 111 MET A CE  1 
ATOM   942  N  N   . ASP A 1 124 ? 5.934   13.539  -8.696  1.00 14.16 ? 112 ASP A N   1 
ATOM   943  C  CA  . ASP A 1 124 ? 5.867   14.939  -8.296  1.00 14.52 ? 112 ASP A CA  1 
ATOM   944  C  C   . ASP A 1 124 ? 5.452   14.976  -6.827  1.00 16.66 ? 112 ASP A C   1 
ATOM   945  O  O   . ASP A 1 124 ? 4.260   15.017  -6.510  1.00 18.02 ? 112 ASP A O   1 
ATOM   946  C  CB  . ASP A 1 124 ? 4.876   15.625  -9.230  1.00 13.79 ? 112 ASP A CB  1 
ATOM   947  C  CG  . ASP A 1 124 ? 5.015   17.098  -9.286  1.00 17.69 ? 112 ASP A CG  1 
ATOM   948  O  OD1 . ASP A 1 124 ? 5.687   17.713  -8.422  1.00 16.33 ? 112 ASP A OD1 1 
ATOM   949  O  OD2 . ASP A 1 124 ? 4.400   17.664  -10.209 1.00 16.02 ? 112 ASP A OD2 1 
ATOM   950  N  N   . LEU A 1 125 ? 6.441   14.879  -5.947  1.00 15.89 ? 113 LEU A N   1 
ATOM   951  C  CA  . LEU A 1 125 ? 6.220   14.645  -4.524  1.00 15.70 ? 113 LEU A CA  1 
ATOM   952  C  C   . LEU A 1 125 ? 6.730   15.807  -3.695  1.00 15.19 ? 113 LEU A C   1 
ATOM   953  O  O   . LEU A 1 125 ? 7.702   16.500  -4.083  1.00 17.94 ? 113 LEU A O   1 
ATOM   954  C  CB  . LEU A 1 125 ? 6.948   13.384  -4.056  1.00 14.11 ? 113 LEU A CB  1 
ATOM   955  C  CG  . LEU A 1 125 ? 6.514   12.069  -4.703  1.00 17.54 ? 113 LEU A CG  1 
ATOM   956  C  CD1 . LEU A 1 125 ? 7.340   10.903  -4.207  1.00 21.68 ? 113 LEU A CD1 1 
ATOM   957  C  CD2 . LEU A 1 125 ? 5.065   11.839  -4.507  1.00 20.61 ? 113 LEU A CD2 1 
ATOM   958  N  N   . GLY A 1 126 ? 6.104   15.975  -2.536  1.00 15.31 ? 114 GLY A N   1 
ATOM   959  C  CA  . GLY A 1 126 ? 6.567   16.916  -1.538  1.00 14.64 ? 114 GLY A CA  1 
ATOM   960  C  C   . GLY A 1 126 ? 7.762   16.350  -0.818  1.00 16.55 ? 114 GLY A C   1 
ATOM   961  O  O   . GLY A 1 126 ? 8.167   15.225  -1.074  1.00 16.13 ? 114 GLY A O   1 
ATOM   962  N  N   . PRO A 1 127 ? 8.320   17.139  0.109   1.00 17.61 ? 115 PRO A N   1 
ATOM   963  C  CA  . PRO A 1 127 ? 9.618   16.840  0.684   1.00 18.33 ? 115 PRO A CA  1 
ATOM   964  C  C   . PRO A 1 127 ? 9.694   15.550  1.494   1.00 18.84 ? 115 PRO A C   1 
ATOM   965  O  O   . PRO A 1 127 ? 10.756  14.941  1.558   1.00 20.29 ? 115 PRO A O   1 
ATOM   966  C  CB  . PRO A 1 127 ? 9.878   18.049  1.585   1.00 19.25 ? 115 PRO A CB  1 
ATOM   967  C  CG  . PRO A 1 127 ? 8.545   18.601  1.901   1.00 21.50 ? 115 PRO A CG  1 
ATOM   968  C  CD  . PRO A 1 127 ? 7.745   18.387  0.646   1.00 20.53 ? 115 PRO A CD  1 
ATOM   969  N  N   . TRP A 1 128 ? 8.590   15.144  2.104   1.00 14.31 ? 116 TRP A N   1 
ATOM   970  C  CA  . TRP A 1 128 ? 8.592   14.014  3.018   1.00 15.42 ? 116 TRP A CA  1 
ATOM   971  C  C   . TRP A 1 128 ? 7.693   12.884  2.591   1.00 16.21 ? 116 TRP A C   1 
ATOM   972  O  O   . TRP A 1 128 ? 7.512   11.929  3.338   1.00 17.18 ? 116 TRP A O   1 
ATOM   973  C  CB  . TRP A 1 128 ? 8.290   14.478  4.440   1.00 18.04 ? 116 TRP A CB  1 
ATOM   974  C  CG  . TRP A 1 128 ? 9.252   15.533  4.871   1.00 19.37 ? 116 TRP A CG  1 
ATOM   975  C  CD1 . TRP A 1 128 ? 8.970   16.830  5.125   1.00 21.72 ? 116 TRP A CD1 1 
ATOM   976  C  CD2 . TRP A 1 128 ? 10.668  15.387  5.001   1.00 21.97 ? 116 TRP A CD2 1 
ATOM   977  N  NE1 . TRP A 1 128 ? 10.131  17.510  5.440   1.00 24.19 ? 116 TRP A NE1 1 
ATOM   978  C  CE2 . TRP A 1 128 ? 11.185  16.642  5.367   1.00 23.27 ? 116 TRP A CE2 1 
ATOM   979  C  CE3 . TRP A 1 128 ? 11.551  14.313  4.844   1.00 25.83 ? 116 TRP A CE3 1 
ATOM   980  C  CZ2 . TRP A 1 128 ? 12.550  16.852  5.587   1.00 30.36 ? 116 TRP A CZ2 1 
ATOM   981  C  CZ3 . TRP A 1 128 ? 12.906  14.518  5.064   1.00 30.31 ? 116 TRP A CZ3 1 
ATOM   982  C  CH2 . TRP A 1 128 ? 13.390  15.779  5.433   1.00 27.61 ? 116 TRP A CH2 1 
ATOM   983  N  N   . GLU A 1 129 ? 7.119   12.995  1.391   1.00 14.80 ? 117 GLU A N   1 
ATOM   984  C  CA  . GLU A 1 129 ? 6.251   11.944  0.881   1.00 13.31 ? 117 GLU A CA  1 
ATOM   985  C  C   . GLU A 1 129 ? 7.029   10.688  0.546   1.00 14.67 ? 117 GLU A C   1 
ATOM   986  O  O   . GLU A 1 129 ? 7.955   10.715  -0.262  1.00 15.95 ? 117 GLU A O   1 
ATOM   987  C  CB  . GLU A 1 129 ? 5.480   12.390  -0.357  1.00 13.00 ? 117 GLU A CB  1 
ATOM   988  C  CG  . GLU A 1 129 ? 4.472   13.485  -0.111  1.00 15.31 ? 117 GLU A CG  1 
ATOM   989  C  CD  . GLU A 1 129 ? 3.548   13.684  -1.293  1.00 17.84 ? 117 GLU A CD  1 
ATOM   990  O  OE1 . GLU A 1 129 ? 3.931   14.428  -2.217  1.00 16.47 ? 117 GLU A OE1 1 
ATOM   991  O  OE2 . GLU A 1 129 ? 2.455   13.075  -1.326  1.00 17.50 ? 117 GLU A OE2 1 
ATOM   992  N  N   . GLN A 1 130 ? 6.639   9.591   1.184   1.00 12.66 ? 118 GLN A N   1 
ATOM   993  C  CA  . GLN A 1 130 ? 7.149   8.276   0.838   1.00 13.32 ? 118 GLN A CA  1 
ATOM   994  C  C   . GLN A 1 130 ? 5.983   7.327   0.664   1.00 13.55 ? 118 GLN A C   1 
ATOM   995  O  O   . GLN A 1 130 ? 4.996   7.418   1.379   1.00 13.04 ? 118 GLN A O   1 
ATOM   996  C  CB  . GLN A 1 130 ? 8.079   7.757   1.924   1.00 14.10 ? 118 GLN A CB  1 
ATOM   997  C  CG  . GLN A 1 130 ? 9.383   8.523   2.093   1.00 13.21 ? 118 GLN A CG  1 
ATOM   998  C  CD  . GLN A 1 130 ? 10.395  8.237   1.015   1.00 17.09 ? 118 GLN A CD  1 
ATOM   999  O  OE1 . GLN A 1 130 ? 10.947  7.151   0.946   1.00 21.39 ? 118 GLN A OE1 1 
ATOM   1000 N  NE2 . GLN A 1 130 ? 10.595  9.193   0.134   1.00 18.39 ? 118 GLN A NE2 1 
ATOM   1001 N  N   . VAL A 1 131 ? 6.099   6.410   -0.286  1.00 11.92 ? 119 VAL A N   1 
ATOM   1002 C  CA  . VAL A 1 131 ? 5.017   5.482   -0.593  1.00 13.59 ? 119 VAL A CA  1 
ATOM   1003 C  C   . VAL A 1 131 ? 5.291   4.148   0.099   1.00 13.05 ? 119 VAL A C   1 
ATOM   1004 O  O   . VAL A 1 131 ? 6.391   3.607   0.054   1.00 13.91 ? 119 VAL A O   1 
ATOM   1005 C  CB  . VAL A 1 131 ? 4.902   5.214   -2.103  1.00 12.20 ? 119 VAL A CB  1 
ATOM   1006 C  CG1 . VAL A 1 131 ? 3.612   4.436   -2.396  1.00 14.46 ? 119 VAL A CG1 1 
ATOM   1007 C  CG2 . VAL A 1 131 ? 4.924   6.512   -2.912  1.00 13.31 ? 119 VAL A CG2 1 
ATOM   1008 N  N   . PHE A 1 132 ? 4.243   3.653   0.757   1.00 12.26 ? 120 PHE A N   1 
ATOM   1009 C  CA  . PHE A 1 132 ? 4.264   2.407   1.521   1.00 12.99 ? 120 PHE A CA  1 
ATOM   1010 C  C   . PHE A 1 132 ? 3.246   1.401   1.060   1.00 14.32 ? 120 PHE A C   1 
ATOM   1011 O  O   . PHE A 1 132 ? 2.111   1.750   0.679   1.00 13.48 ? 120 PHE A O   1 
ATOM   1012 C  CB  . PHE A 1 132 ? 3.999   2.699   3.005   1.00 14.87 ? 120 PHE A CB  1 
ATOM   1013 C  CG  . PHE A 1 132 ? 5.128   3.399   3.652   1.00 13.35 ? 120 PHE A CG  1 
ATOM   1014 C  CD1 . PHE A 1 132 ? 5.191   4.794   3.668   1.00 16.29 ? 120 PHE A CD1 1 
ATOM   1015 C  CD2 . PHE A 1 132 ? 6.172   2.681   4.184   1.00 18.78 ? 120 PHE A CD2 1 
ATOM   1016 C  CE1 . PHE A 1 132 ? 6.275   5.447   4.223   1.00 19.17 ? 120 PHE A CE1 1 
ATOM   1017 C  CE2 . PHE A 1 132 ? 7.270   3.347   4.726   1.00 20.43 ? 120 PHE A CE2 1 
ATOM   1018 C  CZ  . PHE A 1 132 ? 7.298   4.732   4.728   1.00 18.97 ? 120 PHE A CZ  1 
ATOM   1019 N  N   . TYR A 1 133 ? 3.672   0.145   1.124   1.00 13.32 ? 121 TYR A N   1 
ATOM   1020 C  CA  . TYR A 1 133 ? 2.769   -0.989  1.146   1.00 13.15 ? 121 TYR A CA  1 
ATOM   1021 C  C   . TYR A 1 133 ? 2.475   -1.255  2.605   1.00 13.46 ? 121 TYR A C   1 
ATOM   1022 O  O   . TYR A 1 133 ? 3.390   -1.446  3.412   1.00 14.68 ? 121 TYR A O   1 
ATOM   1023 C  CB  . TYR A 1 133 ? 3.414   -2.234  0.510   1.00 13.59 ? 121 TYR A CB  1 
ATOM   1024 C  CG  . TYR A 1 133 ? 2.513   -3.444  0.501   1.00 13.78 ? 121 TYR A CG  1 
ATOM   1025 C  CD1 . TYR A 1 133 ? 1.261   -3.384  -0.087  1.00 14.37 ? 121 TYR A CD1 1 
ATOM   1026 C  CD2 . TYR A 1 133 ? 2.899   -4.637  1.122   1.00 13.72 ? 121 TYR A CD2 1 
ATOM   1027 C  CE1 . TYR A 1 133 ? 0.423   -4.489  -0.099  1.00 15.07 ? 121 TYR A CE1 1 
ATOM   1028 C  CE2 . TYR A 1 133 ? 2.069   -5.759  1.103   1.00 12.19 ? 121 TYR A CE2 1 
ATOM   1029 C  CZ  . TYR A 1 133 ? 0.827   -5.659  0.502   1.00 12.40 ? 121 TYR A CZ  1 
ATOM   1030 O  OH  . TYR A 1 133 ? -0.011  -6.730  0.497   1.00 15.37 ? 121 TYR A OH  1 
ATOM   1031 N  N   . GLY A 1 134 ? 1.191   -1.248  2.945   1.00 13.57 ? 122 GLY A N   1 
ATOM   1032 C  CA  . GLY A 1 134 ? 0.725   -1.554  4.276   1.00 14.13 ? 122 GLY A CA  1 
ATOM   1033 C  C   . GLY A 1 134 ? 0.086   -2.918  4.285   1.00 12.35 ? 122 GLY A C   1 
ATOM   1034 O  O   . GLY A 1 134 ? -1.052  -3.103  3.818   1.00 13.37 ? 122 GLY A O   1 
ATOM   1035 N  N   . GLU A 1 135 ? 0.819   -3.896  4.775   1.00 12.20 ? 123 GLU A N   1 
ATOM   1036 C  CA  . GLU A 1 135 ? 0.322   -5.250  4.865   1.00 12.80 ? 123 GLU A CA  1 
ATOM   1037 C  C   . GLU A 1 135 ? -0.417  -5.458  6.180   1.00 13.17 ? 123 GLU A C   1 
ATOM   1038 O  O   . GLU A 1 135 ? 0.162   -5.227  7.229   1.00 13.52 ? 123 GLU A O   1 
ATOM   1039 C  CB  . GLU A 1 135 ? 1.503   -6.239  4.795   1.00 14.24 ? 123 GLU A CB  1 
ATOM   1040 C  CG  . GLU A 1 135 ? 1.079   -7.702  4.839   1.00 14.62 ? 123 GLU A CG  1 
ATOM   1041 C  CD  . GLU A 1 135 ? 0.160   -8.038  3.699   1.00 17.25 ? 123 GLU A CD  1 
ATOM   1042 O  OE1 . GLU A 1 135 ? 0.672   -8.339  2.588   1.00 14.85 ? 123 GLU A OE1 1 
ATOM   1043 O  OE2 . GLU A 1 135 ? -1.066  -7.981  3.916   1.00 15.83 ? 123 GLU A OE2 1 
ATOM   1044 N  N   . PHE A 1 136 ? -1.679  -5.897  6.125   1.00 13.42 ? 124 PHE A N   1 
ATOM   1045 C  CA  . PHE A 1 136 ? -2.436  -6.196  7.334   1.00 13.85 ? 124 PHE A CA  1 
ATOM   1046 C  C   . PHE A 1 136 ? -2.806  -7.668  7.502   1.00 13.90 ? 124 PHE A C   1 
ATOM   1047 O  O   . PHE A 1 136 ? -3.366  -8.047  8.518   1.00 14.40 ? 124 PHE A O   1 
ATOM   1048 C  CB  . PHE A 1 136 ? -3.658  -5.276  7.424   1.00 14.64 ? 124 PHE A CB  1 
ATOM   1049 C  CG  . PHE A 1 136 ? -3.280  -3.825  7.386   1.00 14.94 ? 124 PHE A CG  1 
ATOM   1050 C  CD1 . PHE A 1 136 ? -2.471  -3.310  8.372   1.00 16.42 ? 124 PHE A CD1 1 
ATOM   1051 C  CD2 . PHE A 1 136 ? -3.662  -2.995  6.350   1.00 15.08 ? 124 PHE A CD2 1 
ATOM   1052 C  CE1 . PHE A 1 136 ? -2.068  -1.991  8.340   1.00 17.77 ? 124 PHE A CE1 1 
ATOM   1053 C  CE2 . PHE A 1 136 ? -3.264  -1.681  6.324   1.00 17.05 ? 124 PHE A CE2 1 
ATOM   1054 C  CZ  . PHE A 1 136 ? -2.454  -1.196  7.333   1.00 16.18 ? 124 PHE A CZ  1 
ATOM   1055 N  N   . ASP A 1 137 ? -2.522  -8.479  6.480   1.00 14.58 ? 125 ASP A N   1 
ATOM   1056 C  CA  . ASP A 1 137 ? -2.758  -9.929  6.559   1.00 13.93 ? 125 ASP A CA  1 
ATOM   1057 C  C   . ASP A 1 137 ? -1.753  -10.657 5.662   1.00 14.82 ? 125 ASP A C   1 
ATOM   1058 O  O   . ASP A 1 137 ? -2.096  -11.230 4.623   1.00 14.95 ? 125 ASP A O   1 
ATOM   1059 C  CB  . ASP A 1 137 ? -4.205  -10.267 6.171   1.00 16.07 ? 125 ASP A CB  1 
ATOM   1060 C  CG  . ASP A 1 137 ? -4.496  -11.772 6.245   1.00 17.89 ? 125 ASP A CG  1 
ATOM   1061 O  OD1 . ASP A 1 137 ? -3.947  -12.442 7.165   1.00 18.18 ? 125 ASP A OD1 1 
ATOM   1062 O  OD2 . ASP A 1 137 ? -5.246  -12.285 5.373   1.00 17.86 ? 125 ASP A OD2 1 
ATOM   1063 N  N   . GLY A 1 138 ? -0.508  -10.605 6.102   1.00 12.85 ? 126 GLY A N   1 
ATOM   1064 C  CA  . GLY A 1 138 ? 0.627   -11.055 5.296   1.00 13.57 ? 126 GLY A CA  1 
ATOM   1065 C  C   . GLY A 1 138 ? 1.000   -12.514 5.471   1.00 13.75 ? 126 GLY A C   1 
ATOM   1066 O  O   . GLY A 1 138 ? 0.149   -13.344 5.726   1.00 14.76 ? 126 GLY A O   1 
ATOM   1067 N  N   . MET A 1 139 ? 2.287   -12.814 5.294   1.00 15.45 ? 127 MET A N   1 
ATOM   1068 C  CA  . MET A 1 139 ? 2.787   -14.196 5.310   1.00 15.48 ? 127 MET A CA  1 
ATOM   1069 C  C   . MET A 1 139 ? 2.205   -15.037 4.182   1.00 16.75 ? 127 MET A C   1 
ATOM   1070 O  O   . MET A 1 139 ? 2.075   -16.255 4.305   1.00 18.54 ? 127 MET A O   1 
ATOM   1071 C  CB  . MET A 1 139 ? 2.558   -14.868 6.669   1.00 15.98 ? 127 MET A CB  1 
ATOM   1072 C  CG  . MET A 1 139 ? 3.107   -14.039 7.788   1.00 17.85 ? 127 MET A CG  1 
ATOM   1073 S  SD  . MET A 1 139 ? 2.937   -14.767 9.435   1.00 24.90 ? 127 MET A SD  1 
ATOM   1074 C  CE  . MET A 1 139 ? 1.186   -14.980 9.586   1.00 26.07 ? 127 MET A CE  1 
ATOM   1075 N  N   . ARG A 1 140 ? 1.884   -14.382 3.069   1.00 15.30 ? 128 ARG A N   1 
ATOM   1076 C  CA  . ARG A 1 140 ? 1.435   -15.054 1.856   1.00 16.15 ? 128 ARG A CA  1 
ATOM   1077 C  C   . ARG A 1 140 ? 1.711   -14.083 0.722   1.00 17.42 ? 128 ARG A C   1 
ATOM   1078 O  O   . ARG A 1 140 ? 1.810   -12.882 0.962   1.00 18.58 ? 128 ARG A O   1 
ATOM   1079 C  CB  . ARG A 1 140 ? -0.039  -15.410 1.940   1.00 17.64 ? 128 ARG A CB  1 
ATOM   1080 C  CG  . ARG A 1 140 ? -0.968  -14.240 2.176   1.00 18.54 ? 128 ARG A CG  1 
ATOM   1081 C  CD  . ARG A 1 140 ? -2.399  -14.723 2.334   1.00 17.35 ? 128 ARG A CD  1 
ATOM   1082 N  NE  . ARG A 1 140 ? -3.332  -13.691 2.778   1.00 18.78 ? 128 ARG A NE  1 
ATOM   1083 C  CZ  . ARG A 1 140 ? -4.145  -12.999 1.990   1.00 18.49 ? 128 ARG A CZ  1 
ATOM   1084 N  NH1 . ARG A 1 140 ? -4.162  -13.202 0.683   1.00 18.78 ? 128 ARG A NH1 1 
ATOM   1085 N  NH2 . ARG A 1 140 ? -4.941  -12.085 2.509   1.00 20.53 ? 128 ARG A NH2 1 
ATOM   1086 N  N   . PRO A 1 141 ? 1.831   -14.593 -0.522  1.00 19.93 ? 129 PRO A N   1 
ATOM   1087 C  CA  . PRO A 1 141 ? 2.191   -13.719 -1.633  1.00 18.85 ? 129 PRO A CA  1 
ATOM   1088 C  C   . PRO A 1 141 ? 1.052   -12.786 -2.021  1.00 17.39 ? 129 PRO A C   1 
ATOM   1089 O  O   . PRO A 1 141 ? -0.062  -13.231 -2.317  1.00 18.11 ? 129 PRO A O   1 
ATOM   1090 C  CB  . PRO A 1 141 ? 2.492   -14.702 -2.774  1.00 22.11 ? 129 PRO A CB  1 
ATOM   1091 C  CG  . PRO A 1 141 ? 1.627   -15.884 -2.465  1.00 28.06 ? 129 PRO A CG  1 
ATOM   1092 C  CD  . PRO A 1 141 ? 1.652   -15.992 -0.965  1.00 23.67 ? 129 PRO A CD  1 
ATOM   1093 N  N   . LYS A 1 142 ? 1.331   -11.487 -1.974  1.00 15.91 ? 130 LYS A N   1 
ATOM   1094 C  CA  . LYS A 1 142 ? 0.336   -10.483 -2.264  1.00 15.16 ? 130 LYS A CA  1 
ATOM   1095 C  C   . LYS A 1 142 ? 0.928   -9.439  -3.171  1.00 16.35 ? 130 LYS A C   1 
ATOM   1096 O  O   . LYS A 1 142 ? 2.148   -9.323  -3.330  1.00 17.78 ? 130 LYS A O   1 
ATOM   1097 C  CB  . LYS A 1 142 ? -0.191  -9.883  -0.964  1.00 15.03 ? 130 LYS A CB  1 
ATOM   1098 C  CG  . LYS A 1 142 ? -0.930  -10.956 -0.172  1.00 16.62 ? 130 LYS A CG  1 
ATOM   1099 C  CD  . LYS A 1 142 ? -1.336  -10.525 1.201   1.00 18.33 ? 130 LYS A CD  1 
ATOM   1100 C  CE  . LYS A 1 142 ? -2.570  -9.631  1.183   1.00 15.59 ? 130 LYS A CE  1 
ATOM   1101 N  NZ  . LYS A 1 142 ? -2.913  -9.293  2.625   1.00 14.51 ? 130 LYS A NZ  1 
ATOM   1102 N  N   . ARG A 1 143 ? 0.044   -8.686  -3.807  1.00 15.30 ? 131 ARG A N   1 
ATOM   1103 C  CA  . ARG A 1 143 ? 0.426   -7.887  -4.945  1.00 13.74 ? 131 ARG A CA  1 
ATOM   1104 C  C   . ARG A 1 143 ? -0.031  -6.458  -4.838  1.00 14.64 ? 131 ARG A C   1 
ATOM   1105 O  O   . ARG A 1 143 ? -1.097  -6.172  -4.316  1.00 13.88 ? 131 ARG A O   1 
ATOM   1106 C  CB  . ARG A 1 143 ? -0.150  -8.487  -6.214  1.00 15.40 ? 131 ARG A CB  1 
ATOM   1107 C  CG  . ARG A 1 143 ? 0.058   -9.956  -6.348  1.00 17.67 ? 131 ARG A CG  1 
ATOM   1108 C  CD  . ARG A 1 143 ? -0.578  -10.430 -7.598  1.00 18.69 ? 131 ARG A CD  1 
ATOM   1109 N  NE  . ARG A 1 143 ? -0.598  -11.886 -7.642  1.00 22.67 ? 131 ARG A NE  1 
ATOM   1110 C  CZ  . ARG A 1 143 ? -0.626  -12.580 -8.764  1.00 23.41 ? 131 ARG A CZ  1 
ATOM   1111 N  NH1 . ARG A 1 143 ? -0.595  -11.958 -9.947  1.00 19.42 ? 131 ARG A NH1 1 
ATOM   1112 N  NH2 . ARG A 1 143 ? -0.685  -13.903 -8.701  1.00 21.79 ? 131 ARG A NH2 1 
ATOM   1113 N  N   . VAL A 1 144 ? 0.812   -5.590  -5.389  1.00 13.19 ? 132 VAL A N   1 
ATOM   1114 C  CA  . VAL A 1 144 ? 0.537   -4.188  -5.630  1.00 13.41 ? 132 VAL A CA  1 
ATOM   1115 C  C   . VAL A 1 144 ? 0.637   -3.934  -7.120  1.00 15.09 ? 132 VAL A C   1 
ATOM   1116 O  O   . VAL A 1 144 ? 1.529   -4.459  -7.790  1.00 14.22 ? 132 VAL A O   1 
ATOM   1117 C  CB  . VAL A 1 144 ? 1.579   -3.323  -4.887  1.00 14.11 ? 132 VAL A CB  1 
ATOM   1118 C  CG1 . VAL A 1 144 ? 1.613   -1.902  -5.367  1.00 17.22 ? 132 VAL A CG1 1 
ATOM   1119 C  CG2 . VAL A 1 144 ? 1.314   -3.374  -3.390  1.00 16.34 ? 132 VAL A CG2 1 
ATOM   1120 N  N   . LEU A 1 145 ? -0.284  -3.146  -7.634  1.00 12.64 ? 133 LEU A N   1 
ATOM   1121 C  CA  . LEU A 1 145 ? -0.291  -2.772  -9.039  1.00 12.46 ? 133 LEU A CA  1 
ATOM   1122 C  C   . LEU A 1 145 ? 0.215   -1.358  -9.201  1.00 13.40 ? 133 LEU A C   1 
ATOM   1123 O  O   . LEU A 1 145 ? -0.177  -0.474  -8.445  1.00 14.26 ? 133 LEU A O   1 
ATOM   1124 C  CB  . LEU A 1 145 ? -1.698  -2.898  -9.645  1.00 14.04 ? 133 LEU A CB  1 
ATOM   1125 C  CG  . LEU A 1 145 ? -1.792  -2.659  -11.152 1.00 14.35 ? 133 LEU A CG  1 
ATOM   1126 C  CD1 . LEU A 1 145 ? -1.047  -3.721  -11.950 1.00 14.34 ? 133 LEU A CD1 1 
ATOM   1127 C  CD2 . LEU A 1 145 ? -3.261  -2.593  -11.579 1.00 16.57 ? 133 LEU A CD2 1 
ATOM   1128 N  N   . VAL A 1 146 ? 1.097   -1.151  -10.181 1.00 13.17 ? 134 VAL A N   1 
ATOM   1129 C  CA  . VAL A 1 146 ? 1.506   0.168   -10.633 1.00 13.17 ? 134 VAL A CA  1 
ATOM   1130 C  C   . VAL A 1 146 ? 1.037   0.301   -12.070 1.00 13.14 ? 134 VAL A C   1 
ATOM   1131 O  O   . VAL A 1 146 ? 1.323   -0.560  -12.902 1.00 13.33 ? 134 VAL A O   1 
ATOM   1132 C  CB  . VAL A 1 146 ? 3.040   0.349   -10.607 1.00 14.75 ? 134 VAL A CB  1 
ATOM   1133 C  CG1 . VAL A 1 146 ? 3.429   1.716   -11.111 1.00 13.98 ? 134 VAL A CG1 1 
ATOM   1134 C  CG2 . VAL A 1 146 ? 3.575   0.134   -9.217  1.00 17.39 ? 134 VAL A CG2 1 
ATOM   1135 N  N   . LYS A 1 147 ? 0.295   1.372   -12.325 1.00 13.42 ? 135 LYS A N   1 
ATOM   1136 C  CA  . LYS A 1 147 ? -0.169  1.705   -13.639 1.00 12.65 ? 135 LYS A CA  1 
ATOM   1137 C  C   . LYS A 1 147 ? 0.084   3.177   -13.914 1.00 11.64 ? 135 LYS A C   1 
ATOM   1138 O  O   . LYS A 1 147 ? -0.249  4.018   -13.107 1.00 14.41 ? 135 LYS A O   1 
ATOM   1139 C  CB  . LYS A 1 147 ? -1.674  1.400   -13.758 1.00 11.94 ? 135 LYS A CB  1 
ATOM   1140 C  CG  . LYS A 1 147 ? -2.282  1.601   -15.177 1.00 14.65 ? 135 LYS A CG  1 
ATOM   1141 C  CD  . LYS A 1 147 ? -1.964  0.482   -16.113 1.00 16.21 ? 135 LYS A CD  1 
ATOM   1142 C  CE  . LYS A 1 147 ? -2.722  0.644   -17.436 1.00 16.90 ? 135 LYS A CE  1 
ATOM   1143 N  NZ  . LYS A 1 147 ? -2.551  -0.572  -18.326 1.00 15.00 ? 135 LYS A NZ  1 
ATOM   1144 N  N   . ILE A 1 148 ? 0.734   3.463   -15.043 1.00 13.11 ? 136 ILE A N   1 
ATOM   1145 C  CA  . ILE A 1 148 ? 1.056   4.829   -15.432 1.00 11.99 ? 136 ILE A CA  1 
ATOM   1146 C  C   . ILE A 1 148 ? 0.523   5.106   -16.800 1.00 13.65 ? 136 ILE A C   1 
ATOM   1147 O  O   . ILE A 1 148 ? 0.657   4.282   -17.690 1.00 14.32 ? 136 ILE A O   1 
ATOM   1148 C  CB  . ILE A 1 148 ? 2.574   5.097   -15.433 1.00 14.38 ? 136 ILE A CB  1 
ATOM   1149 C  CG1 . ILE A 1 148 ? 3.222   4.479   -14.184 1.00 14.60 ? 136 ILE A CG1 1 
ATOM   1150 C  CG2 . ILE A 1 148 ? 2.818   6.600   -15.491 1.00 16.56 ? 136 ILE A CG2 1 
ATOM   1151 C  CD1 . ILE A 1 148 ? 4.737   4.582   -14.165 1.00 16.06 ? 136 ILE A CD1 1 
ATOM   1152 N  N   . ILE A 1 149 ? -0.138  6.230   -16.960 1.00 14.32 ? 137 ILE A N   1 
ATOM   1153 C  CA  . ILE A 1 149 ? -0.550  6.666   -18.284 1.00 15.92 ? 137 ILE A CA  1 
ATOM   1154 C  C   . ILE A 1 149 ? -0.067  8.086   -18.532 1.00 14.20 ? 137 ILE A C   1 
ATOM   1155 O  O   . ILE A 1 149 ? 0.046   8.896   -17.593 1.00 13.94 ? 137 ILE A O   1 
ATOM   1156 C  CB  . ILE A 1 149 ? -2.073  6.562   -18.540 1.00 17.82 ? 137 ILE A CB  1 
ATOM   1157 C  CG1 . ILE A 1 149 ? -2.868  7.506   -17.663 1.00 16.90 ? 137 ILE A CG1 1 
ATOM   1158 C  CG2 . ILE A 1 149 ? -2.566  5.140   -18.331 1.00 19.13 ? 137 ILE A CG2 1 
ATOM   1159 C  CD1 . ILE A 1 149 ? -4.316  7.640   -18.160 1.00 21.04 ? 137 ILE A CD1 1 
ATOM   1160 N  N   . GLY A 1 150 ? 0.239   8.393   -19.780 1.00 15.73 ? 138 GLY A N   1 
ATOM   1161 C  CA  . GLY A 1 150 ? 0.593   9.763   -20.111 1.00 16.30 ? 138 GLY A CA  1 
ATOM   1162 C  C   . GLY A 1 150 ? 1.370   9.796   -21.384 1.00 18.37 ? 138 GLY A C   1 
ATOM   1163 O  O   . GLY A 1 150 ? 1.205   8.911   -22.218 1.00 20.15 ? 138 GLY A O   1 
ATOM   1164 N  N   . GLU A 1 151 ? 2.243   10.788  -21.507 1.00 18.54 ? 139 GLU A N   1 
ATOM   1165 C  CA  . GLU A 1 151 ? 3.148   10.896  -22.647 1.00 20.39 ? 139 GLU A CA  1 
ATOM   1166 C  C   . GLU A 1 151 ? 4.522   11.284  -22.147 1.00 23.47 ? 139 GLU A C   1 
ATOM   1167 O  O   . GLU A 1 151 ? 4.629   12.184  -21.333 1.00 24.63 ? 139 GLU A O   1 
ATOM   1168 C  CB  . GLU A 1 151 ? 2.624   11.924  -23.643 1.00 21.89 ? 139 GLU A CB  1 
ATOM   1169 O  OXT . GLU A 1 151 ? 5.542   10.752  -22.577 1.00 27.90 ? 139 GLU A OXT 1 
HETATM 1170 NA NA  . NA  B 2 .   ? -11.170 -11.734 4.354   1.00 13.38 ? 140 NA  A NA  1 
HETATM 1171 S  S   . SO4 C 3 .   ? -7.287  -10.877 -0.185  1.00 17.65 ? 141 SO4 A S   1 
HETATM 1172 O  O1  . SO4 C 3 .   ? -6.421  -11.934 -0.667  1.00 23.70 ? 141 SO4 A O1  1 
HETATM 1173 O  O2  . SO4 C 3 .   ? -8.552  -11.395 0.301   1.00 22.50 ? 141 SO4 A O2  1 
HETATM 1174 O  O3  . SO4 C 3 .   ? -7.611  -9.944  -1.283  1.00 15.73 ? 141 SO4 A O3  1 
HETATM 1175 O  O4  . SO4 C 3 .   ? -6.556  -10.187 0.839   1.00 21.40 ? 141 SO4 A O4  1 
HETATM 1176 S  S   . SO4 D 3 .   ? -11.161 -15.432 19.665  1.00 25.81 ? 142 SO4 A S   1 
HETATM 1177 O  O1  . SO4 D 3 .   ? -10.080 -14.512 19.289  1.00 19.28 ? 142 SO4 A O1  1 
HETATM 1178 O  O2  . SO4 D 3 .   ? -10.595 -16.748 19.346  1.00 29.58 ? 142 SO4 A O2  1 
HETATM 1179 O  O3  . SO4 D 3 .   ? -12.426 -15.239 18.954  1.00 23.17 ? 142 SO4 A O3  1 
HETATM 1180 O  O4  . SO4 D 3 .   ? -11.462 -15.373 21.109  1.00 31.09 ? 142 SO4 A O4  1 
HETATM 1181 S  S   . SO4 E 3 .   ? 5.357   -7.875  -14.767 0.50 37.68 ? 143 SO4 A S   1 
HETATM 1182 O  O1  . SO4 E 3 .   ? 5.259   -6.837  -15.789 0.50 32.85 ? 143 SO4 A O1  1 
HETATM 1183 O  O2  . SO4 E 3 .   ? 4.541   -9.024  -15.158 0.50 32.67 ? 143 SO4 A O2  1 
HETATM 1184 O  O3  . SO4 E 3 .   ? 4.820   -7.310  -13.507 0.50 21.70 ? 143 SO4 A O3  1 
HETATM 1185 O  O4  . SO4 E 3 .   ? 6.765   -8.305  -14.663 0.50 18.30 ? 143 SO4 A O4  1 
HETATM 1186 O  O   . HOH F 4 .   ? -6.368  -1.003  -10.188 1.00 13.28 ? 144 HOH A O   1 
HETATM 1187 O  O   . HOH F 4 .   ? -4.099  -7.601  11.097  1.00 13.92 ? 145 HOH A O   1 
HETATM 1188 O  O   . HOH F 4 .   ? -9.965  -10.203 12.841  1.00 14.15 ? 146 HOH A O   1 
HETATM 1189 O  O   . HOH F 4 .   ? -0.883  5.831   18.089  1.00 15.19 ? 147 HOH A O   1 
HETATM 1190 O  O   . HOH F 4 .   ? -4.069  5.433   0.685   1.00 15.57 ? 148 HOH A O   1 
HETATM 1191 O  O   . HOH F 4 .   ? 1.036   13.567  0.831   1.00 15.93 ? 149 HOH A O   1 
HETATM 1192 O  O   . HOH F 4 .   ? 8.179   -7.730  -7.147  0.50 15.71 ? 150 HOH A O   1 
HETATM 1193 O  O   . HOH F 4 .   ? -1.946  -6.374  -1.667  1.00 15.94 ? 151 HOH A O   1 
HETATM 1194 O  O   . HOH F 4 .   ? 10.219  9.401   -9.764  1.00 16.46 ? 152 HOH A O   1 
HETATM 1195 O  O   . HOH F 4 .   ? 11.961  7.978   -11.515 1.00 17.26 ? 153 HOH A O   1 
HETATM 1196 O  O   . HOH F 4 .   ? -1.970  8.181   1.323   1.00 17.37 ? 154 HOH A O   1 
HETATM 1197 O  O   . HOH F 4 .   ? 2.537   -10.583 2.402   1.00 17.65 ? 155 HOH A O   1 
HETATM 1198 O  O   . HOH F 4 .   ? 10.041  8.342   -17.490 1.00 18.22 ? 156 HOH A O   1 
HETATM 1199 O  O   . HOH F 4 .   ? -7.998  -9.444  -4.058  1.00 18.54 ? 157 HOH A O   1 
HETATM 1200 O  O   . HOH F 4 .   ? 12.412  8.781   -14.152 1.00 18.77 ? 158 HOH A O   1 
HETATM 1201 O  O   . HOH F 4 .   ? 2.623   15.232  -4.387  1.00 18.98 ? 159 HOH A O   1 
HETATM 1202 O  O   . HOH F 4 .   ? -10.252 3.421   -2.794  1.00 19.06 ? 160 HOH A O   1 
HETATM 1203 O  O   . HOH F 4 .   ? 9.401   10.709  4.931   1.00 19.43 ? 161 HOH A O   1 
HETATM 1204 O  O   . HOH F 4 .   ? -3.521  5.818   18.962  1.00 19.92 ? 162 HOH A O   1 
HETATM 1205 O  O   . HOH F 4 .   ? -11.706 -0.969  1.839   1.00 20.67 ? 163 HOH A O   1 
HETATM 1206 O  O   . HOH F 4 .   ? -16.186 -14.883 14.182  1.00 20.82 ? 164 HOH A O   1 
HETATM 1207 O  O   . HOH F 4 .   ? -3.820  -0.076  20.335  1.00 20.99 ? 165 HOH A O   1 
HETATM 1208 O  O   . HOH F 4 .   ? -6.348  -7.053  18.984  1.00 21.24 ? 166 HOH A O   1 
HETATM 1209 O  O   . HOH F 4 .   ? -8.982  -12.885 21.682  0.50 19.64 ? 167 HOH A O   1 
HETATM 1210 O  O   . HOH F 4 .   ? 12.722  5.967   -0.615  1.00 21.61 ? 168 HOH A O   1 
HETATM 1211 O  O   . HOH F 4 .   ? 7.478   18.099  -6.435  1.00 21.78 ? 169 HOH A O   1 
HETATM 1212 O  O   . HOH F 4 .   ? -13.741 -3.277  15.599  1.00 22.18 ? 170 HOH A O   1 
HETATM 1213 O  O   . HOH F 4 .   ? 4.107   -2.063  -19.188 1.00 22.59 ? 171 HOH A O   1 
HETATM 1214 O  O   . HOH F 4 .   ? -3.406  7.221   3.733   1.00 23.20 ? 172 HOH A O   1 
HETATM 1215 O  O   . HOH F 4 .   ? -13.990 -16.357 14.833  1.00 23.86 ? 173 HOH A O   1 
HETATM 1216 O  O   . HOH F 4 .   ? -0.068  -0.869  -19.470 1.00 23.84 ? 174 HOH A O   1 
HETATM 1217 O  O   . HOH F 4 .   ? 6.504   -2.327  9.766   1.00 24.11 ? 175 HOH A O   1 
HETATM 1218 O  O   . HOH F 4 .   ? 10.755  -0.354  4.226   1.00 24.55 ? 176 HOH A O   1 
HETATM 1219 O  O   . HOH F 4 .   ? 1.264   5.592   19.860  1.00 24.39 ? 177 HOH A O   1 
HETATM 1220 O  O   . HOH F 4 .   ? -1.090  -13.318 -5.081  1.00 24.81 ? 178 HOH A O   1 
HETATM 1221 O  O   . HOH F 4 .   ? -2.929  -7.740  17.310  1.00 24.79 ? 179 HOH A O   1 
HETATM 1222 O  O   . HOH F 4 .   ? -2.307  -14.413 -1.192  1.00 24.96 ? 180 HOH A O   1 
HETATM 1223 O  O   . HOH F 4 .   ? 14.849  3.652   -7.716  1.00 24.88 ? 181 HOH A O   1 
HETATM 1224 O  O   . HOH F 4 .   ? 8.125   -5.959  -4.878  1.00 24.99 ? 182 HOH A O   1 
HETATM 1225 O  O   . HOH F 4 .   ? -10.693 -5.781  21.021  1.00 25.84 ? 183 HOH A O   1 
HETATM 1226 O  O   . HOH F 4 .   ? -6.786  5.765   -0.827  1.00 26.35 ? 184 HOH A O   1 
HETATM 1227 O  O   . HOH F 4 .   ? -1.437  -13.168 8.268   1.00 27.01 ? 185 HOH A O   1 
HETATM 1228 O  O   . HOH F 4 .   ? 15.300  4.256   -10.436 1.00 26.93 ? 186 HOH A O   1 
HETATM 1229 O  O   . HOH F 4 .   ? 2.837   -6.160  -16.430 1.00 26.68 ? 187 HOH A O   1 
HETATM 1230 O  O   . HOH F 4 .   ? 8.884   -9.232  5.675   1.00 26.98 ? 188 HOH A O   1 
HETATM 1231 O  O   . HOH F 4 .   ? -3.120  -9.891  -11.578 1.00 26.90 ? 189 HOH A O   1 
HETATM 1232 O  O   . HOH F 4 .   ? -7.897  -15.399 7.577   1.00 27.16 ? 190 HOH A O   1 
HETATM 1233 O  O   . HOH F 4 .   ? 9.626   12.450  -1.341  1.00 27.26 ? 191 HOH A O   1 
HETATM 1234 O  O   . HOH F 4 .   ? -9.003  3.822   -0.483  1.00 26.94 ? 192 HOH A O   1 
HETATM 1235 O  O   . HOH F 4 .   ? 13.751  3.797   0.746   1.00 27.12 ? 193 HOH A O   1 
HETATM 1236 O  O   . HOH F 4 .   ? 6.844   -8.725  8.429   1.00 27.71 ? 194 HOH A O   1 
HETATM 1237 O  O   . HOH F 4 .   ? 9.424   -3.210  6.664   1.00 27.31 ? 195 HOH A O   1 
HETATM 1238 O  O   . HOH F 4 .   ? -10.605 3.399   2.137   1.00 27.94 ? 196 HOH A O   1 
HETATM 1239 O  O   . HOH F 4 .   ? 2.531   -8.495  12.740  1.00 27.69 ? 197 HOH A O   1 
HETATM 1240 O  O   . HOH F 4 .   ? -13.359 -17.208 17.384  1.00 28.20 ? 198 HOH A O   1 
HETATM 1241 O  O   . HOH F 4 .   ? -11.059 -13.788 4.292   1.00 28.09 ? 199 HOH A O   1 
HETATM 1242 O  O   . HOH F 4 .   ? -11.920 -17.361 13.289  1.00 29.12 ? 200 HOH A O   1 
HETATM 1243 O  O   . HOH F 4 .   ? 11.794  10.440  -7.787  1.00 28.65 ? 201 HOH A O   1 
HETATM 1244 O  O   . HOH F 4 .   ? -5.219  -14.622 8.278   1.00 28.77 ? 202 HOH A O   1 
HETATM 1245 O  O   . HOH F 4 .   ? 2.724   -12.192 12.922  1.00 28.86 ? 203 HOH A O   1 
HETATM 1246 O  O   . HOH F 4 .   ? -1.793  -14.036 10.853  1.00 28.96 ? 204 HOH A O   1 
HETATM 1247 O  O   . HOH F 4 .   ? -7.627  -5.571  21.016  1.00 29.04 ? 205 HOH A O   1 
HETATM 1248 O  O   . HOH F 4 .   ? -2.415  -14.267 5.576   1.00 30.09 ? 206 HOH A O   1 
HETATM 1249 O  O   . HOH F 4 .   ? -7.625  8.185   -5.503  0.33 29.92 ? 207 HOH A O   1 
HETATM 1250 O  O   . HOH F 4 .   ? -12.123 -11.779 2.322   1.00 29.78 ? 208 HOH A O   1 
HETATM 1251 O  O   . HOH F 4 .   ? -1.905  -2.035  20.276  1.00 31.29 ? 209 HOH A O   1 
HETATM 1252 O  O   . HOH F 4 .   ? 8.483   1.175   14.221  1.00 31.40 ? 210 HOH A O   1 
HETATM 1253 O  O   . HOH F 4 .   ? 2.062   -9.223  -13.866 1.00 31.78 ? 211 HOH A O   1 
HETATM 1254 O  O   . HOH F 4 .   ? -19.347 -14.868 7.399   1.00 31.81 ? 212 HOH A O   1 
HETATM 1255 O  O   . HOH F 4 .   ? -4.584  -8.671  20.190  1.00 32.24 ? 213 HOH A O   1 
HETATM 1256 O  O   . HOH F 4 .   ? -14.614 -17.066 8.173   1.00 31.75 ? 214 HOH A O   1 
HETATM 1257 O  O   . HOH F 4 .   ? -3.267  -4.672  20.309  1.00 31.33 ? 215 HOH A O   1 
HETATM 1258 O  O   . HOH F 4 .   ? -7.751  -2.501  20.485  1.00 32.34 ? 216 HOH A O   1 
HETATM 1259 O  O   . HOH F 4 .   ? 2.770   2.427   -24.237 1.00 32.94 ? 217 HOH A O   1 
HETATM 1260 O  O   . HOH F 4 .   ? -13.743 0.594   16.612  1.00 33.02 ? 218 HOH A O   1 
HETATM 1261 O  O   . HOH F 4 .   ? 8.618   15.973  -10.797 1.00 33.25 ? 219 HOH A O   1 
HETATM 1262 O  O   . HOH F 4 .   ? 12.892  1.244   0.364   1.00 33.09 ? 220 HOH A O   1 
HETATM 1263 O  O   . HOH F 4 .   ? 1.051   -2.837  9.017   1.00 33.40 ? 221 HOH A O   1 
HETATM 1264 O  O   . HOH F 4 .   ? 5.657   2.929   -21.136 1.00 33.21 ? 222 HOH A O   1 
HETATM 1265 O  O   . HOH F 4 .   ? 14.670  9.541   -15.389 1.00 33.97 ? 223 HOH A O   1 
HETATM 1266 O  O   . HOH F 4 .   ? 11.853  10.546  3.934   1.00 34.19 ? 224 HOH A O   1 
HETATM 1267 O  O   . HOH F 4 .   ? 9.573   18.120  -2.951  1.00 35.04 ? 225 HOH A O   1 
HETATM 1268 O  O   . HOH F 4 .   ? 10.099  15.488  -8.853  1.00 34.95 ? 226 HOH A O   1 
HETATM 1269 O  O   . HOH F 4 .   ? 0.171   -2.037  11.453  1.00 35.06 ? 227 HOH A O   1 
HETATM 1270 O  O   . HOH F 4 .   ? 13.695  6.890   -2.972  1.00 35.03 ? 228 HOH A O   1 
HETATM 1271 O  O   . HOH F 4 .   ? 8.205   -9.202  0.535   1.00 34.86 ? 229 HOH A O   1 
HETATM 1272 O  O   . HOH F 4 .   ? 13.236  8.640   14.119  1.00 35.31 ? 230 HOH A O   1 
HETATM 1273 O  O   . HOH F 4 .   ? 10.295  12.271  -7.078  1.00 35.43 ? 231 HOH A O   1 
HETATM 1274 O  O   . HOH F 4 .   ? 10.494  9.734   -5.291  1.00 35.44 ? 232 HOH A O   1 
HETATM 1275 O  O   . HOH F 4 .   ? -10.153 6.670   5.984   0.33 35.49 ? 233 HOH A O   1 
HETATM 1276 O  O   . HOH F 4 .   ? -0.864  -10.081 15.357  1.00 35.78 ? 234 HOH A O   1 
HETATM 1277 O  O   . HOH F 4 .   ? 7.285   -18.596 4.095   1.00 35.30 ? 235 HOH A O   1 
HETATM 1278 O  O   . HOH F 4 .   ? 9.067   -9.272  -2.867  1.00 35.50 ? 236 HOH A O   1 
HETATM 1279 O  O   . HOH F 4 .   ? -14.053 -15.112 21.554  1.00 36.57 ? 237 HOH A O   1 
HETATM 1280 O  O   . HOH F 4 .   ? 8.126   15.202  8.058   1.00 35.37 ? 238 HOH A O   1 
HETATM 1281 O  O   . HOH F 4 .   ? 0.034   -3.095  18.553  1.00 36.30 ? 239 HOH A O   1 
HETATM 1282 O  O   . HOH F 4 .   ? 15.093  12.087  -15.962 1.00 36.69 ? 240 HOH A O   1 
HETATM 1283 O  O   . HOH F 4 .   ? 8.032   18.827  -10.217 1.00 36.03 ? 241 HOH A O   1 
HETATM 1284 O  O   . HOH F 4 .   ? 10.594  -6.218  4.527   1.00 36.18 ? 242 HOH A O   1 
HETATM 1285 O  O   . HOH F 4 .   ? 11.272  -2.869  4.783   1.00 35.68 ? 243 HOH A O   1 
HETATM 1286 O  O   . HOH F 4 .   ? -9.764  -18.131 14.355  1.00 37.05 ? 244 HOH A O   1 
HETATM 1287 O  O   . HOH F 4 .   ? -1.970  -12.887 14.900  1.00 36.38 ? 245 HOH A O   1 
HETATM 1288 O  O   . HOH F 4 .   ? 6.167   16.901  -22.188 1.00 37.08 ? 246 HOH A O   1 
HETATM 1289 O  O   . HOH F 4 .   ? -4.268  -14.470 -3.121  1.00 36.94 ? 247 HOH A O   1 
HETATM 1290 O  O   . HOH F 4 .   ? -10.507 -0.798  20.344  1.00 38.14 ? 248 HOH A O   1 
HETATM 1291 O  O   . HOH F 4 .   ? 4.388   14.932  -22.484 1.00 38.13 ? 249 HOH A O   1 
HETATM 1292 O  O   . HOH F 4 .   ? -1.564  3.073   -24.531 1.00 37.54 ? 250 HOH A O   1 
HETATM 1293 O  O   . HOH F 4 .   ? 11.385  12.328  1.377   1.00 36.26 ? 251 HOH A O   1 
HETATM 1294 O  O   . HOH F 4 .   ? -5.992  -14.846 5.087   1.00 37.65 ? 252 HOH A O   1 
HETATM 1295 O  O   . HOH F 4 .   ? -1.893  -17.120 -1.077  1.00 36.69 ? 253 HOH A O   1 
HETATM 1296 O  O   . HOH F 4 .   ? -4.045  2.042   22.354  1.00 38.04 ? 254 HOH A O   1 
HETATM 1297 O  O   . HOH F 4 .   ? -9.919  -16.063 23.322  1.00 37.85 ? 255 HOH A O   1 
HETATM 1298 O  O   . HOH F 4 .   ? -9.489  -11.894 2.958   1.00 37.91 ? 256 HOH A O   1 
HETATM 1299 O  O   . HOH F 4 .   ? 12.591  9.324   -1.988  1.00 39.10 ? 257 HOH A O   1 
HETATM 1300 O  O   . HOH F 4 .   ? -5.967  -1.211  21.611  1.00 38.55 ? 258 HOH A O   1 
HETATM 1301 O  O   . HOH F 4 .   ? 6.430   -6.666  10.746  1.00 37.79 ? 259 HOH A O   1 
HETATM 1302 O  O   . HOH F 4 .   ? 16.558  6.411   -18.229 1.00 38.72 ? 260 HOH A O   1 
HETATM 1303 O  O   . HOH F 4 .   ? -16.829 -11.588 20.486  1.00 39.60 ? 261 HOH A O   1 
HETATM 1304 O  O   . HOH F 4 .   ? 8.745   -3.842  -16.823 1.00 40.07 ? 262 HOH A O   1 
HETATM 1305 O  O   . HOH F 4 .   ? -1.089  -10.752 -13.671 1.00 39.06 ? 263 HOH A O   1 
HETATM 1306 O  O   . HOH F 4 .   ? -6.969  7.432   20.431  1.00 39.17 ? 264 HOH A O   1 
HETATM 1307 O  O   . HOH F 4 .   ? 7.553   20.383  -2.540  1.00 40.57 ? 265 HOH A O   1 
HETATM 1308 O  O   . HOH F 4 .   ? 6.816   19.587  -16.872 1.00 40.09 ? 266 HOH A O   1 
HETATM 1309 O  O   . HOH F 4 .   ? 0.034   -13.850 13.000  1.00 40.78 ? 267 HOH A O   1 
HETATM 1310 O  O   . HOH F 4 .   ? 8.003   -0.150  9.675   1.00 40.85 ? 268 HOH A O   1 
HETATM 1311 O  O   . HOH F 4 .   ? -16.922 -5.340  17.202  1.00 40.28 ? 269 HOH A O   1 
HETATM 1312 O  O   . HOH F 4 .   ? -22.024 -15.796 10.191  1.00 41.08 ? 270 HOH A O   1 
HETATM 1313 O  O   . HOH F 4 .   ? 10.275  12.514  10.212  1.00 41.13 ? 271 HOH A O   1 
HETATM 1314 O  O   . HOH F 4 .   ? 2.454   3.727   21.849  1.00 41.00 ? 272 HOH A O   1 
HETATM 1315 O  O   . HOH F 4 .   ? 2.816   -4.877  -19.009 1.00 40.70 ? 273 HOH A O   1 
HETATM 1316 O  O   . HOH F 4 .   ? -6.952  -17.973 13.517  1.00 41.37 ? 274 HOH A O   1 
HETATM 1317 O  O   . HOH F 4 .   ? -7.587  7.114   1.529   1.00 41.22 ? 275 HOH A O   1 
HETATM 1318 O  O   . HOH F 4 .   ? 15.233  6.653   -11.254 1.00 42.30 ? 276 HOH A O   1 
HETATM 1319 O  O   . HOH F 4 .   ? -22.159 -14.891 14.221  1.00 43.59 ? 277 HOH A O   1 
HETATM 1320 O  O   . HOH F 4 .   ? 17.864  1.821   -12.814 1.00 42.44 ? 278 HOH A O   1 
HETATM 1321 O  O   . HOH F 4 .   ? -6.473  -14.556 -1.746  1.00 42.18 ? 279 HOH A O   1 
HETATM 1322 O  O   . HOH F 4 .   ? 1.853   -9.486  -16.790 1.00 43.16 ? 280 HOH A O   1 
HETATM 1323 O  O   . HOH F 4 .   ? -4.144  4.506   21.632  1.00 44.36 ? 281 HOH A O   1 
HETATM 1324 O  O   . HOH F 4 .   ? 10.585  1.998   6.159   1.00 43.30 ? 282 HOH A O   1 
HETATM 1325 O  O   . HOH F 4 .   ? 9.257   15.575  -6.549  1.00 43.78 ? 283 HOH A O   1 
HETATM 1326 O  O   . HOH F 4 .   ? 4.308   6.049   7.318   1.00 42.94 ? 284 HOH A O   1 
HETATM 1327 O  O   . HOH F 4 .   ? 5.939   -0.603  13.820  1.00 44.58 ? 285 HOH A O   1 
HETATM 1328 O  O   . HOH F 4 .   ? 13.027  4.806   -20.146 1.00 44.73 ? 286 HOH A O   1 
HETATM 1329 O  O   . HOH F 4 .   ? 14.331  8.479   -10.195 1.00 41.65 ? 287 HOH A O   1 
HETATM 1330 O  O   . HOH F 4 .   ? 11.511  11.418  8.252   1.00 44.29 ? 288 HOH A O   1 
HETATM 1331 O  O   . HOH F 4 .   ? -9.987  -18.384 17.301  1.00 45.16 ? 289 HOH A O   1 
HETATM 1332 O  O   . HOH F 4 .   ? -7.950  -14.198 2.810   1.00 45.67 ? 290 HOH A O   1 
HETATM 1333 O  O   . HOH F 4 .   ? 2.578   -2.544  11.399  1.00 46.18 ? 291 HOH A O   1 
HETATM 1334 O  O   . HOH F 4 .   ? 4.367   -14.362 13.080  1.00 46.30 ? 292 HOH A O   1 
HETATM 1335 O  O   . HOH F 4 .   ? -2.240  -2.365  13.758  1.00 45.81 ? 293 HOH A O   1 
HETATM 1336 O  O   . HOH F 4 .   ? 12.991  9.361   9.813   1.00 46.15 ? 294 HOH A O   1 
HETATM 1337 O  O   . HOH F 4 .   ? 9.229   -8.696  3.049   1.00 45.50 ? 295 HOH A O   1 
HETATM 1338 O  O   . HOH F 4 .   ? 10.355  -6.708  1.844   1.00 49.54 ? 296 HOH A O   1 
HETATM 1339 O  O   . HOH F 4 .   ? 6.161   -3.629  -17.574 1.00 45.46 ? 297 HOH A O   1 
HETATM 1340 O  O   . HOH F 4 .   ? -6.740  -5.393  23.380  1.00 47.11 ? 298 HOH A O   1 
HETATM 1341 O  O   . HOH F 4 .   ? 10.384  14.253  -2.457  1.00 45.86 ? 299 HOH A O   1 
HETATM 1342 O  O   . HOH F 4 .   ? -5.883  2.036   24.457  0.50 49.28 ? 300 HOH A O   1 
HETATM 1343 O  O   . HOH F 4 .   ? 7.991   20.864  -11.772 1.00 48.58 ? 301 HOH A O   1 
HETATM 1344 O  O   . HOH F 4 .   ? 0.099   -3.666  -19.942 1.00 47.97 ? 302 HOH A O   1 
HETATM 1345 O  O   . HOH F 4 .   ? -7.850  -14.331 0.460   1.00 49.56 ? 303 HOH A O   1 
HETATM 1346 O  O   . HOH F 4 .   ? 6.439   -15.165 5.492   1.00 51.61 ? 304 HOH A O   1 
HETATM 1347 O  O   . HOH F 4 .   ? -13.385 -4.760  20.044  1.00 47.62 ? 305 HOH A O   1 
HETATM 1348 O  O   . HOH F 4 .   ? -9.138  6.623   -3.256  1.00 48.06 ? 306 HOH A O   1 
HETATM 1349 O  O   . HOH F 4 .   ? 13.270  16.365  2.101   1.00 48.00 ? 307 HOH A O   1 
HETATM 1350 O  O   . HOH F 4 .   ? 13.065  1.886   -20.466 1.00 49.41 ? 308 HOH A O   1 
HETATM 1351 O  O   . HOH F 4 .   ? 0.745   -8.161  13.996  1.00 47.46 ? 309 HOH A O   1 
HETATM 1352 O  O   . HOH F 4 .   ? 13.082  7.547   3.531   1.00 50.21 ? 310 HOH A O   1 
HETATM 1353 O  O   . HOH F 4 .   ? 10.728  14.508  -5.001  1.00 49.90 ? 311 HOH A O   1 
HETATM 1354 O  O   . HOH F 4 .   ? 8.905   -0.019  -20.249 1.00 47.78 ? 312 HOH A O   1 
HETATM 1355 O  O   . HOH F 4 .   ? 9.060   0.635   7.016   1.00 49.26 ? 313 HOH A O   1 
HETATM 1356 O  O   . HOH F 4 .   ? 11.435  9.330   -21.988 1.00 54.32 ? 314 HOH A O   1 
HETATM 1357 O  O   . HOH F 4 .   ? 7.018   -15.712 8.110   1.00 50.24 ? 315 HOH A O   1 
HETATM 1358 O  O   . HOH F 4 .   ? -3.506  -16.316 11.047  1.00 50.93 ? 316 HOH A O   1 
HETATM 1359 O  O   . HOH F 4 .   ? -14.248 -19.324 13.195  1.00 51.25 ? 317 HOH A O   1 
HETATM 1360 O  O   . HOH F 4 .   ? 5.551   -17.309 5.811   1.00 48.51 ? 318 HOH A O   1 
HETATM 1361 O  O   . HOH F 4 .   ? 14.984  0.972   -19.248 1.00 50.52 ? 319 HOH A O   1 
HETATM 1362 O  O   . HOH F 4 .   ? 11.385  11.088  -3.371  1.00 50.27 ? 320 HOH A O   1 
HETATM 1363 O  O   . HOH F 4 .   ? -22.151 -14.083 8.167   1.00 49.51 ? 321 HOH A O   1 
HETATM 1364 O  O   . HOH F 4 .   ? 4.595   -1.185  11.812  1.00 50.10 ? 322 HOH A O   1 
HETATM 1365 O  O   . HOH F 4 .   ? 11.791  -4.674  2.791   1.00 51.61 ? 323 HOH A O   1 
HETATM 1366 O  O   . HOH F 4 .   ? 6.821   -2.382  -19.640 1.00 50.96 ? 324 HOH A O   1 
HETATM 1367 O  O   . HOH F 4 .   ? 14.364  -2.642  5.496   1.00 53.68 ? 325 HOH A O   1 
HETATM 1368 O  O   . HOH F 4 .   ? -15.928 -15.014 5.573   1.00 51.93 ? 326 HOH A O   1 
HETATM 1369 O  O   . HOH F 4 .   ? -3.913  -15.787 13.951  1.00 51.06 ? 327 HOH A O   1 
HETATM 1370 O  O   . HOH F 4 .   ? 8.130   -4.661  10.671  1.00 52.91 ? 328 HOH A O   1 
HETATM 1371 O  O   . HOH F 4 .   ? 4.725   -1.503  16.090  1.00 52.07 ? 329 HOH A O   1 
HETATM 1372 O  O   . HOH F 4 .   ? -11.583 2.768   19.053  1.00 53.36 ? 330 HOH A O   1 
HETATM 1373 O  O   . HOH F 4 .   ? 14.735  -1.266  1.571   1.00 56.91 ? 331 HOH A O   1 
HETATM 1374 O  O   . HOH F 4 .   ? 16.268  8.442   -12.840 1.00 53.48 ? 332 HOH A O   1 
HETATM 1375 O  O   . HOH F 4 .   ? 10.733  -10.444 -1.189  1.00 54.93 ? 333 HOH A O   1 
HETATM 1376 O  O   . HOH F 4 .   ? 17.140  3.859   -5.628  1.00 54.35 ? 334 HOH A O   1 
HETATM 1377 O  O   . HOH F 4 .   ? -6.062  5.796   22.869  1.00 52.08 ? 335 HOH A O   1 
HETATM 1378 O  O   . HOH F 4 .   ? 13.820  14.360  -15.858 1.00 51.14 ? 336 HOH A O   1 
HETATM 1379 O  O   . HOH F 4 .   ? 11.349  4.093   9.326   1.00 52.91 ? 337 HOH A O   1 
HETATM 1380 O  O   . HOH F 4 .   ? -13.642 3.216   17.968  1.00 51.49 ? 338 HOH A O   1 
HETATM 1381 O  O   . HOH F 4 .   ? -15.275 -17.590 21.115  1.00 54.32 ? 339 HOH A O   1 
HETATM 1382 O  O   . HOH F 4 .   ? 6.949   0.878   -21.113 1.00 53.03 ? 340 HOH A O   1 
HETATM 1383 O  O   . HOH F 4 .   ? 2.224   -5.937  14.535  1.00 55.64 ? 341 HOH A O   1 
HETATM 1384 O  O   . HOH F 4 .   ? 4.211   5.677   23.462  1.00 55.46 ? 342 HOH A O   1 
HETATM 1385 O  O   . HOH F 4 .   ? -7.855  0.879   23.129  1.00 59.54 ? 343 HOH A O   1 
HETATM 1386 O  O   . HOH F 4 .   ? -0.701  -10.015 -16.109 1.00 55.44 ? 344 HOH A O   1 
HETATM 1387 O  O   . HOH F 4 .   ? 15.334  -5.148  5.140   1.00 61.86 ? 345 HOH A O   1 
HETATM 1388 O  O   . HOH F 4 .   ? 2.458   -2.187  19.300  1.00 56.20 ? 346 HOH A O   1 
HETATM 1389 O  O   . HOH F 4 .   ? -24.175 -14.661 6.480   1.00 64.30 ? 347 HOH A O   1 
HETATM 1390 O  O   . HOH F 4 .   ? 14.709  10.170  -4.933  1.00 60.81 ? 348 HOH A O   1 
HETATM 1391 O  O   . HOH F 4 .   ? -1.348  -16.677 5.949   1.00 63.95 ? 349 HOH A O   1 
HETATM 1392 O  O   . HOH F 4 .   ? 12.954  2.156   4.549   1.00 60.38 ? 350 HOH A O   1 
HETATM 1393 O  O   . HOH F 4 .   ? 3.387   -18.573 5.764   1.00 64.86 ? 351 HOH A O   1 
HETATM 1394 O  O   . HOH F 4 .   ? 17.147  0.085   -18.532 1.00 63.04 ? 352 HOH A O   1 
HETATM 1395 O  O   . HOH F 4 .   ? 14.620  -1.552  -17.903 1.00 60.19 ? 353 HOH A O   1 
HETATM 1396 O  O   . HOH F 4 .   ? -21.477 -18.582 9.409   1.00 63.00 ? 354 HOH A O   1 
HETATM 1397 O  O   . HOH F 4 .   ? 11.256  14.625  8.408   1.00 66.01 ? 355 HOH A O   1 
HETATM 1398 O  O   . HOH F 4 .   ? 4.087   -5.006  13.093  1.00 65.08 ? 356 HOH A O   1 
# 
loop_
_pdbx_poly_seq_scheme.asym_id 
_pdbx_poly_seq_scheme.entity_id 
_pdbx_poly_seq_scheme.seq_id 
_pdbx_poly_seq_scheme.mon_id 
_pdbx_poly_seq_scheme.ndb_seq_num 
_pdbx_poly_seq_scheme.pdb_seq_num 
_pdbx_poly_seq_scheme.auth_seq_num 
_pdbx_poly_seq_scheme.pdb_mon_id 
_pdbx_poly_seq_scheme.auth_mon_id 
_pdbx_poly_seq_scheme.pdb_strand_id 
_pdbx_poly_seq_scheme.pdb_ins_code 
_pdbx_poly_seq_scheme.hetero 
A 1 1   MET 1   -11 ?   ?   ?   A . n 
A 1 2   GLY 2   -10 ?   ?   ?   A . n 
A 1 3   SER 3   -9  ?   ?   ?   A . n 
A 1 4   ASP 4   -8  ?   ?   ?   A . n 
A 1 5   LYS 5   -7  ?   ?   ?   A . n 
A 1 6   ILE 6   -6  ?   ?   ?   A . n 
A 1 7   HIS 7   -5  ?   ?   ?   A . n 
A 1 8   HIS 8   -4  ?   ?   ?   A . n 
A 1 9   HIS 9   -3  ?   ?   ?   A . n 
A 1 10  HIS 10  -2  ?   ?   ?   A . n 
A 1 11  HIS 11  -1  ?   ?   ?   A . n 
A 1 12  HIS 12  0   ?   ?   ?   A . n 
A 1 13  MET 13  1   1   MET MET A . n 
A 1 14  LYS 14  2   2   LYS LYS A . n 
A 1 15  SER 15  3   3   SER SER A . n 
A 1 16  TYR 16  4   4   TYR TYR A . n 
A 1 17  ARG 17  5   5   ARG ARG A . n 
A 1 18  LYS 18  6   6   LYS LYS A . n 
A 1 19  GLU 19  7   7   GLU GLU A . n 
A 1 20  LEU 20  8   8   LEU LEU A . n 
A 1 21  TRP 21  9   9   TRP TRP A . n 
A 1 22  PHE 22  10  10  PHE PHE A . n 
A 1 23  HIS 23  11  11  HIS HIS A . n 
A 1 24  THR 24  12  12  THR THR A . n 
A 1 25  LYS 25  13  13  LYS LYS A . n 
A 1 26  ARG 26  14  14  ARG ARG A . n 
A 1 27  ARG 27  15  15  ARG ARG A . n 
A 1 28  ARG 28  16  16  ARG ARG A . n 
A 1 29  GLU 29  17  17  GLU GLU A . n 
A 1 30  PHE 30  18  18  PHE PHE A . n 
A 1 31  ILE 31  19  19  ILE ILE A . n 
A 1 32  ASN 32  20  20  ASN ASN A . n 
A 1 33  ILE 33  21  21  ILE ILE A . n 
A 1 34  THR 34  22  22  THR THR A . n 
A 1 35  PRO 35  23  23  PRO PRO A . n 
A 1 36  LEU 36  24  24  LEU LEU A . n 
A 1 37  LEU 37  25  25  LEU LEU A . n 
A 1 38  GLU 38  26  26  GLU GLU A . n 
A 1 39  GLU 39  27  27  GLU GLU A . n 
A 1 40  CYS 40  28  28  CYS CYS A . n 
A 1 41  VAL 41  29  29  VAL VAL A . n 
A 1 42  ARG 42  30  30  ARG ARG A . n 
A 1 43  GLU 43  31  31  GLU GLU A . n 
A 1 44  SER 44  32  32  SER SER A . n 
A 1 45  GLY 45  33  33  GLY GLY A . n 
A 1 46  ILE 46  34  34  ILE ILE A . n 
A 1 47  LYS 47  35  35  LYS LYS A . n 
A 1 48  GLU 48  36  36  GLU GLU A . n 
A 1 49  GLY 49  37  37  GLY GLY A . n 
A 1 50  LEU 50  38  38  LEU LEU A . n 
A 1 51  LEU 51  39  39  LEU LEU A . n 
A 1 52  LEU 52  40  40  LEU LEU A . n 
A 1 53  CYS 53  41  41  CYS CYS A . n 
A 1 54  ASN 54  42  42  ASN ASN A . n 
A 1 55  ALA 55  43  43  ALA ALA A . n 
A 1 56  MET 56  44  44  MET MET A . n 
A 1 57  HIS 57  45  45  HIS HIS A . n 
A 1 58  ILE 58  46  46  ILE ILE A . n 
A 1 59  THR 59  47  47  THR THR A . n 
A 1 60  ALA 60  48  48  ALA ALA A . n 
A 1 61  SER 61  49  49  SER SER A . n 
A 1 62  VAL 62  50  50  VAL VAL A . n 
A 1 63  PHE 63  51  51  PHE PHE A . n 
A 1 64  ILE 64  52  52  ILE ILE A . n 
A 1 65  ASN 65  53  53  ASN ASN A . n 
A 1 66  ASP 66  54  54  ASP ASP A . n 
A 1 67  ASP 67  55  55  ASP ASP A . n 
A 1 68  GLU 68  56  56  GLU GLU A . n 
A 1 69  PRO 69  57  57  PRO PRO A . n 
A 1 70  GLY 70  58  58  GLY GLY A . n 
A 1 71  LEU 71  59  59  LEU LEU A . n 
A 1 72  HIS 72  60  60  HIS HIS A . n 
A 1 73  HIS 73  61  61  HIS HIS A . n 
A 1 74  ASP 74  62  62  ASP ASP A . n 
A 1 75  PHE 75  63  63  PHE PHE A . n 
A 1 76  GLU 76  64  64  GLU GLU A . n 
A 1 77  VAL 77  65  65  VAL VAL A . n 
A 1 78  TRP 78  66  66  TRP TRP A . n 
A 1 79  LEU 79  67  67  LEU LEU A . n 
A 1 80  GLU 80  68  68  GLU GLU A . n 
A 1 81  LYS 81  69  69  LYS LYS A . n 
A 1 82  LEU 82  70  70  LEU LEU A . n 
A 1 83  ALA 83  71  71  ALA ALA A . n 
A 1 84  PRO 84  72  72  PRO PRO A . n 
A 1 85  GLU 85  73  73  GLU GLU A . n 
A 1 86  LYS 86  74  74  LYS LYS A . n 
A 1 87  PRO 87  75  75  PRO PRO A . n 
A 1 88  TYR 88  76  76  TYR TYR A . n 
A 1 89  SER 89  77  77  SER SER A . n 
A 1 90  GLN 90  78  78  GLN GLN A . n 
A 1 91  TYR 91  79  79  TYR TYR A . n 
A 1 92  LYS 92  80  80  LYS LYS A . n 
A 1 93  HIS 93  81  81  HIS HIS A . n 
A 1 94  ASN 94  82  82  ASN ASN A . n 
A 1 95  ASP 95  83  83  ASP ASP A . n 
A 1 96  THR 96  84  84  THR THR A . n 
A 1 97  GLY 97  85  85  GLY GLY A . n 
A 1 98  GLU 98  86  86  GLU GLU A . n 
A 1 99  ASP 99  87  87  ASP ASP A . n 
A 1 100 ASN 100 88  88  ASN ASN A . n 
A 1 101 ALA 101 89  89  ALA ALA A . n 
A 1 102 ASP 102 90  90  ASP ASP A . n 
A 1 103 ALA 103 91  91  ALA ALA A . n 
A 1 104 HIS 104 92  92  HIS HIS A . n 
A 1 105 LEU 105 93  93  LEU LEU A . n 
A 1 106 LYS 106 94  94  LYS LYS A . n 
A 1 107 ARG 107 95  95  ARG ARG A . n 
A 1 108 THR 108 96  96  THR THR A . n 
A 1 109 ILE 109 97  97  ILE ILE A . n 
A 1 110 MET 110 98  98  MET MET A . n 
A 1 111 GLY 111 99  99  GLY GLY A . n 
A 1 112 ARG 112 100 100 ARG ARG A . n 
A 1 113 GLU 113 101 101 GLU GLU A . n 
A 1 114 VAL 114 102 102 VAL VAL A . n 
A 1 115 VAL 115 103 103 VAL VAL A . n 
A 1 116 ILE 116 104 104 ILE ILE A . n 
A 1 117 ALA 117 105 105 ALA ALA A . n 
A 1 118 ILE 118 106 106 ILE ILE A . n 
A 1 119 THR 119 107 107 THR THR A . n 
A 1 120 ASP 120 108 108 ASP ASP A . n 
A 1 121 ARG 121 109 109 ARG ARG A . n 
A 1 122 LYS 122 110 110 LYS LYS A . n 
A 1 123 MET 123 111 111 MET MET A . n 
A 1 124 ASP 124 112 112 ASP ASP A . n 
A 1 125 LEU 125 113 113 LEU LEU A . n 
A 1 126 GLY 126 114 114 GLY GLY A . n 
A 1 127 PRO 127 115 115 PRO PRO A . n 
A 1 128 TRP 128 116 116 TRP TRP A . n 
A 1 129 GLU 129 117 117 GLU GLU A . n 
A 1 130 GLN 130 118 118 GLN GLN A . n 
A 1 131 VAL 131 119 119 VAL VAL A . n 
A 1 132 PHE 132 120 120 PHE PHE A . n 
A 1 133 TYR 133 121 121 TYR TYR A . n 
A 1 134 GLY 134 122 122 GLY GLY A . n 
A 1 135 GLU 135 123 123 GLU GLU A . n 
A 1 136 PHE 136 124 124 PHE PHE A . n 
A 1 137 ASP 137 125 125 ASP ASP A . n 
A 1 138 GLY 138 126 126 GLY GLY A . n 
A 1 139 MET 139 127 127 MET MET A . n 
A 1 140 ARG 140 128 128 ARG ARG A . n 
A 1 141 PRO 141 129 129 PRO PRO A . n 
A 1 142 LYS 142 130 130 LYS LYS A . n 
A 1 143 ARG 143 131 131 ARG ARG A . n 
A 1 144 VAL 144 132 132 VAL VAL A . n 
A 1 145 LEU 145 133 133 LEU LEU A . n 
A 1 146 VAL 146 134 134 VAL VAL A . n 
A 1 147 LYS 147 135 135 LYS LYS A . n 
A 1 148 ILE 148 136 136 ILE ILE A . n 
A 1 149 ILE 149 137 137 ILE ILE A . n 
A 1 150 GLY 150 138 138 GLY GLY A . n 
A 1 151 GLU 151 139 139 GLU GLU A . n 
# 
_pdbx_SG_project.id                    1 
_pdbx_SG_project.project_name          'PSI, Protein Structure Initiative' 
_pdbx_SG_project.full_name_of_center   'Joint Center for Structural Genomics' 
_pdbx_SG_project.initial_of_center     JCSG 
# 
loop_
_pdbx_nonpoly_scheme.asym_id 
_pdbx_nonpoly_scheme.entity_id 
_pdbx_nonpoly_scheme.mon_id 
_pdbx_nonpoly_scheme.ndb_seq_num 
_pdbx_nonpoly_scheme.pdb_seq_num 
_pdbx_nonpoly_scheme.auth_seq_num 
_pdbx_nonpoly_scheme.pdb_mon_id 
_pdbx_nonpoly_scheme.auth_mon_id 
_pdbx_nonpoly_scheme.pdb_strand_id 
_pdbx_nonpoly_scheme.pdb_ins_code 
B 2 NA  1   140 1   NA  NA  A . 
C 3 SO4 1   141 2   SO4 SO4 A . 
D 3 SO4 1   142 3   SO4 SO4 A . 
E 3 SO4 1   143 4   SO4 SO4 A . 
F 4 HOH 1   144 5   HOH HOH A . 
F 4 HOH 2   145 6   HOH HOH A . 
F 4 HOH 3   146 7   HOH HOH A . 
F 4 HOH 4   147 8   HOH HOH A . 
F 4 HOH 5   148 9   HOH HOH A . 
F 4 HOH 6   149 10  HOH HOH A . 
F 4 HOH 7   150 11  HOH HOH A . 
F 4 HOH 8   151 12  HOH HOH A . 
F 4 HOH 9   152 13  HOH HOH A . 
F 4 HOH 10  153 14  HOH HOH A . 
F 4 HOH 11  154 15  HOH HOH A . 
F 4 HOH 12  155 16  HOH HOH A . 
F 4 HOH 13  156 17  HOH HOH A . 
F 4 HOH 14  157 18  HOH HOH A . 
F 4 HOH 15  158 19  HOH HOH A . 
F 4 HOH 16  159 20  HOH HOH A . 
F 4 HOH 17  160 21  HOH HOH A . 
F 4 HOH 18  161 22  HOH HOH A . 
F 4 HOH 19  162 23  HOH HOH A . 
F 4 HOH 20  163 24  HOH HOH A . 
F 4 HOH 21  164 25  HOH HOH A . 
F 4 HOH 22  165 26  HOH HOH A . 
F 4 HOH 23  166 27  HOH HOH A . 
F 4 HOH 24  167 28  HOH HOH A . 
F 4 HOH 25  168 29  HOH HOH A . 
F 4 HOH 26  169 30  HOH HOH A . 
F 4 HOH 27  170 31  HOH HOH A . 
F 4 HOH 28  171 32  HOH HOH A . 
F 4 HOH 29  172 33  HOH HOH A . 
F 4 HOH 30  173 34  HOH HOH A . 
F 4 HOH 31  174 35  HOH HOH A . 
F 4 HOH 32  175 36  HOH HOH A . 
F 4 HOH 33  176 37  HOH HOH A . 
F 4 HOH 34  177 38  HOH HOH A . 
F 4 HOH 35  178 39  HOH HOH A . 
F 4 HOH 36  179 40  HOH HOH A . 
F 4 HOH 37  180 41  HOH HOH A . 
F 4 HOH 38  181 42  HOH HOH A . 
F 4 HOH 39  182 43  HOH HOH A . 
F 4 HOH 40  183 44  HOH HOH A . 
F 4 HOH 41  184 45  HOH HOH A . 
F 4 HOH 42  185 46  HOH HOH A . 
F 4 HOH 43  186 47  HOH HOH A . 
F 4 HOH 44  187 48  HOH HOH A . 
F 4 HOH 45  188 49  HOH HOH A . 
F 4 HOH 46  189 50  HOH HOH A . 
F 4 HOH 47  190 51  HOH HOH A . 
F 4 HOH 48  191 52  HOH HOH A . 
F 4 HOH 49  192 53  HOH HOH A . 
F 4 HOH 50  193 54  HOH HOH A . 
F 4 HOH 51  194 55  HOH HOH A . 
F 4 HOH 52  195 56  HOH HOH A . 
F 4 HOH 53  196 57  HOH HOH A . 
F 4 HOH 54  197 58  HOH HOH A . 
F 4 HOH 55  198 59  HOH HOH A . 
F 4 HOH 56  199 60  HOH HOH A . 
F 4 HOH 57  200 61  HOH HOH A . 
F 4 HOH 58  201 62  HOH HOH A . 
F 4 HOH 59  202 63  HOH HOH A . 
F 4 HOH 60  203 64  HOH HOH A . 
F 4 HOH 61  204 65  HOH HOH A . 
F 4 HOH 62  205 66  HOH HOH A . 
F 4 HOH 63  206 67  HOH HOH A . 
F 4 HOH 64  207 68  HOH HOH A . 
F 4 HOH 65  208 69  HOH HOH A . 
F 4 HOH 66  209 70  HOH HOH A . 
F 4 HOH 67  210 71  HOH HOH A . 
F 4 HOH 68  211 72  HOH HOH A . 
F 4 HOH 69  212 73  HOH HOH A . 
F 4 HOH 70  213 74  HOH HOH A . 
F 4 HOH 71  214 75  HOH HOH A . 
F 4 HOH 72  215 76  HOH HOH A . 
F 4 HOH 73  216 77  HOH HOH A . 
F 4 HOH 74  217 78  HOH HOH A . 
F 4 HOH 75  218 79  HOH HOH A . 
F 4 HOH 76  219 80  HOH HOH A . 
F 4 HOH 77  220 81  HOH HOH A . 
F 4 HOH 78  221 82  HOH HOH A . 
F 4 HOH 79  222 83  HOH HOH A . 
F 4 HOH 80  223 84  HOH HOH A . 
F 4 HOH 81  224 85  HOH HOH A . 
F 4 HOH 82  225 86  HOH HOH A . 
F 4 HOH 83  226 87  HOH HOH A . 
F 4 HOH 84  227 88  HOH HOH A . 
F 4 HOH 85  228 89  HOH HOH A . 
F 4 HOH 86  229 90  HOH HOH A . 
F 4 HOH 87  230 91  HOH HOH A . 
F 4 HOH 88  231 92  HOH HOH A . 
F 4 HOH 89  232 93  HOH HOH A . 
F 4 HOH 90  233 94  HOH HOH A . 
F 4 HOH 91  234 95  HOH HOH A . 
F 4 HOH 92  235 96  HOH HOH A . 
F 4 HOH 93  236 97  HOH HOH A . 
F 4 HOH 94  237 98  HOH HOH A . 
F 4 HOH 95  238 99  HOH HOH A . 
F 4 HOH 96  239 100 HOH HOH A . 
F 4 HOH 97  240 101 HOH HOH A . 
F 4 HOH 98  241 102 HOH HOH A . 
F 4 HOH 99  242 103 HOH HOH A . 
F 4 HOH 100 243 104 HOH HOH A . 
F 4 HOH 101 244 105 HOH HOH A . 
F 4 HOH 102 245 106 HOH HOH A . 
F 4 HOH 103 246 107 HOH HOH A . 
F 4 HOH 104 247 108 HOH HOH A . 
F 4 HOH 105 248 109 HOH HOH A . 
F 4 HOH 106 249 110 HOH HOH A . 
F 4 HOH 107 250 111 HOH HOH A . 
F 4 HOH 108 251 112 HOH HOH A . 
F 4 HOH 109 252 113 HOH HOH A . 
F 4 HOH 110 253 114 HOH HOH A . 
F 4 HOH 111 254 115 HOH HOH A . 
F 4 HOH 112 255 116 HOH HOH A . 
F 4 HOH 113 256 117 HOH HOH A . 
F 4 HOH 114 257 118 HOH HOH A . 
F 4 HOH 115 258 119 HOH HOH A . 
F 4 HOH 116 259 120 HOH HOH A . 
F 4 HOH 117 260 121 HOH HOH A . 
F 4 HOH 118 261 122 HOH HOH A . 
F 4 HOH 119 262 123 HOH HOH A . 
F 4 HOH 120 263 124 HOH HOH A . 
F 4 HOH 121 264 125 HOH HOH A . 
F 4 HOH 122 265 126 HOH HOH A . 
F 4 HOH 123 266 127 HOH HOH A . 
F 4 HOH 124 267 128 HOH HOH A . 
F 4 HOH 125 268 129 HOH HOH A . 
F 4 HOH 126 269 130 HOH HOH A . 
F 4 HOH 127 270 131 HOH HOH A . 
F 4 HOH 128 271 132 HOH HOH A . 
F 4 HOH 129 272 133 HOH HOH A . 
F 4 HOH 130 273 134 HOH HOH A . 
F 4 HOH 131 274 135 HOH HOH A . 
F 4 HOH 132 275 136 HOH HOH A . 
F 4 HOH 133 276 137 HOH HOH A . 
F 4 HOH 134 277 138 HOH HOH A . 
F 4 HOH 135 278 139 HOH HOH A . 
F 4 HOH 136 279 140 HOH HOH A . 
F 4 HOH 137 280 141 HOH HOH A . 
F 4 HOH 138 281 142 HOH HOH A . 
F 4 HOH 139 282 143 HOH HOH A . 
F 4 HOH 140 283 144 HOH HOH A . 
F 4 HOH 141 284 145 HOH HOH A . 
F 4 HOH 142 285 146 HOH HOH A . 
F 4 HOH 143 286 147 HOH HOH A . 
F 4 HOH 144 287 148 HOH HOH A . 
F 4 HOH 145 288 149 HOH HOH A . 
F 4 HOH 146 289 150 HOH HOH A . 
F 4 HOH 147 290 151 HOH HOH A . 
F 4 HOH 148 291 152 HOH HOH A . 
F 4 HOH 149 292 153 HOH HOH A . 
F 4 HOH 150 293 154 HOH HOH A . 
F 4 HOH 151 294 155 HOH HOH A . 
F 4 HOH 152 295 156 HOH HOH A . 
F 4 HOH 153 296 157 HOH HOH A . 
F 4 HOH 154 297 158 HOH HOH A . 
F 4 HOH 155 298 159 HOH HOH A . 
F 4 HOH 156 299 160 HOH HOH A . 
F 4 HOH 157 300 161 HOH HOH A . 
F 4 HOH 158 301 162 HOH HOH A . 
F 4 HOH 159 302 163 HOH HOH A . 
F 4 HOH 160 303 164 HOH HOH A . 
F 4 HOH 161 304 165 HOH HOH A . 
F 4 HOH 162 305 166 HOH HOH A . 
F 4 HOH 163 306 167 HOH HOH A . 
F 4 HOH 164 307 168 HOH HOH A . 
F 4 HOH 165 308 169 HOH HOH A . 
F 4 HOH 166 309 170 HOH HOH A . 
F 4 HOH 167 310 171 HOH HOH A . 
F 4 HOH 168 311 172 HOH HOH A . 
F 4 HOH 169 312 173 HOH HOH A . 
F 4 HOH 170 313 174 HOH HOH A . 
F 4 HOH 171 314 175 HOH HOH A . 
F 4 HOH 172 315 176 HOH HOH A . 
F 4 HOH 173 316 177 HOH HOH A . 
F 4 HOH 174 317 178 HOH HOH A . 
F 4 HOH 175 318 179 HOH HOH A . 
F 4 HOH 176 319 180 HOH HOH A . 
F 4 HOH 177 320 181 HOH HOH A . 
F 4 HOH 178 321 182 HOH HOH A . 
F 4 HOH 179 322 183 HOH HOH A . 
F 4 HOH 180 323 184 HOH HOH A . 
F 4 HOH 181 324 185 HOH HOH A . 
F 4 HOH 182 325 186 HOH HOH A . 
F 4 HOH 183 326 187 HOH HOH A . 
F 4 HOH 184 327 188 HOH HOH A . 
F 4 HOH 185 328 189 HOH HOH A . 
F 4 HOH 186 329 190 HOH HOH A . 
F 4 HOH 187 330 191 HOH HOH A . 
F 4 HOH 188 331 192 HOH HOH A . 
F 4 HOH 189 332 193 HOH HOH A . 
F 4 HOH 190 333 194 HOH HOH A . 
F 4 HOH 191 334 195 HOH HOH A . 
F 4 HOH 192 335 196 HOH HOH A . 
F 4 HOH 193 336 197 HOH HOH A . 
F 4 HOH 194 337 198 HOH HOH A . 
F 4 HOH 195 338 199 HOH HOH A . 
F 4 HOH 196 339 200 HOH HOH A . 
F 4 HOH 197 340 201 HOH HOH A . 
F 4 HOH 198 341 202 HOH HOH A . 
F 4 HOH 199 342 203 HOH HOH A . 
F 4 HOH 200 343 204 HOH HOH A . 
F 4 HOH 201 344 205 HOH HOH A . 
F 4 HOH 202 345 206 HOH HOH A . 
F 4 HOH 203 346 207 HOH HOH A . 
F 4 HOH 204 347 208 HOH HOH A . 
F 4 HOH 205 348 209 HOH HOH A . 
F 4 HOH 206 349 210 HOH HOH A . 
F 4 HOH 207 350 211 HOH HOH A . 
F 4 HOH 208 351 212 HOH HOH A . 
F 4 HOH 209 352 213 HOH HOH A . 
F 4 HOH 210 353 214 HOH HOH A . 
F 4 HOH 211 354 215 HOH HOH A . 
F 4 HOH 212 355 216 HOH HOH A . 
F 4 HOH 213 356 217 HOH HOH A . 
# 
loop_
_pdbx_struct_assembly.id 
_pdbx_struct_assembly.details 
_pdbx_struct_assembly.method_details 
_pdbx_struct_assembly.oligomeric_details 
_pdbx_struct_assembly.oligomeric_count 
1 author_and_software_defined_assembly PISA,PQS trimeric  3 
2 software_defined_assembly            PISA     hexameric 6 
# 
loop_
_pdbx_struct_assembly_gen.assembly_id 
_pdbx_struct_assembly_gen.oper_expression 
_pdbx_struct_assembly_gen.asym_id_list 
1 1,2,3       A,B,C,D,E,F 
2 1,2,3,4,5,6 A,B,C,D,E,F 
# 
loop_
_pdbx_struct_assembly_prop.biol_id 
_pdbx_struct_assembly_prop.type 
_pdbx_struct_assembly_prop.value 
_pdbx_struct_assembly_prop.details 
1 'ABSA (A^2)' 8770  ? 
1 MORE         -179  ? 
1 'SSA (A^2)'  15720 ? 
2 'ABSA (A^2)' 18420 ? 
2 MORE         -395  ? 
2 'SSA (A^2)'  30550 ? 
# 
loop_
_pdbx_struct_oper_list.id 
_pdbx_struct_oper_list.type 
_pdbx_struct_oper_list.name 
_pdbx_struct_oper_list.symmetry_operation 
_pdbx_struct_oper_list.matrix[1][1] 
_pdbx_struct_oper_list.matrix[1][2] 
_pdbx_struct_oper_list.matrix[1][3] 
_pdbx_struct_oper_list.vector[1] 
_pdbx_struct_oper_list.matrix[2][1] 
_pdbx_struct_oper_list.matrix[2][2] 
_pdbx_struct_oper_list.matrix[2][3] 
_pdbx_struct_oper_list.vector[2] 
_pdbx_struct_oper_list.matrix[3][1] 
_pdbx_struct_oper_list.matrix[3][2] 
_pdbx_struct_oper_list.matrix[3][3] 
_pdbx_struct_oper_list.vector[3] 
1 'identity operation'         1_555  x,y,z                1.0000000000  0.0000000000  0.0000000000  0.0000000000   0.0000000000  1.0000000000  0.0000000000  0.0000000000  0.0000000000  0.0000000000  1.0000000000  0.0000000000  
2 'crystal symmetry operation' 5_555  z,x,y                -0.4325875870 -0.7986270285 -0.4184051253 -6.7137502314  0.8796216204  -0.4756716767 -0.0015036540 18.7828908091 -0.1978226087 -0.3686886563 0.9082592637  0.9998452431  
3 'crystal symmetry operation' 9_555  y,z,x                -0.4325875870 0.8796216204  -0.1978226087 -19.2283298669 -0.7986270285 -0.4756716767 -0.3686886563 3.9413383661  -0.4184051253 -0.0015036540 0.9082592637  -3.6889432418 
4 'crystal symmetry operation' 14_666 -y+5/4,-x+5/4,-z+5/4 0.7833936323  -0.5327141914 0.3201718401  -8.0154002057  -0.5327141914 -0.8408739357 -0.0956379342 2.9654163522  0.3201718401  -0.0956379342 -0.9425196965 49.5806659834 
5 'crystal symmetry operation' 19_666 -x+5/4,-z+5/4,-y+5/4 -0.8708105100 -0.4902860016 -0.0361758533 -22.9606995839 -0.4902860016 0.8606804881  0.1372906917  -9.3477400750 -0.0361758533 0.1372906917  -0.9898699781 44.6923815069 
6 'crystal symmetry operation' 24_666 -z+5/4,-y+5/4,-x+5/4 -0.0474079482 0.9420056012  0.3322317472  -26.3594540092 0.9420056012  -0.0684631990 0.3285395528  10.2472547563 0.3322317472  0.3285395528  -0.8841288528 46.5242564332 
# 
loop_
_pdbx_struct_special_symmetry.id 
_pdbx_struct_special_symmetry.PDB_model_num 
_pdbx_struct_special_symmetry.auth_asym_id 
_pdbx_struct_special_symmetry.auth_comp_id 
_pdbx_struct_special_symmetry.auth_seq_id 
_pdbx_struct_special_symmetry.PDB_ins_code 
_pdbx_struct_special_symmetry.label_asym_id 
_pdbx_struct_special_symmetry.label_comp_id 
_pdbx_struct_special_symmetry.label_seq_id 
1 1 A SO4 143 ? E SO4 . 
2 1 A HOH 150 ? F HOH . 
3 1 A HOH 207 ? F HOH . 
4 1 A HOH 233 ? F HOH . 
5 1 A HOH 300 ? F HOH . 
# 
loop_
_pdbx_struct_conn_angle.id 
_pdbx_struct_conn_angle.ptnr1_label_atom_id 
_pdbx_struct_conn_angle.ptnr1_label_alt_id 
_pdbx_struct_conn_angle.ptnr1_label_asym_id 
_pdbx_struct_conn_angle.ptnr1_label_comp_id 
_pdbx_struct_conn_angle.ptnr1_label_seq_id 
_pdbx_struct_conn_angle.ptnr1_auth_atom_id 
_pdbx_struct_conn_angle.ptnr1_auth_asym_id 
_pdbx_struct_conn_angle.ptnr1_auth_comp_id 
_pdbx_struct_conn_angle.ptnr1_auth_seq_id 
_pdbx_struct_conn_angle.ptnr1_PDB_ins_code 
_pdbx_struct_conn_angle.ptnr1_symmetry 
_pdbx_struct_conn_angle.ptnr2_label_atom_id 
_pdbx_struct_conn_angle.ptnr2_label_alt_id 
_pdbx_struct_conn_angle.ptnr2_label_asym_id 
_pdbx_struct_conn_angle.ptnr2_label_comp_id 
_pdbx_struct_conn_angle.ptnr2_label_seq_id 
_pdbx_struct_conn_angle.ptnr2_auth_atom_id 
_pdbx_struct_conn_angle.ptnr2_auth_asym_id 
_pdbx_struct_conn_angle.ptnr2_auth_comp_id 
_pdbx_struct_conn_angle.ptnr2_auth_seq_id 
_pdbx_struct_conn_angle.ptnr2_PDB_ins_code 
_pdbx_struct_conn_angle.ptnr2_symmetry 
_pdbx_struct_conn_angle.ptnr3_label_atom_id 
_pdbx_struct_conn_angle.ptnr3_label_alt_id 
_pdbx_struct_conn_angle.ptnr3_label_asym_id 
_pdbx_struct_conn_angle.ptnr3_label_comp_id 
_pdbx_struct_conn_angle.ptnr3_label_seq_id 
_pdbx_struct_conn_angle.ptnr3_auth_atom_id 
_pdbx_struct_conn_angle.ptnr3_auth_asym_id 
_pdbx_struct_conn_angle.ptnr3_auth_comp_id 
_pdbx_struct_conn_angle.ptnr3_auth_seq_id 
_pdbx_struct_conn_angle.ptnr3_PDB_ins_code 
_pdbx_struct_conn_angle.ptnr3_symmetry 
_pdbx_struct_conn_angle.value 
_pdbx_struct_conn_angle.value_esd 
1  NE2 ? A HIS 93  ? A HIS 81  ? 1_555 NA ? B NA . ? A NA 140 ? 1_555 OD1 ? A ASN 100 ? A ASN 88  ? 1_555 88.2  ? 
2  NE2 ? A HIS 93  ? A HIS 81  ? 1_555 NA ? B NA . ? A NA 140 ? 1_555 NE2 ? A HIS 104 ? A HIS 92  ? 1_555 99.1  ? 
3  OD1 ? A ASN 100 ? A ASN 88  ? 1_555 NA ? B NA . ? A NA 140 ? 1_555 NE2 ? A HIS 104 ? A HIS 92  ? 1_555 91.8  ? 
4  NE2 ? A HIS 93  ? A HIS 81  ? 1_555 NA ? B NA . ? A NA 140 ? 1_555 O   ? F HOH .   ? A HOH 199 ? 1_555 84.9  ? 
5  OD1 ? A ASN 100 ? A ASN 88  ? 1_555 NA ? B NA . ? A NA 140 ? 1_555 O   ? F HOH .   ? A HOH 199 ? 1_555 81.1  ? 
6  NE2 ? A HIS 104 ? A HIS 92  ? 1_555 NA ? B NA . ? A NA 140 ? 1_555 O   ? F HOH .   ? A HOH 199 ? 1_555 171.7 ? 
7  NE2 ? A HIS 93  ? A HIS 81  ? 1_555 NA ? B NA . ? A NA 140 ? 1_555 O   ? F HOH .   ? A HOH 208 ? 1_555 93.0  ? 
8  OD1 ? A ASN 100 ? A ASN 88  ? 1_555 NA ? B NA . ? A NA 140 ? 1_555 O   ? F HOH .   ? A HOH 208 ? 1_555 169.5 ? 
9  NE2 ? A HIS 104 ? A HIS 92  ? 1_555 NA ? B NA . ? A NA 140 ? 1_555 O   ? F HOH .   ? A HOH 208 ? 1_555 98.3  ? 
10 O   ? F HOH .   ? A HOH 199 ? 1_555 NA ? B NA . ? A NA 140 ? 1_555 O   ? F HOH .   ? A HOH 208 ? 1_555 88.6  ? 
11 NE2 ? A HIS 93  ? A HIS 81  ? 1_555 NA ? B NA . ? A NA 140 ? 1_555 O   ? F HOH .   ? A HOH 256 ? 1_555 162.9 ? 
12 OD1 ? A ASN 100 ? A ASN 88  ? 1_555 NA ? B NA . ? A NA 140 ? 1_555 O   ? F HOH .   ? A HOH 256 ? 1_555 101.0 ? 
13 NE2 ? A HIS 104 ? A HIS 92  ? 1_555 NA ? B NA . ? A NA 140 ? 1_555 O   ? F HOH .   ? A HOH 256 ? 1_555 95.0  ? 
14 O   ? F HOH .   ? A HOH 199 ? 1_555 NA ? B NA . ? A NA 140 ? 1_555 O   ? F HOH .   ? A HOH 256 ? 1_555 82.3  ? 
15 O   ? F HOH .   ? A HOH 208 ? 1_555 NA ? B NA . ? A NA 140 ? 1_555 O   ? F HOH .   ? A HOH 256 ? 1_555 75.4  ? 
# 
loop_
_pdbx_audit_revision_history.ordinal 
_pdbx_audit_revision_history.data_content_type 
_pdbx_audit_revision_history.major_revision 
_pdbx_audit_revision_history.minor_revision 
_pdbx_audit_revision_history.revision_date 
1 'Structure model' 1 0 2004-10-12 
2 'Structure model' 1 1 2008-04-26 
3 'Structure model' 1 2 2011-07-13 
4 'Structure model' 1 3 2023-01-25 
5 'Structure model' 1 4 2023-09-20 
# 
_pdbx_audit_revision_details.ordinal             1 
_pdbx_audit_revision_details.revision_ordinal    1 
_pdbx_audit_revision_details.data_content_type   'Structure model' 
_pdbx_audit_revision_details.provider            repository 
_pdbx_audit_revision_details.type                'Initial release' 
_pdbx_audit_revision_details.description         ? 
_pdbx_audit_revision_details.details             ? 
# 
loop_
_pdbx_audit_revision_group.ordinal 
_pdbx_audit_revision_group.revision_ordinal 
_pdbx_audit_revision_group.data_content_type 
_pdbx_audit_revision_group.group 
1 2 'Structure model' 'Version format compliance' 
2 3 'Structure model' Advisory                    
3 3 'Structure model' 'Derived calculations'      
4 3 'Structure model' 'Source and taxonomy'       
5 3 'Structure model' 'Version format compliance' 
6 4 'Structure model' 'Database references'       
7 4 'Structure model' 'Derived calculations'      
8 5 'Structure model' 'Data collection'           
9 5 'Structure model' 'Refinement description'    
# 
loop_
_pdbx_audit_revision_category.ordinal 
_pdbx_audit_revision_category.revision_ordinal 
_pdbx_audit_revision_category.data_content_type 
_pdbx_audit_revision_category.category 
1 4 'Structure model' database_2                    
2 4 'Structure model' pdbx_struct_conn_angle        
3 4 'Structure model' pdbx_struct_special_symmetry  
4 4 'Structure model' struct_conn                   
5 4 'Structure model' struct_ref_seq_dif            
6 4 'Structure model' struct_site                   
7 5 'Structure model' chem_comp_atom                
8 5 'Structure model' chem_comp_bond                
9 5 'Structure model' pdbx_initial_refinement_model 
# 
loop_
_pdbx_audit_revision_item.ordinal 
_pdbx_audit_revision_item.revision_ordinal 
_pdbx_audit_revision_item.data_content_type 
_pdbx_audit_revision_item.item 
1  4 'Structure model' '_database_2.pdbx_DOI'                        
2  4 'Structure model' '_database_2.pdbx_database_accession'         
3  4 'Structure model' '_pdbx_struct_conn_angle.ptnr1_auth_comp_id'  
4  4 'Structure model' '_pdbx_struct_conn_angle.ptnr1_auth_seq_id'   
5  4 'Structure model' '_pdbx_struct_conn_angle.ptnr1_label_asym_id' 
6  4 'Structure model' '_pdbx_struct_conn_angle.ptnr1_label_atom_id' 
7  4 'Structure model' '_pdbx_struct_conn_angle.ptnr1_label_comp_id' 
8  4 'Structure model' '_pdbx_struct_conn_angle.ptnr1_label_seq_id'  
9  4 'Structure model' '_pdbx_struct_conn_angle.ptnr3_auth_comp_id'  
10 4 'Structure model' '_pdbx_struct_conn_angle.ptnr3_auth_seq_id'   
11 4 'Structure model' '_pdbx_struct_conn_angle.ptnr3_label_asym_id' 
12 4 'Structure model' '_pdbx_struct_conn_angle.ptnr3_label_atom_id' 
13 4 'Structure model' '_pdbx_struct_conn_angle.ptnr3_label_comp_id' 
14 4 'Structure model' '_pdbx_struct_conn_angle.ptnr3_label_seq_id'  
15 4 'Structure model' '_pdbx_struct_conn_angle.value'               
16 4 'Structure model' '_struct_conn.pdbx_dist_value'                
17 4 'Structure model' '_struct_conn.ptnr1_auth_comp_id'             
18 4 'Structure model' '_struct_conn.ptnr1_auth_seq_id'              
19 4 'Structure model' '_struct_conn.ptnr1_label_asym_id'            
20 4 'Structure model' '_struct_conn.ptnr1_label_atom_id'            
21 4 'Structure model' '_struct_conn.ptnr1_label_comp_id'            
22 4 'Structure model' '_struct_conn.ptnr1_label_seq_id'             
23 4 'Structure model' '_struct_conn.ptnr2_auth_comp_id'             
24 4 'Structure model' '_struct_conn.ptnr2_auth_seq_id'              
25 4 'Structure model' '_struct_conn.ptnr2_label_asym_id'            
26 4 'Structure model' '_struct_conn.ptnr2_label_atom_id'            
27 4 'Structure model' '_struct_conn.ptnr2_label_comp_id'            
28 4 'Structure model' '_struct_conn.ptnr2_label_seq_id'             
29 4 'Structure model' '_struct_ref_seq_dif.details'                 
30 4 'Structure model' '_struct_site.pdbx_auth_asym_id'              
31 4 'Structure model' '_struct_site.pdbx_auth_comp_id'              
32 4 'Structure model' '_struct_site.pdbx_auth_seq_id'               
# 
_pdbx_refine_tls.id               1 
_pdbx_refine_tls.details          . 
_pdbx_refine_tls.method           refined 
_pdbx_refine_tls.origin_x         0.2596 
_pdbx_refine_tls.origin_y         -0.1390 
_pdbx_refine_tls.origin_z         -0.1068 
_pdbx_refine_tls.T[1][1]          -0.0087 
_pdbx_refine_tls.T[2][2]          -0.0111 
_pdbx_refine_tls.T[3][3]          -0.0351 
_pdbx_refine_tls.T[1][2]          0.0192 
_pdbx_refine_tls.T[1][3]          -0.0011 
_pdbx_refine_tls.T[2][3]          0.0028 
_pdbx_refine_tls.L[1][1]          0.3764 
_pdbx_refine_tls.L[2][2]          0.2726 
_pdbx_refine_tls.L[3][3]          0.7752 
_pdbx_refine_tls.L[1][2]          0.0461 
_pdbx_refine_tls.L[1][3]          -0.2301 
_pdbx_refine_tls.L[2][3]          0.0239 
_pdbx_refine_tls.S[1][1]          0.0091 
_pdbx_refine_tls.S[2][2]          0.0016 
_pdbx_refine_tls.S[3][3]          -0.0107 
_pdbx_refine_tls.S[1][2]          -0.0453 
_pdbx_refine_tls.S[1][3]          -0.0105 
_pdbx_refine_tls.S[2][3]          -0.0406 
_pdbx_refine_tls.S[2][1]          -0.0074 
_pdbx_refine_tls.S[3][1]          0.1022 
_pdbx_refine_tls.S[3][2]          0.1191 
_pdbx_refine_tls.pdbx_refine_id   'X-RAY DIFFRACTION' 
# 
_pdbx_refine_tls_group.id                  1 
_pdbx_refine_tls_group.refine_tls_id       1 
_pdbx_refine_tls_group.beg_label_asym_id   A 
_pdbx_refine_tls_group.beg_label_seq_id    13 
_pdbx_refine_tls_group.end_label_asym_id   A 
_pdbx_refine_tls_group.end_label_seq_id    151 
_pdbx_refine_tls_group.selection           ALL 
_pdbx_refine_tls_group.beg_auth_asym_id    A 
_pdbx_refine_tls_group.beg_auth_seq_id     1 
_pdbx_refine_tls_group.end_auth_asym_id    A 
_pdbx_refine_tls_group.end_auth_seq_id     139 
_pdbx_refine_tls_group.pdbx_refine_id      'X-RAY DIFFRACTION' 
_pdbx_refine_tls_group.selection_details   ? 
# 
loop_
_software.name 
_software.classification 
_software.version 
_software.citation_id 
_software.pdbx_ordinal 
XDS    'data scaling'   .         ? 1 
SCALA  'data scaling'   '5.0)'    ? 2 
MOLREP phasing          .         ? 3 
REFMAC refinement       5.2.0005  ? 4 
XDS    'data reduction' .         ? 5 
CCP4   'data scaling'   '(SCALA)' ? 6 
# 
loop_
_pdbx_validate_torsion.id 
_pdbx_validate_torsion.PDB_model_num 
_pdbx_validate_torsion.auth_comp_id 
_pdbx_validate_torsion.auth_asym_id 
_pdbx_validate_torsion.auth_seq_id 
_pdbx_validate_torsion.PDB_ins_code 
_pdbx_validate_torsion.label_alt_id 
_pdbx_validate_torsion.phi 
_pdbx_validate_torsion.psi 
1 1 ASN A 53  ? ? -164.94 -158.61 
2 1 ASP A 125 ? ? -151.02 69.20   
# 
loop_
_pdbx_unobs_or_zero_occ_atoms.id 
_pdbx_unobs_or_zero_occ_atoms.PDB_model_num 
_pdbx_unobs_or_zero_occ_atoms.polymer_flag 
_pdbx_unobs_or_zero_occ_atoms.occupancy_flag 
_pdbx_unobs_or_zero_occ_atoms.auth_asym_id 
_pdbx_unobs_or_zero_occ_atoms.auth_comp_id 
_pdbx_unobs_or_zero_occ_atoms.auth_seq_id 
_pdbx_unobs_or_zero_occ_atoms.PDB_ins_code 
_pdbx_unobs_or_zero_occ_atoms.auth_atom_id 
_pdbx_unobs_or_zero_occ_atoms.label_alt_id 
_pdbx_unobs_or_zero_occ_atoms.label_asym_id 
_pdbx_unobs_or_zero_occ_atoms.label_comp_id 
_pdbx_unobs_or_zero_occ_atoms.label_seq_id 
_pdbx_unobs_or_zero_occ_atoms.label_atom_id 
1  1 Y 1 A LYS 2   ? NZ  ? A LYS 14  NZ  
2  1 Y 1 A LYS 69  ? CE  ? A LYS 81  CE  
3  1 Y 1 A LYS 69  ? NZ  ? A LYS 81  NZ  
4  1 Y 1 A LYS 74  ? CE  ? A LYS 86  CE  
5  1 Y 1 A LYS 74  ? NZ  ? A LYS 86  NZ  
6  1 Y 1 A LYS 80  ? CE  ? A LYS 92  CE  
7  1 Y 1 A LYS 80  ? NZ  ? A LYS 92  NZ  
8  1 Y 1 A GLU 139 ? CG  ? A GLU 151 CG  
9  1 Y 1 A GLU 139 ? CD  ? A GLU 151 CD  
10 1 Y 1 A GLU 139 ? OE1 ? A GLU 151 OE1 
11 1 Y 1 A GLU 139 ? OE2 ? A GLU 151 OE2 
# 
loop_
_pdbx_unobs_or_zero_occ_residues.id 
_pdbx_unobs_or_zero_occ_residues.PDB_model_num 
_pdbx_unobs_or_zero_occ_residues.polymer_flag 
_pdbx_unobs_or_zero_occ_residues.occupancy_flag 
_pdbx_unobs_or_zero_occ_residues.auth_asym_id 
_pdbx_unobs_or_zero_occ_residues.auth_comp_id 
_pdbx_unobs_or_zero_occ_residues.auth_seq_id 
_pdbx_unobs_or_zero_occ_residues.PDB_ins_code 
_pdbx_unobs_or_zero_occ_residues.label_asym_id 
_pdbx_unobs_or_zero_occ_residues.label_comp_id 
_pdbx_unobs_or_zero_occ_residues.label_seq_id 
1  1 Y 1 A MET -11 ? A MET 1  
2  1 Y 1 A GLY -10 ? A GLY 2  
3  1 Y 1 A SER -9  ? A SER 3  
4  1 Y 1 A ASP -8  ? A ASP 4  
5  1 Y 1 A LYS -7  ? A LYS 5  
6  1 Y 1 A ILE -6  ? A ILE 6  
7  1 Y 1 A HIS -5  ? A HIS 7  
8  1 Y 1 A HIS -4  ? A HIS 8  
9  1 Y 1 A HIS -3  ? A HIS 9  
10 1 Y 1 A HIS -2  ? A HIS 10 
11 1 Y 1 A HIS -1  ? A HIS 11 
12 1 Y 1 A HIS 0   ? A HIS 12 
# 
loop_
_chem_comp_atom.comp_id 
_chem_comp_atom.atom_id 
_chem_comp_atom.type_symbol 
_chem_comp_atom.pdbx_aromatic_flag 
_chem_comp_atom.pdbx_stereo_config 
_chem_comp_atom.pdbx_ordinal 
ALA N    N  N N 1   
ALA CA   C  N S 2   
ALA C    C  N N 3   
ALA O    O  N N 4   
ALA CB   C  N N 5   
ALA OXT  O  N N 6   
ALA H    H  N N 7   
ALA H2   H  N N 8   
ALA HA   H  N N 9   
ALA HB1  H  N N 10  
ALA HB2  H  N N 11  
ALA HB3  H  N N 12  
ALA HXT  H  N N 13  
ARG N    N  N N 14  
ARG CA   C  N S 15  
ARG C    C  N N 16  
ARG O    O  N N 17  
ARG CB   C  N N 18  
ARG CG   C  N N 19  
ARG CD   C  N N 20  
ARG NE   N  N N 21  
ARG CZ   C  N N 22  
ARG NH1  N  N N 23  
ARG NH2  N  N N 24  
ARG OXT  O  N N 25  
ARG H    H  N N 26  
ARG H2   H  N N 27  
ARG HA   H  N N 28  
ARG HB2  H  N N 29  
ARG HB3  H  N N 30  
ARG HG2  H  N N 31  
ARG HG3  H  N N 32  
ARG HD2  H  N N 33  
ARG HD3  H  N N 34  
ARG HE   H  N N 35  
ARG HH11 H  N N 36  
ARG HH12 H  N N 37  
ARG HH21 H  N N 38  
ARG HH22 H  N N 39  
ARG HXT  H  N N 40  
ASN N    N  N N 41  
ASN CA   C  N S 42  
ASN C    C  N N 43  
ASN O    O  N N 44  
ASN CB   C  N N 45  
ASN CG   C  N N 46  
ASN OD1  O  N N 47  
ASN ND2  N  N N 48  
ASN OXT  O  N N 49  
ASN H    H  N N 50  
ASN H2   H  N N 51  
ASN HA   H  N N 52  
ASN HB2  H  N N 53  
ASN HB3  H  N N 54  
ASN HD21 H  N N 55  
ASN HD22 H  N N 56  
ASN HXT  H  N N 57  
ASP N    N  N N 58  
ASP CA   C  N S 59  
ASP C    C  N N 60  
ASP O    O  N N 61  
ASP CB   C  N N 62  
ASP CG   C  N N 63  
ASP OD1  O  N N 64  
ASP OD2  O  N N 65  
ASP OXT  O  N N 66  
ASP H    H  N N 67  
ASP H2   H  N N 68  
ASP HA   H  N N 69  
ASP HB2  H  N N 70  
ASP HB3  H  N N 71  
ASP HD2  H  N N 72  
ASP HXT  H  N N 73  
CYS N    N  N N 74  
CYS CA   C  N R 75  
CYS C    C  N N 76  
CYS O    O  N N 77  
CYS CB   C  N N 78  
CYS SG   S  N N 79  
CYS OXT  O  N N 80  
CYS H    H  N N 81  
CYS H2   H  N N 82  
CYS HA   H  N N 83  
CYS HB2  H  N N 84  
CYS HB3  H  N N 85  
CYS HG   H  N N 86  
CYS HXT  H  N N 87  
GLN N    N  N N 88  
GLN CA   C  N S 89  
GLN C    C  N N 90  
GLN O    O  N N 91  
GLN CB   C  N N 92  
GLN CG   C  N N 93  
GLN CD   C  N N 94  
GLN OE1  O  N N 95  
GLN NE2  N  N N 96  
GLN OXT  O  N N 97  
GLN H    H  N N 98  
GLN H2   H  N N 99  
GLN HA   H  N N 100 
GLN HB2  H  N N 101 
GLN HB3  H  N N 102 
GLN HG2  H  N N 103 
GLN HG3  H  N N 104 
GLN HE21 H  N N 105 
GLN HE22 H  N N 106 
GLN HXT  H  N N 107 
GLU N    N  N N 108 
GLU CA   C  N S 109 
GLU C    C  N N 110 
GLU O    O  N N 111 
GLU CB   C  N N 112 
GLU CG   C  N N 113 
GLU CD   C  N N 114 
GLU OE1  O  N N 115 
GLU OE2  O  N N 116 
GLU OXT  O  N N 117 
GLU H    H  N N 118 
GLU H2   H  N N 119 
GLU HA   H  N N 120 
GLU HB2  H  N N 121 
GLU HB3  H  N N 122 
GLU HG2  H  N N 123 
GLU HG3  H  N N 124 
GLU HE2  H  N N 125 
GLU HXT  H  N N 126 
GLY N    N  N N 127 
GLY CA   C  N N 128 
GLY C    C  N N 129 
GLY O    O  N N 130 
GLY OXT  O  N N 131 
GLY H    H  N N 132 
GLY H2   H  N N 133 
GLY HA2  H  N N 134 
GLY HA3  H  N N 135 
GLY HXT  H  N N 136 
HIS N    N  N N 137 
HIS CA   C  N S 138 
HIS C    C  N N 139 
HIS O    O  N N 140 
HIS CB   C  N N 141 
HIS CG   C  Y N 142 
HIS ND1  N  Y N 143 
HIS CD2  C  Y N 144 
HIS CE1  C  Y N 145 
HIS NE2  N  Y N 146 
HIS OXT  O  N N 147 
HIS H    H  N N 148 
HIS H2   H  N N 149 
HIS HA   H  N N 150 
HIS HB2  H  N N 151 
HIS HB3  H  N N 152 
HIS HD1  H  N N 153 
HIS HD2  H  N N 154 
HIS HE1  H  N N 155 
HIS HE2  H  N N 156 
HIS HXT  H  N N 157 
HOH O    O  N N 158 
HOH H1   H  N N 159 
HOH H2   H  N N 160 
ILE N    N  N N 161 
ILE CA   C  N S 162 
ILE C    C  N N 163 
ILE O    O  N N 164 
ILE CB   C  N S 165 
ILE CG1  C  N N 166 
ILE CG2  C  N N 167 
ILE CD1  C  N N 168 
ILE OXT  O  N N 169 
ILE H    H  N N 170 
ILE H2   H  N N 171 
ILE HA   H  N N 172 
ILE HB   H  N N 173 
ILE HG12 H  N N 174 
ILE HG13 H  N N 175 
ILE HG21 H  N N 176 
ILE HG22 H  N N 177 
ILE HG23 H  N N 178 
ILE HD11 H  N N 179 
ILE HD12 H  N N 180 
ILE HD13 H  N N 181 
ILE HXT  H  N N 182 
LEU N    N  N N 183 
LEU CA   C  N S 184 
LEU C    C  N N 185 
LEU O    O  N N 186 
LEU CB   C  N N 187 
LEU CG   C  N N 188 
LEU CD1  C  N N 189 
LEU CD2  C  N N 190 
LEU OXT  O  N N 191 
LEU H    H  N N 192 
LEU H2   H  N N 193 
LEU HA   H  N N 194 
LEU HB2  H  N N 195 
LEU HB3  H  N N 196 
LEU HG   H  N N 197 
LEU HD11 H  N N 198 
LEU HD12 H  N N 199 
LEU HD13 H  N N 200 
LEU HD21 H  N N 201 
LEU HD22 H  N N 202 
LEU HD23 H  N N 203 
LEU HXT  H  N N 204 
LYS N    N  N N 205 
LYS CA   C  N S 206 
LYS C    C  N N 207 
LYS O    O  N N 208 
LYS CB   C  N N 209 
LYS CG   C  N N 210 
LYS CD   C  N N 211 
LYS CE   C  N N 212 
LYS NZ   N  N N 213 
LYS OXT  O  N N 214 
LYS H    H  N N 215 
LYS H2   H  N N 216 
LYS HA   H  N N 217 
LYS HB2  H  N N 218 
LYS HB3  H  N N 219 
LYS HG2  H  N N 220 
LYS HG3  H  N N 221 
LYS HD2  H  N N 222 
LYS HD3  H  N N 223 
LYS HE2  H  N N 224 
LYS HE3  H  N N 225 
LYS HZ1  H  N N 226 
LYS HZ2  H  N N 227 
LYS HZ3  H  N N 228 
LYS HXT  H  N N 229 
MET N    N  N N 230 
MET CA   C  N S 231 
MET C    C  N N 232 
MET O    O  N N 233 
MET CB   C  N N 234 
MET CG   C  N N 235 
MET SD   S  N N 236 
MET CE   C  N N 237 
MET OXT  O  N N 238 
MET H    H  N N 239 
MET H2   H  N N 240 
MET HA   H  N N 241 
MET HB2  H  N N 242 
MET HB3  H  N N 243 
MET HG2  H  N N 244 
MET HG3  H  N N 245 
MET HE1  H  N N 246 
MET HE2  H  N N 247 
MET HE3  H  N N 248 
MET HXT  H  N N 249 
NA  NA   NA N N 250 
PHE N    N  N N 251 
PHE CA   C  N S 252 
PHE C    C  N N 253 
PHE O    O  N N 254 
PHE CB   C  N N 255 
PHE CG   C  Y N 256 
PHE CD1  C  Y N 257 
PHE CD2  C  Y N 258 
PHE CE1  C  Y N 259 
PHE CE2  C  Y N 260 
PHE CZ   C  Y N 261 
PHE OXT  O  N N 262 
PHE H    H  N N 263 
PHE H2   H  N N 264 
PHE HA   H  N N 265 
PHE HB2  H  N N 266 
PHE HB3  H  N N 267 
PHE HD1  H  N N 268 
PHE HD2  H  N N 269 
PHE HE1  H  N N 270 
PHE HE2  H  N N 271 
PHE HZ   H  N N 272 
PHE HXT  H  N N 273 
PRO N    N  N N 274 
PRO CA   C  N S 275 
PRO C    C  N N 276 
PRO O    O  N N 277 
PRO CB   C  N N 278 
PRO CG   C  N N 279 
PRO CD   C  N N 280 
PRO OXT  O  N N 281 
PRO H    H  N N 282 
PRO HA   H  N N 283 
PRO HB2  H  N N 284 
PRO HB3  H  N N 285 
PRO HG2  H  N N 286 
PRO HG3  H  N N 287 
PRO HD2  H  N N 288 
PRO HD3  H  N N 289 
PRO HXT  H  N N 290 
SER N    N  N N 291 
SER CA   C  N S 292 
SER C    C  N N 293 
SER O    O  N N 294 
SER CB   C  N N 295 
SER OG   O  N N 296 
SER OXT  O  N N 297 
SER H    H  N N 298 
SER H2   H  N N 299 
SER HA   H  N N 300 
SER HB2  H  N N 301 
SER HB3  H  N N 302 
SER HG   H  N N 303 
SER HXT  H  N N 304 
SO4 S    S  N N 305 
SO4 O1   O  N N 306 
SO4 O2   O  N N 307 
SO4 O3   O  N N 308 
SO4 O4   O  N N 309 
THR N    N  N N 310 
THR CA   C  N S 311 
THR C    C  N N 312 
THR O    O  N N 313 
THR CB   C  N R 314 
THR OG1  O  N N 315 
THR CG2  C  N N 316 
THR OXT  O  N N 317 
THR H    H  N N 318 
THR H2   H  N N 319 
THR HA   H  N N 320 
THR HB   H  N N 321 
THR HG1  H  N N 322 
THR HG21 H  N N 323 
THR HG22 H  N N 324 
THR HG23 H  N N 325 
THR HXT  H  N N 326 
TRP N    N  N N 327 
TRP CA   C  N S 328 
TRP C    C  N N 329 
TRP O    O  N N 330 
TRP CB   C  N N 331 
TRP CG   C  Y N 332 
TRP CD1  C  Y N 333 
TRP CD2  C  Y N 334 
TRP NE1  N  Y N 335 
TRP CE2  C  Y N 336 
TRP CE3  C  Y N 337 
TRP CZ2  C  Y N 338 
TRP CZ3  C  Y N 339 
TRP CH2  C  Y N 340 
TRP OXT  O  N N 341 
TRP H    H  N N 342 
TRP H2   H  N N 343 
TRP HA   H  N N 344 
TRP HB2  H  N N 345 
TRP HB3  H  N N 346 
TRP HD1  H  N N 347 
TRP HE1  H  N N 348 
TRP HE3  H  N N 349 
TRP HZ2  H  N N 350 
TRP HZ3  H  N N 351 
TRP HH2  H  N N 352 
TRP HXT  H  N N 353 
TYR N    N  N N 354 
TYR CA   C  N S 355 
TYR C    C  N N 356 
TYR O    O  N N 357 
TYR CB   C  N N 358 
TYR CG   C  Y N 359 
TYR CD1  C  Y N 360 
TYR CD2  C  Y N 361 
TYR CE1  C  Y N 362 
TYR CE2  C  Y N 363 
TYR CZ   C  Y N 364 
TYR OH   O  N N 365 
TYR OXT  O  N N 366 
TYR H    H  N N 367 
TYR H2   H  N N 368 
TYR HA   H  N N 369 
TYR HB2  H  N N 370 
TYR HB3  H  N N 371 
TYR HD1  H  N N 372 
TYR HD2  H  N N 373 
TYR HE1  H  N N 374 
TYR HE2  H  N N 375 
TYR HH   H  N N 376 
TYR HXT  H  N N 377 
VAL N    N  N N 378 
VAL CA   C  N S 379 
VAL C    C  N N 380 
VAL O    O  N N 381 
VAL CB   C  N N 382 
VAL CG1  C  N N 383 
VAL CG2  C  N N 384 
VAL OXT  O  N N 385 
VAL H    H  N N 386 
VAL H2   H  N N 387 
VAL HA   H  N N 388 
VAL HB   H  N N 389 
VAL HG11 H  N N 390 
VAL HG12 H  N N 391 
VAL HG13 H  N N 392 
VAL HG21 H  N N 393 
VAL HG22 H  N N 394 
VAL HG23 H  N N 395 
VAL HXT  H  N N 396 
# 
loop_
_chem_comp_bond.comp_id 
_chem_comp_bond.atom_id_1 
_chem_comp_bond.atom_id_2 
_chem_comp_bond.value_order 
_chem_comp_bond.pdbx_aromatic_flag 
_chem_comp_bond.pdbx_stereo_config 
_chem_comp_bond.pdbx_ordinal 
ALA N   CA   sing N N 1   
ALA N   H    sing N N 2   
ALA N   H2   sing N N 3   
ALA CA  C    sing N N 4   
ALA CA  CB   sing N N 5   
ALA CA  HA   sing N N 6   
ALA C   O    doub N N 7   
ALA C   OXT  sing N N 8   
ALA CB  HB1  sing N N 9   
ALA CB  HB2  sing N N 10  
ALA CB  HB3  sing N N 11  
ALA OXT HXT  sing N N 12  
ARG N   CA   sing N N 13  
ARG N   H    sing N N 14  
ARG N   H2   sing N N 15  
ARG CA  C    sing N N 16  
ARG CA  CB   sing N N 17  
ARG CA  HA   sing N N 18  
ARG C   O    doub N N 19  
ARG C   OXT  sing N N 20  
ARG CB  CG   sing N N 21  
ARG CB  HB2  sing N N 22  
ARG CB  HB3  sing N N 23  
ARG CG  CD   sing N N 24  
ARG CG  HG2  sing N N 25  
ARG CG  HG3  sing N N 26  
ARG CD  NE   sing N N 27  
ARG CD  HD2  sing N N 28  
ARG CD  HD3  sing N N 29  
ARG NE  CZ   sing N N 30  
ARG NE  HE   sing N N 31  
ARG CZ  NH1  sing N N 32  
ARG CZ  NH2  doub N N 33  
ARG NH1 HH11 sing N N 34  
ARG NH1 HH12 sing N N 35  
ARG NH2 HH21 sing N N 36  
ARG NH2 HH22 sing N N 37  
ARG OXT HXT  sing N N 38  
ASN N   CA   sing N N 39  
ASN N   H    sing N N 40  
ASN N   H2   sing N N 41  
ASN CA  C    sing N N 42  
ASN CA  CB   sing N N 43  
ASN CA  HA   sing N N 44  
ASN C   O    doub N N 45  
ASN C   OXT  sing N N 46  
ASN CB  CG   sing N N 47  
ASN CB  HB2  sing N N 48  
ASN CB  HB3  sing N N 49  
ASN CG  OD1  doub N N 50  
ASN CG  ND2  sing N N 51  
ASN ND2 HD21 sing N N 52  
ASN ND2 HD22 sing N N 53  
ASN OXT HXT  sing N N 54  
ASP N   CA   sing N N 55  
ASP N   H    sing N N 56  
ASP N   H2   sing N N 57  
ASP CA  C    sing N N 58  
ASP CA  CB   sing N N 59  
ASP CA  HA   sing N N 60  
ASP C   O    doub N N 61  
ASP C   OXT  sing N N 62  
ASP CB  CG   sing N N 63  
ASP CB  HB2  sing N N 64  
ASP CB  HB3  sing N N 65  
ASP CG  OD1  doub N N 66  
ASP CG  OD2  sing N N 67  
ASP OD2 HD2  sing N N 68  
ASP OXT HXT  sing N N 69  
CYS N   CA   sing N N 70  
CYS N   H    sing N N 71  
CYS N   H2   sing N N 72  
CYS CA  C    sing N N 73  
CYS CA  CB   sing N N 74  
CYS CA  HA   sing N N 75  
CYS C   O    doub N N 76  
CYS C   OXT  sing N N 77  
CYS CB  SG   sing N N 78  
CYS CB  HB2  sing N N 79  
CYS CB  HB3  sing N N 80  
CYS SG  HG   sing N N 81  
CYS OXT HXT  sing N N 82  
GLN N   CA   sing N N 83  
GLN N   H    sing N N 84  
GLN N   H2   sing N N 85  
GLN CA  C    sing N N 86  
GLN CA  CB   sing N N 87  
GLN CA  HA   sing N N 88  
GLN C   O    doub N N 89  
GLN C   OXT  sing N N 90  
GLN CB  CG   sing N N 91  
GLN CB  HB2  sing N N 92  
GLN CB  HB3  sing N N 93  
GLN CG  CD   sing N N 94  
GLN CG  HG2  sing N N 95  
GLN CG  HG3  sing N N 96  
GLN CD  OE1  doub N N 97  
GLN CD  NE2  sing N N 98  
GLN NE2 HE21 sing N N 99  
GLN NE2 HE22 sing N N 100 
GLN OXT HXT  sing N N 101 
GLU N   CA   sing N N 102 
GLU N   H    sing N N 103 
GLU N   H2   sing N N 104 
GLU CA  C    sing N N 105 
GLU CA  CB   sing N N 106 
GLU CA  HA   sing N N 107 
GLU C   O    doub N N 108 
GLU C   OXT  sing N N 109 
GLU CB  CG   sing N N 110 
GLU CB  HB2  sing N N 111 
GLU CB  HB3  sing N N 112 
GLU CG  CD   sing N N 113 
GLU CG  HG2  sing N N 114 
GLU CG  HG3  sing N N 115 
GLU CD  OE1  doub N N 116 
GLU CD  OE2  sing N N 117 
GLU OE2 HE2  sing N N 118 
GLU OXT HXT  sing N N 119 
GLY N   CA   sing N N 120 
GLY N   H    sing N N 121 
GLY N   H2   sing N N 122 
GLY CA  C    sing N N 123 
GLY CA  HA2  sing N N 124 
GLY CA  HA3  sing N N 125 
GLY C   O    doub N N 126 
GLY C   OXT  sing N N 127 
GLY OXT HXT  sing N N 128 
HIS N   CA   sing N N 129 
HIS N   H    sing N N 130 
HIS N   H2   sing N N 131 
HIS CA  C    sing N N 132 
HIS CA  CB   sing N N 133 
HIS CA  HA   sing N N 134 
HIS C   O    doub N N 135 
HIS C   OXT  sing N N 136 
HIS CB  CG   sing N N 137 
HIS CB  HB2  sing N N 138 
HIS CB  HB3  sing N N 139 
HIS CG  ND1  sing Y N 140 
HIS CG  CD2  doub Y N 141 
HIS ND1 CE1  doub Y N 142 
HIS ND1 HD1  sing N N 143 
HIS CD2 NE2  sing Y N 144 
HIS CD2 HD2  sing N N 145 
HIS CE1 NE2  sing Y N 146 
HIS CE1 HE1  sing N N 147 
HIS NE2 HE2  sing N N 148 
HIS OXT HXT  sing N N 149 
HOH O   H1   sing N N 150 
HOH O   H2   sing N N 151 
ILE N   CA   sing N N 152 
ILE N   H    sing N N 153 
ILE N   H2   sing N N 154 
ILE CA  C    sing N N 155 
ILE CA  CB   sing N N 156 
ILE CA  HA   sing N N 157 
ILE C   O    doub N N 158 
ILE C   OXT  sing N N 159 
ILE CB  CG1  sing N N 160 
ILE CB  CG2  sing N N 161 
ILE CB  HB   sing N N 162 
ILE CG1 CD1  sing N N 163 
ILE CG1 HG12 sing N N 164 
ILE CG1 HG13 sing N N 165 
ILE CG2 HG21 sing N N 166 
ILE CG2 HG22 sing N N 167 
ILE CG2 HG23 sing N N 168 
ILE CD1 HD11 sing N N 169 
ILE CD1 HD12 sing N N 170 
ILE CD1 HD13 sing N N 171 
ILE OXT HXT  sing N N 172 
LEU N   CA   sing N N 173 
LEU N   H    sing N N 174 
LEU N   H2   sing N N 175 
LEU CA  C    sing N N 176 
LEU CA  CB   sing N N 177 
LEU CA  HA   sing N N 178 
LEU C   O    doub N N 179 
LEU C   OXT  sing N N 180 
LEU CB  CG   sing N N 181 
LEU CB  HB2  sing N N 182 
LEU CB  HB3  sing N N 183 
LEU CG  CD1  sing N N 184 
LEU CG  CD2  sing N N 185 
LEU CG  HG   sing N N 186 
LEU CD1 HD11 sing N N 187 
LEU CD1 HD12 sing N N 188 
LEU CD1 HD13 sing N N 189 
LEU CD2 HD21 sing N N 190 
LEU CD2 HD22 sing N N 191 
LEU CD2 HD23 sing N N 192 
LEU OXT HXT  sing N N 193 
LYS N   CA   sing N N 194 
LYS N   H    sing N N 195 
LYS N   H2   sing N N 196 
LYS CA  C    sing N N 197 
LYS CA  CB   sing N N 198 
LYS CA  HA   sing N N 199 
LYS C   O    doub N N 200 
LYS C   OXT  sing N N 201 
LYS CB  CG   sing N N 202 
LYS CB  HB2  sing N N 203 
LYS CB  HB3  sing N N 204 
LYS CG  CD   sing N N 205 
LYS CG  HG2  sing N N 206 
LYS CG  HG3  sing N N 207 
LYS CD  CE   sing N N 208 
LYS CD  HD2  sing N N 209 
LYS CD  HD3  sing N N 210 
LYS CE  NZ   sing N N 211 
LYS CE  HE2  sing N N 212 
LYS CE  HE3  sing N N 213 
LYS NZ  HZ1  sing N N 214 
LYS NZ  HZ2  sing N N 215 
LYS NZ  HZ3  sing N N 216 
LYS OXT HXT  sing N N 217 
MET N   CA   sing N N 218 
MET N   H    sing N N 219 
MET N   H2   sing N N 220 
MET CA  C    sing N N 221 
MET CA  CB   sing N N 222 
MET CA  HA   sing N N 223 
MET C   O    doub N N 224 
MET C   OXT  sing N N 225 
MET CB  CG   sing N N 226 
MET CB  HB2  sing N N 227 
MET CB  HB3  sing N N 228 
MET CG  SD   sing N N 229 
MET CG  HG2  sing N N 230 
MET CG  HG3  sing N N 231 
MET SD  CE   sing N N 232 
MET CE  HE1  sing N N 233 
MET CE  HE2  sing N N 234 
MET CE  HE3  sing N N 235 
MET OXT HXT  sing N N 236 
PHE N   CA   sing N N 237 
PHE N   H    sing N N 238 
PHE N   H2   sing N N 239 
PHE CA  C    sing N N 240 
PHE CA  CB   sing N N 241 
PHE CA  HA   sing N N 242 
PHE C   O    doub N N 243 
PHE C   OXT  sing N N 244 
PHE CB  CG   sing N N 245 
PHE CB  HB2  sing N N 246 
PHE CB  HB3  sing N N 247 
PHE CG  CD1  doub Y N 248 
PHE CG  CD2  sing Y N 249 
PHE CD1 CE1  sing Y N 250 
PHE CD1 HD1  sing N N 251 
PHE CD2 CE2  doub Y N 252 
PHE CD2 HD2  sing N N 253 
PHE CE1 CZ   doub Y N 254 
PHE CE1 HE1  sing N N 255 
PHE CE2 CZ   sing Y N 256 
PHE CE2 HE2  sing N N 257 
PHE CZ  HZ   sing N N 258 
PHE OXT HXT  sing N N 259 
PRO N   CA   sing N N 260 
PRO N   CD   sing N N 261 
PRO N   H    sing N N 262 
PRO CA  C    sing N N 263 
PRO CA  CB   sing N N 264 
PRO CA  HA   sing N N 265 
PRO C   O    doub N N 266 
PRO C   OXT  sing N N 267 
PRO CB  CG   sing N N 268 
PRO CB  HB2  sing N N 269 
PRO CB  HB3  sing N N 270 
PRO CG  CD   sing N N 271 
PRO CG  HG2  sing N N 272 
PRO CG  HG3  sing N N 273 
PRO CD  HD2  sing N N 274 
PRO CD  HD3  sing N N 275 
PRO OXT HXT  sing N N 276 
SER N   CA   sing N N 277 
SER N   H    sing N N 278 
SER N   H2   sing N N 279 
SER CA  C    sing N N 280 
SER CA  CB   sing N N 281 
SER CA  HA   sing N N 282 
SER C   O    doub N N 283 
SER C   OXT  sing N N 284 
SER CB  OG   sing N N 285 
SER CB  HB2  sing N N 286 
SER CB  HB3  sing N N 287 
SER OG  HG   sing N N 288 
SER OXT HXT  sing N N 289 
SO4 S   O1   doub N N 290 
SO4 S   O2   doub N N 291 
SO4 S   O3   sing N N 292 
SO4 S   O4   sing N N 293 
THR N   CA   sing N N 294 
THR N   H    sing N N 295 
THR N   H2   sing N N 296 
THR CA  C    sing N N 297 
THR CA  CB   sing N N 298 
THR CA  HA   sing N N 299 
THR C   O    doub N N 300 
THR C   OXT  sing N N 301 
THR CB  OG1  sing N N 302 
THR CB  CG2  sing N N 303 
THR CB  HB   sing N N 304 
THR OG1 HG1  sing N N 305 
THR CG2 HG21 sing N N 306 
THR CG2 HG22 sing N N 307 
THR CG2 HG23 sing N N 308 
THR OXT HXT  sing N N 309 
TRP N   CA   sing N N 310 
TRP N   H    sing N N 311 
TRP N   H2   sing N N 312 
TRP CA  C    sing N N 313 
TRP CA  CB   sing N N 314 
TRP CA  HA   sing N N 315 
TRP C   O    doub N N 316 
TRP C   OXT  sing N N 317 
TRP CB  CG   sing N N 318 
TRP CB  HB2  sing N N 319 
TRP CB  HB3  sing N N 320 
TRP CG  CD1  doub Y N 321 
TRP CG  CD2  sing Y N 322 
TRP CD1 NE1  sing Y N 323 
TRP CD1 HD1  sing N N 324 
TRP CD2 CE2  doub Y N 325 
TRP CD2 CE3  sing Y N 326 
TRP NE1 CE2  sing Y N 327 
TRP NE1 HE1  sing N N 328 
TRP CE2 CZ2  sing Y N 329 
TRP CE3 CZ3  doub Y N 330 
TRP CE3 HE3  sing N N 331 
TRP CZ2 CH2  doub Y N 332 
TRP CZ2 HZ2  sing N N 333 
TRP CZ3 CH2  sing Y N 334 
TRP CZ3 HZ3  sing N N 335 
TRP CH2 HH2  sing N N 336 
TRP OXT HXT  sing N N 337 
TYR N   CA   sing N N 338 
TYR N   H    sing N N 339 
TYR N   H2   sing N N 340 
TYR CA  C    sing N N 341 
TYR CA  CB   sing N N 342 
TYR CA  HA   sing N N 343 
TYR C   O    doub N N 344 
TYR C   OXT  sing N N 345 
TYR CB  CG   sing N N 346 
TYR CB  HB2  sing N N 347 
TYR CB  HB3  sing N N 348 
TYR CG  CD1  doub Y N 349 
TYR CG  CD2  sing Y N 350 
TYR CD1 CE1  sing Y N 351 
TYR CD1 HD1  sing N N 352 
TYR CD2 CE2  doub Y N 353 
TYR CD2 HD2  sing N N 354 
TYR CE1 CZ   doub Y N 355 
TYR CE1 HE1  sing N N 356 
TYR CE2 CZ   sing Y N 357 
TYR CE2 HE2  sing N N 358 
TYR CZ  OH   sing N N 359 
TYR OH  HH   sing N N 360 
TYR OXT HXT  sing N N 361 
VAL N   CA   sing N N 362 
VAL N   H    sing N N 363 
VAL N   H2   sing N N 364 
VAL CA  C    sing N N 365 
VAL CA  CB   sing N N 366 
VAL CA  HA   sing N N 367 
VAL C   O    doub N N 368 
VAL C   OXT  sing N N 369 
VAL CB  CG1  sing N N 370 
VAL CB  CG2  sing N N 371 
VAL CB  HB   sing N N 372 
VAL CG1 HG11 sing N N 373 
VAL CG1 HG12 sing N N 374 
VAL CG1 HG13 sing N N 375 
VAL CG2 HG21 sing N N 376 
VAL CG2 HG22 sing N N 377 
VAL CG2 HG23 sing N N 378 
VAL OXT HXT  sing N N 379 
# 
loop_
_pdbx_entity_nonpoly.entity_id 
_pdbx_entity_nonpoly.name 
_pdbx_entity_nonpoly.comp_id 
2 'SODIUM ION'  NA  
3 'SULFATE ION' SO4 
4 water         HOH 
# 
_pdbx_initial_refinement_model.id               1 
_pdbx_initial_refinement_model.entity_id_list   ? 
_pdbx_initial_refinement_model.type             'experimental model' 
_pdbx_initial_refinement_model.source_name      PDB 
_pdbx_initial_refinement_model.accession_code   1VMF 
_pdbx_initial_refinement_model.details          ? 
# 
